data_5JNF
#
_entry.id   5JNF
#
_cell.length_a   161.311
_cell.length_b   161.311
_cell.length_c   139.880
_cell.angle_alpha   90.000
_cell.angle_beta   90.000
_cell.angle_gamma   90.000
#
_symmetry.space_group_name_H-M   'P 41'
#
loop_
_entity.id
_entity.type
_entity.pdbx_description
1 polymer 'Linear gramicidin synthase subunit A'
2 non-polymer 'FORMIC ACID'
3 water water
#
_entity_poly.entity_id   1
_entity_poly.type   'polypeptide(L)'
_entity_poly.pdbx_seq_one_letter_code
;GAMGRILFLTTFMSKGNKVVRYLESLHHEVVICQEKVHAQSANLQEIDWIVSYAYGYILDKEIVSRFRGRIINLHPSLLP
WNKGRDPVFWSVWDETPKGVTIHLIDEHVDTGDILVQEEIAFADEDTLLDCYNKANQAIEELFIREWENIVHGRIAPYRQ
TAGGTLHFKADRDFYKNLNMTTVRELLALKRLCAEPKRGEKPIDKTFHQLFEQQVEMTPDHVAVVDRGQSLTYKQLNERA
NQLAHHLRGKGVKPDDQVAIMLDKSLDMIVSILAVMKAGGAYVPIDPDYPGERIAYMLADSSAAILLTNALHEEKANGAC
DIIDVHDPDSYSENTNNLPHVNRPDDLVYVMYTSGSTGLAKGVMIEHHNLVNFCEWYRPYFGVTPADKALVYSSFSFDGS
ALDIFTHLLAGAALHIVPSERKYDLDALNDYCNQEGITISYLPTGAAEQFMQMDNQSFRVVITGGDVLKKIERNGTYKLY
NGYGPTECTIMVTMFEVDKPYANIPIGKPIDRTRILILDEALALQPIGVAGELFIVGEGLGRGYLNRPELTAEKFIVHPQ
TGERMYRTGDRARFLPDGNIEFLGRLD
;
_entity_poly.pdbx_strand_id   C,A,B,D
#
loop_
_chem_comp.id
_chem_comp.type
_chem_comp.name
_chem_comp.formula
FMT non-polymer 'FORMIC ACID' 'C H2 O2'
#
# COMPACT_ATOMS: atom_id res chain seq x y z
N MET A 3 40.04 6.19 10.87
CA MET A 3 39.69 7.50 11.52
C MET A 3 38.33 7.44 12.21
N GLY A 4 37.34 6.87 11.52
CA GLY A 4 36.02 6.74 12.09
C GLY A 4 35.20 5.72 11.33
N ARG A 5 34.26 5.11 12.05
CA ARG A 5 33.37 4.09 11.48
C ARG A 5 32.07 4.75 11.04
N ILE A 6 31.72 4.58 9.77
CA ILE A 6 30.55 5.23 9.16
C ILE A 6 29.51 4.18 8.82
N LEU A 7 28.26 4.47 9.15
CA LEU A 7 27.14 3.61 8.80
C LEU A 7 26.43 4.19 7.58
N PHE A 8 26.42 3.44 6.49
CA PHE A 8 25.83 3.87 5.22
C PHE A 8 24.51 3.15 5.03
N LEU A 9 23.41 3.91 5.08
CA LEU A 9 22.06 3.37 5.00
C LEU A 9 21.47 3.66 3.63
N THR A 10 21.05 2.63 2.94
CA THR A 10 20.45 2.76 1.62
C THR A 10 19.68 1.49 1.28
N THR A 11 18.67 1.64 0.44
CA THR A 11 17.92 0.51 -0.09
C THR A 11 17.98 0.41 -1.61
N PHE A 12 18.11 1.53 -2.32
CA PHE A 12 18.17 1.54 -3.77
C PHE A 12 19.58 1.57 -4.31
N MET A 13 20.50 2.29 -3.67
CA MET A 13 21.85 2.45 -4.19
C MET A 13 22.65 1.17 -4.03
N SER A 14 23.63 0.98 -4.90
CA SER A 14 24.48 -0.20 -4.87
C SER A 14 25.37 -0.16 -3.63
N LYS A 15 26.33 -1.08 -3.59
CA LYS A 15 27.27 -1.17 -2.49
C LYS A 15 28.62 -0.51 -2.79
N GLY A 16 28.83 -0.06 -4.02
CA GLY A 16 30.10 0.51 -4.42
C GLY A 16 29.99 1.90 -5.02
N ASN A 17 29.10 2.71 -4.46
CA ASN A 17 28.94 4.09 -4.90
C ASN A 17 30.25 4.84 -4.78
N LYS A 18 30.35 5.95 -5.52
CA LYS A 18 31.50 6.83 -5.36
C LYS A 18 31.59 7.34 -3.94
N VAL A 19 30.45 7.47 -3.26
CA VAL A 19 30.44 7.94 -1.89
C VAL A 19 31.14 6.96 -0.97
N VAL A 20 30.72 5.69 -1.03
CA VAL A 20 31.30 4.67 -0.16
C VAL A 20 32.79 4.53 -0.42
N ARG A 21 33.18 4.49 -1.69
CA ARG A 21 34.59 4.27 -2.01
C ARG A 21 35.43 5.49 -1.64
N TYR A 22 34.88 6.70 -1.76
CA TYR A 22 35.62 7.88 -1.34
C TYR A 22 35.86 7.86 0.16
N LEU A 23 34.83 7.51 0.94
CA LEU A 23 35.00 7.43 2.39
C LEU A 23 36.02 6.35 2.75
N GLU A 24 35.96 5.20 2.06
CA GLU A 24 36.94 4.16 2.31
C GLU A 24 38.35 4.64 1.99
N SER A 25 38.50 5.41 0.91
CA SER A 25 39.81 5.94 0.56
C SER A 25 40.33 6.85 1.67
N LEU A 26 39.43 7.51 2.40
CA LEU A 26 39.84 8.27 3.56
C LEU A 26 40.03 7.38 4.78
N HIS A 27 40.10 6.06 4.59
CA HIS A 27 40.41 5.14 5.67
C HIS A 27 39.28 5.06 6.70
N HIS A 28 38.04 5.13 6.23
CA HIS A 28 36.87 4.88 7.06
C HIS A 28 36.35 3.47 6.79
N GLU A 29 36.01 2.75 7.85
CA GLU A 29 35.27 1.49 7.70
C GLU A 29 33.81 1.82 7.48
N VAL A 30 33.31 1.55 6.28
CA VAL A 30 31.95 1.88 5.91
C VAL A 30 31.11 0.62 6.06
N VAL A 31 30.21 0.62 7.03
CA VAL A 31 29.24 -0.45 7.21
C VAL A 31 28.03 -0.13 6.35
N ILE A 32 27.63 -1.06 5.50
CA ILE A 32 26.51 -0.87 4.60
C ILE A 32 25.35 -1.73 5.10
N CYS A 33 24.17 -1.12 5.16
CA CYS A 33 22.96 -1.74 5.67
C CYS A 33 21.78 -1.29 4.84
N GLN A 34 20.91 -2.23 4.48
CA GLN A 34 19.79 -1.92 3.61
C GLN A 34 18.46 -2.33 4.22
N GLU A 35 18.39 -2.44 5.55
CA GLU A 35 17.18 -2.84 6.25
C GLU A 35 16.88 -1.84 7.34
N LYS A 36 15.65 -1.88 7.85
CA LYS A 36 15.30 -1.10 9.02
C LYS A 36 16.00 -1.67 10.24
N VAL A 37 16.55 -0.79 11.07
CA VAL A 37 17.37 -1.18 12.20
C VAL A 37 16.81 -0.56 13.47
N HIS A 38 17.13 -1.18 14.59
CA HIS A 38 16.72 -0.69 15.90
C HIS A 38 17.97 -0.34 16.72
N ALA A 39 17.73 0.17 17.93
CA ALA A 39 18.83 0.60 18.78
C ALA A 39 19.80 -0.55 19.07
N GLN A 40 19.27 -1.75 19.29
CA GLN A 40 20.08 -2.90 19.65
C GLN A 40 20.95 -3.40 18.51
N SER A 41 20.70 -2.95 17.29
CA SER A 41 21.36 -3.50 16.12
C SER A 41 22.88 -3.43 16.23
N ALA A 42 23.55 -4.53 15.87
CA ALA A 42 25.00 -4.55 15.79
C ALA A 42 25.55 -3.60 14.74
N ASN A 43 24.69 -3.07 13.86
CA ASN A 43 25.12 -2.09 12.87
C ASN A 43 25.34 -0.71 13.46
N LEU A 44 24.92 -0.48 14.71
CA LEU A 44 25.04 0.82 15.36
C LEU A 44 26.15 0.85 16.40
N GLN A 45 26.95 -0.21 16.51
CA GLN A 45 28.01 -0.29 17.50
C GLN A 45 29.22 0.51 17.04
N GLU A 46 29.63 1.47 17.86
CA GLU A 46 30.81 2.30 17.59
C GLU A 46 30.73 2.87 16.18
N ILE A 47 29.68 3.67 15.95
CA ILE A 47 29.49 4.41 14.72
C ILE A 47 29.73 5.87 15.00
N ASP A 48 30.48 6.53 14.13
CA ASP A 48 30.72 7.97 14.26
C ASP A 48 29.76 8.80 13.43
N TRP A 49 29.57 8.44 12.16
CA TRP A 49 28.67 9.17 11.29
C TRP A 49 27.72 8.20 10.61
N ILE A 50 26.47 8.62 10.48
CA ILE A 50 25.48 7.93 9.66
C ILE A 50 25.27 8.74 8.41
N VAL A 51 25.39 8.10 7.25
CA VAL A 51 25.19 8.73 5.95
C VAL A 51 24.10 7.95 5.24
N SER A 52 22.95 8.58 5.04
CA SER A 52 21.83 7.95 4.35
C SER A 52 21.73 8.47 2.92
N TYR A 53 21.28 7.60 2.02
CA TYR A 53 21.24 7.93 0.60
C TYR A 53 20.17 7.02 -0.03
N ALA A 54 18.99 7.59 -0.27
CA ALA A 54 17.88 6.83 -0.83
C ALA A 54 17.51 5.65 0.06
N TYR A 55 17.50 5.89 1.37
CA TYR A 55 17.20 4.86 2.36
C TYR A 55 15.69 4.82 2.59
N GLY A 56 15.06 3.71 2.22
CA GLY A 56 13.62 3.64 2.20
C GLY A 56 12.96 3.28 3.52
N TYR A 57 13.56 3.69 4.63
CA TYR A 57 12.99 3.42 5.94
C TYR A 57 13.24 4.60 6.86
N ILE A 58 12.42 4.69 7.91
CA ILE A 58 12.47 5.77 8.88
C ILE A 58 13.25 5.30 10.10
N LEU A 59 14.26 6.07 10.50
CA LEU A 59 15.00 5.77 11.71
C LEU A 59 14.15 6.10 12.93
N ASP A 60 14.26 5.25 13.96
CA ASP A 60 13.52 5.50 15.19
C ASP A 60 13.98 6.78 15.86
N LYS A 61 13.06 7.45 16.56
CA LYS A 61 13.41 8.70 17.21
C LYS A 61 14.53 8.48 18.23
N GLU A 62 14.63 7.26 18.76
CA GLU A 62 15.71 6.94 19.67
C GLU A 62 17.08 7.04 18.99
N ILE A 63 17.15 6.65 17.72
CA ILE A 63 18.42 6.69 17.00
C ILE A 63 18.73 8.11 16.53
N VAL A 64 17.71 8.88 16.13
CA VAL A 64 17.96 10.23 15.65
C VAL A 64 18.48 11.11 16.78
N SER A 65 18.10 10.83 18.02
CA SER A 65 18.58 11.62 19.14
C SER A 65 20.01 11.26 19.51
N ARG A 66 20.32 9.96 19.57
CA ARG A 66 21.66 9.53 19.95
C ARG A 66 22.70 10.06 18.96
N PHE A 67 22.35 10.08 17.68
CA PHE A 67 23.25 10.55 16.63
C PHE A 67 22.90 11.95 16.14
N ARG A 68 22.20 12.74 16.96
CA ARG A 68 21.85 14.10 16.57
C ARG A 68 23.09 14.86 16.12
N GLY A 69 22.94 15.57 15.01
CA GLY A 69 24.06 16.28 14.41
C GLY A 69 25.06 15.39 13.71
N ARG A 70 24.82 14.09 13.64
CA ARG A 70 25.73 13.17 12.95
C ARG A 70 25.02 12.26 11.95
N ILE A 71 23.76 12.55 11.60
CA ILE A 71 23.04 11.81 10.56
C ILE A 71 22.93 12.73 9.35
N ILE A 72 23.64 12.37 8.29
CA ILE A 72 23.68 13.14 7.04
C ILE A 72 22.89 12.38 5.99
N ASN A 73 22.12 13.11 5.18
CA ASN A 73 21.29 12.52 4.14
C ASN A 73 21.57 13.14 2.78
N LEU A 74 21.63 12.30 1.75
CA LEU A 74 21.80 12.76 0.38
C LEU A 74 20.46 12.64 -0.31
N HIS A 75 19.83 13.78 -0.58
CA HIS A 75 18.49 13.81 -1.17
C HIS A 75 18.55 14.56 -2.49
N PRO A 76 18.36 13.88 -3.67
CA PRO A 76 18.51 14.56 -4.97
C PRO A 76 17.30 15.40 -5.36
N SER A 77 17.01 16.41 -4.54
CA SER A 77 15.99 17.42 -4.86
C SER A 77 16.47 18.73 -4.27
N LEU A 78 15.82 19.82 -4.67
CA LEU A 78 16.13 21.13 -4.13
C LEU A 78 15.14 21.43 -3.00
N LEU A 79 15.40 20.84 -1.85
CA LEU A 79 14.54 20.99 -0.68
C LEU A 79 14.24 22.47 -0.46
N PRO A 80 13.02 22.80 0.01
CA PRO A 80 11.94 21.89 0.44
C PRO A 80 11.15 21.28 -0.71
N TRP A 81 11.60 21.50 -1.94
CA TRP A 81 10.91 20.96 -3.10
C TRP A 81 11.12 19.47 -3.23
N ASN A 82 10.03 18.73 -3.38
CA ASN A 82 10.06 17.29 -3.65
C ASN A 82 10.71 16.54 -2.49
N LYS A 83 10.13 16.72 -1.30
CA LYS A 83 10.45 15.84 -0.19
C LYS A 83 9.85 14.47 -0.44
N GLY A 84 10.45 13.45 0.16
CA GLY A 84 9.92 12.11 0.08
C GLY A 84 10.44 11.28 -1.08
N ARG A 85 9.55 10.54 -1.73
CA ARG A 85 9.95 9.51 -2.68
C ARG A 85 9.87 10.02 -4.12
N ASP A 86 10.70 9.44 -4.97
CA ASP A 86 10.75 9.77 -6.39
C ASP A 86 10.93 11.27 -6.61
N PRO A 87 11.88 11.90 -5.92
CA PRO A 87 12.00 13.36 -6.02
C PRO A 87 12.27 13.87 -7.43
N VAL A 88 13.20 13.25 -8.15
CA VAL A 88 13.56 13.77 -9.47
C VAL A 88 12.36 13.74 -10.41
N PHE A 89 11.58 12.65 -10.37
CA PHE A 89 10.40 12.56 -11.22
C PHE A 89 9.44 13.71 -10.95
N TRP A 90 9.10 13.93 -9.67
CA TRP A 90 8.17 14.99 -9.34
C TRP A 90 8.78 16.36 -9.59
N SER A 91 10.11 16.46 -9.56
CA SER A 91 10.75 17.71 -9.94
C SER A 91 10.43 18.06 -11.39
N VAL A 92 10.37 17.05 -12.25
CA VAL A 92 10.06 17.29 -13.65
C VAL A 92 8.56 17.47 -13.85
N TRP A 93 7.76 16.55 -13.31
CA TRP A 93 6.32 16.59 -13.52
C TRP A 93 5.71 17.86 -12.90
N ASP A 94 5.91 18.06 -11.61
CA ASP A 94 5.40 19.27 -10.96
C ASP A 94 6.15 20.52 -11.36
N GLU A 95 7.21 20.41 -12.16
CA GLU A 95 7.91 21.58 -12.69
C GLU A 95 8.40 22.49 -11.57
N THR A 96 9.08 21.90 -10.60
CA THR A 96 9.66 22.63 -9.49
C THR A 96 11.10 22.98 -9.78
N PRO A 97 11.70 23.86 -8.98
CA PRO A 97 13.15 24.07 -9.09
C PRO A 97 13.89 22.75 -8.90
N LYS A 98 14.96 22.57 -9.66
CA LYS A 98 15.68 21.31 -9.71
C LYS A 98 17.03 21.45 -9.01
N GLY A 99 17.41 20.43 -8.25
CA GLY A 99 18.68 20.47 -7.56
C GLY A 99 18.89 19.25 -6.68
N VAL A 100 19.96 19.31 -5.88
CA VAL A 100 20.35 18.22 -5.00
C VAL A 100 20.78 18.82 -3.67
N THR A 101 20.44 18.14 -2.57
CA THR A 101 20.63 18.69 -1.23
C THR A 101 21.21 17.64 -0.30
N ILE A 102 22.23 18.05 0.46
CA ILE A 102 22.75 17.28 1.59
C ILE A 102 22.32 18.00 2.85
N HIS A 103 21.64 17.30 3.75
CA HIS A 103 21.01 17.94 4.89
C HIS A 103 21.06 17.04 6.12
N LEU A 104 20.72 17.62 7.26
CA LEU A 104 20.59 16.87 8.50
C LEU A 104 19.22 16.20 8.54
N ILE A 105 19.06 15.28 9.48
CA ILE A 105 17.83 14.51 9.61
C ILE A 105 17.05 15.06 10.80
N ASP A 106 15.77 15.36 10.59
CA ASP A 106 14.87 15.81 11.63
C ASP A 106 14.07 14.62 12.12
N GLU A 107 13.00 14.88 12.87
CA GLU A 107 12.10 13.81 13.26
C GLU A 107 10.97 13.66 12.25
N HIS A 108 11.10 14.32 11.09
CA HIS A 108 10.11 14.25 10.04
C HIS A 108 10.80 13.96 8.71
N VAL A 109 10.05 13.98 7.62
CA VAL A 109 10.54 13.50 6.32
C VAL A 109 11.24 14.65 5.60
N ASP A 110 12.57 14.63 5.62
CA ASP A 110 13.39 15.51 4.77
C ASP A 110 13.12 16.98 5.06
N THR A 111 12.95 17.32 6.34
CA THR A 111 12.73 18.69 6.75
C THR A 111 13.87 19.26 7.58
N GLY A 112 14.91 18.47 7.85
CA GLY A 112 16.02 18.94 8.65
C GLY A 112 16.80 20.05 7.95
N ASP A 113 17.63 20.72 8.74
CA ASP A 113 18.38 21.85 8.23
C ASP A 113 19.38 21.42 7.17
N ILE A 114 19.61 22.30 6.20
CA ILE A 114 20.50 22.03 5.08
C ILE A 114 21.95 22.25 5.50
N LEU A 115 22.84 21.44 4.95
CA LEU A 115 24.28 21.66 5.07
C LEU A 115 24.84 22.29 3.80
N VAL A 116 24.65 21.64 2.65
CA VAL A 116 25.05 22.19 1.36
C VAL A 116 24.01 21.81 0.33
N GLN A 117 23.93 22.62 -0.73
CA GLN A 117 22.88 22.49 -1.73
C GLN A 117 23.33 23.16 -3.02
N GLU A 118 22.92 22.59 -4.16
CA GLU A 118 23.30 23.16 -5.44
C GLU A 118 22.24 22.83 -6.49
N GLU A 119 22.13 23.69 -7.49
CA GLU A 119 21.15 23.52 -8.56
C GLU A 119 21.66 22.58 -9.65
N ILE A 120 20.74 21.82 -10.23
CA ILE A 120 21.02 20.92 -11.34
C ILE A 120 20.09 21.28 -12.49
N ALA A 121 20.48 20.87 -13.69
CA ALA A 121 19.73 21.16 -14.90
C ALA A 121 19.49 19.87 -15.67
N PHE A 122 18.24 19.65 -16.07
CA PHE A 122 17.87 18.52 -16.93
C PHE A 122 17.57 19.04 -18.31
N ALA A 123 18.07 18.34 -19.33
CA ALA A 123 17.79 18.71 -20.71
C ALA A 123 16.40 18.25 -21.11
N ASP A 124 15.82 18.97 -22.07
CA ASP A 124 14.48 18.62 -22.55
C ASP A 124 14.45 17.25 -23.20
N GLU A 125 15.60 16.73 -23.60
CA GLU A 125 15.68 15.45 -24.28
C GLU A 125 16.07 14.29 -23.37
N ASP A 126 16.48 14.56 -22.13
CA ASP A 126 16.90 13.48 -21.25
C ASP A 126 15.70 12.66 -20.79
N THR A 127 15.89 11.35 -20.67
CA THR A 127 14.86 10.51 -20.09
C THR A 127 14.86 10.68 -18.57
N LEU A 128 13.73 10.32 -17.95
CA LEU A 128 13.65 10.40 -16.50
C LEU A 128 14.66 9.47 -15.84
N LEU A 129 15.04 8.38 -16.51
CA LEU A 129 16.16 7.59 -16.03
C LEU A 129 17.46 8.37 -16.13
N ASP A 130 17.64 9.10 -17.24
CA ASP A 130 18.80 9.96 -17.39
C ASP A 130 18.82 11.03 -16.30
N CYS A 131 17.68 11.63 -16.01
CA CYS A 131 17.60 12.63 -14.94
C CYS A 131 17.92 12.01 -13.59
N TYR A 132 17.41 10.80 -13.34
CA TYR A 132 17.74 10.09 -12.11
C TYR A 132 19.24 9.86 -11.98
N ASN A 133 19.91 9.48 -13.08
CA ASN A 133 21.34 9.23 -13.01
C ASN A 133 22.14 10.53 -12.92
N LYS A 134 21.72 11.56 -13.66
CA LYS A 134 22.43 12.84 -13.58
C LYS A 134 22.30 13.44 -12.19
N ALA A 135 21.14 13.26 -11.55
CA ALA A 135 20.95 13.79 -10.21
C ALA A 135 21.84 13.06 -9.21
N ASN A 136 21.82 11.72 -9.24
CA ASN A 136 22.64 10.97 -8.30
C ASN A 136 24.12 11.26 -8.47
N GLN A 137 24.61 11.35 -9.71
CA GLN A 137 26.00 11.71 -9.92
C GLN A 137 26.31 13.08 -9.33
N ALA A 138 25.42 14.06 -9.55
CA ALA A 138 25.70 15.41 -9.09
C ALA A 138 25.80 15.47 -7.57
N ILE A 139 24.88 14.79 -6.87
CA ILE A 139 24.89 14.83 -5.41
C ILE A 139 26.10 14.08 -4.86
N GLU A 140 26.48 12.99 -5.53
CA GLU A 140 27.64 12.22 -5.09
C GLU A 140 28.92 13.05 -5.21
N GLU A 141 29.12 13.70 -6.37
CA GLU A 141 30.27 14.58 -6.52
C GLU A 141 30.24 15.68 -5.47
N LEU A 142 29.05 16.20 -5.17
CA LEU A 142 28.94 17.25 -4.17
C LEU A 142 29.35 16.74 -2.79
N PHE A 143 28.89 15.54 -2.42
CA PHE A 143 29.27 14.97 -1.14
C PHE A 143 30.79 14.83 -1.04
N ILE A 144 31.41 14.34 -2.11
CA ILE A 144 32.86 14.18 -2.11
C ILE A 144 33.55 15.53 -1.95
N ARG A 145 33.02 16.56 -2.60
CA ARG A 145 33.63 17.89 -2.50
C ARG A 145 33.50 18.46 -1.09
N GLU A 146 32.34 18.30 -0.47
CA GLU A 146 32.03 19.00 0.78
C GLU A 146 32.14 18.11 2.02
N TRP A 147 32.55 16.85 1.88
CA TRP A 147 32.59 15.96 3.04
C TRP A 147 33.54 16.49 4.11
N GLU A 148 34.74 16.92 3.70
CA GLU A 148 35.70 17.43 4.67
C GLU A 148 35.10 18.58 5.47
N ASN A 149 34.40 19.51 4.81
CA ASN A 149 33.78 20.59 5.55
C ASN A 149 32.70 20.08 6.51
N ILE A 150 32.06 18.95 6.19
CA ILE A 150 31.01 18.43 7.05
C ILE A 150 31.62 17.74 8.27
N VAL A 151 32.69 16.96 8.07
CA VAL A 151 33.33 16.28 9.18
C VAL A 151 33.73 17.27 10.25
N HIS A 152 34.56 18.25 9.88
CA HIS A 152 35.07 19.20 10.86
C HIS A 152 34.00 20.17 11.35
N GLY A 153 32.77 20.06 10.88
CA GLY A 153 31.68 20.85 11.39
C GLY A 153 31.84 22.35 11.18
N ARG A 154 32.42 22.75 10.05
CA ARG A 154 32.63 24.16 9.77
C ARG A 154 31.53 24.76 8.90
N ILE A 155 30.55 23.98 8.48
CA ILE A 155 29.41 24.49 7.71
C ILE A 155 28.32 24.92 8.67
N ALA A 156 27.73 26.09 8.40
CA ALA A 156 26.66 26.63 9.22
C ALA A 156 25.32 26.14 8.65
N PRO A 157 24.63 25.22 9.30
CA PRO A 157 23.37 24.71 8.75
C PRO A 157 22.29 25.78 8.79
N TYR A 158 21.56 25.92 7.68
CA TYR A 158 20.46 26.86 7.58
C TYR A 158 19.14 26.13 7.40
N ARG A 159 18.09 26.65 8.02
CA ARG A 159 16.78 26.03 7.95
C ARG A 159 16.21 26.13 6.55
N GLN A 160 15.44 25.13 6.16
CA GLN A 160 14.88 25.10 4.81
C GLN A 160 13.90 26.24 4.62
N THR A 161 13.85 26.74 3.38
CA THR A 161 12.81 27.68 3.00
C THR A 161 11.44 27.11 3.34
N ALA A 162 10.50 27.98 3.65
CA ALA A 162 9.15 27.55 3.94
C ALA A 162 8.48 27.01 2.69
N GLY A 163 7.55 26.08 2.87
CA GLY A 163 6.86 25.57 1.70
C GLY A 163 7.54 24.35 1.13
N GLY A 164 7.27 24.07 -0.12
CA GLY A 164 7.81 22.91 -0.81
C GLY A 164 6.68 21.98 -1.20
N THR A 165 7.06 20.77 -1.57
CA THR A 165 6.12 19.72 -1.86
C THR A 165 6.59 18.43 -1.20
N LEU A 166 5.68 17.47 -1.12
CA LEU A 166 5.95 16.18 -0.51
C LEU A 166 5.23 15.10 -1.30
N HIS A 167 5.90 13.98 -1.49
CA HIS A 167 5.32 12.86 -2.23
C HIS A 167 5.62 11.56 -1.51
N PHE A 168 4.66 10.63 -1.56
CA PHE A 168 4.79 9.35 -0.89
C PHE A 168 5.09 8.24 -1.90
N LYS A 169 5.36 7.05 -1.37
CA LYS A 169 5.83 5.95 -2.18
C LYS A 169 4.87 5.61 -3.31
N ALA A 170 3.56 5.65 -3.02
CA ALA A 170 2.55 5.20 -3.97
C ALA A 170 2.09 6.28 -4.94
N ASP A 171 2.48 7.54 -4.73
CA ASP A 171 2.01 8.62 -5.58
C ASP A 171 2.42 8.43 -7.05
N ARG A 172 3.40 7.59 -7.32
CA ARG A 172 3.87 7.39 -8.69
C ARG A 172 3.27 6.14 -9.35
N ASP A 173 2.40 5.40 -8.65
CA ASP A 173 1.82 4.19 -9.24
C ASP A 173 1.12 4.49 -10.56
N PHE A 174 0.34 5.57 -10.59
CA PHE A 174 -0.41 5.95 -11.78
C PHE A 174 0.50 6.29 -12.95
N TYR A 175 1.77 6.57 -12.68
CA TYR A 175 2.72 7.02 -13.70
C TYR A 175 3.82 5.99 -13.94
N LYS A 176 3.55 4.72 -13.65
CA LYS A 176 4.60 3.71 -13.61
C LYS A 176 5.21 3.42 -14.98
N ASN A 177 4.49 3.70 -16.07
CA ASN A 177 4.94 3.38 -17.41
C ASN A 177 5.77 4.49 -18.05
N LEU A 178 6.07 5.56 -17.31
CA LEU A 178 6.67 6.75 -17.88
C LEU A 178 8.17 6.84 -17.64
N ASN A 179 8.81 5.77 -17.17
CA ASN A 179 10.20 5.86 -16.73
C ASN A 179 11.14 6.23 -17.88
N MET A 180 10.88 5.70 -19.07
CA MET A 180 11.77 5.94 -20.20
C MET A 180 11.29 7.06 -21.11
N THR A 181 10.27 7.82 -20.69
CA THR A 181 9.85 8.96 -21.48
C THR A 181 10.83 10.11 -21.31
N THR A 182 10.81 11.00 -22.27
CA THR A 182 11.65 12.20 -22.26
C THR A 182 10.96 13.31 -21.48
N VAL A 183 11.77 14.26 -21.00
CA VAL A 183 11.22 15.41 -20.29
C VAL A 183 10.13 16.07 -21.13
N ARG A 184 10.45 16.33 -22.40
CA ARG A 184 9.47 16.82 -23.36
C ARG A 184 8.23 15.93 -23.35
N GLU A 185 8.40 14.67 -23.77
CA GLU A 185 7.26 13.75 -23.85
C GLU A 185 6.45 13.75 -22.56
N LEU A 186 7.14 13.86 -21.41
CA LEU A 186 6.44 13.81 -20.13
C LEU A 186 5.60 15.05 -19.90
N LEU A 187 6.18 16.22 -20.14
CA LEU A 187 5.43 17.46 -19.94
C LEU A 187 4.27 17.57 -20.91
N ALA A 188 4.44 17.06 -22.13
CA ALA A 188 3.32 17.04 -23.06
C ALA A 188 2.18 16.18 -22.51
N LEU A 189 2.51 15.00 -21.96
CA LEU A 189 1.49 14.15 -21.36
C LEU A 189 0.77 14.87 -20.23
N LYS A 190 1.49 15.69 -19.46
CA LYS A 190 0.86 16.47 -18.40
C LYS A 190 -0.19 17.41 -18.98
N ARG A 191 0.21 18.22 -19.95
CA ARG A 191 -0.69 19.20 -20.55
C ARG A 191 -1.93 18.55 -21.13
N LEU A 192 -1.82 17.31 -21.63
CA LEU A 192 -2.98 16.66 -22.24
C LEU A 192 -3.90 16.03 -21.21
N CYS A 193 -3.33 15.49 -20.13
CA CYS A 193 -4.09 14.67 -19.20
C CYS A 193 -4.11 15.20 -17.78
N ALA A 194 -3.46 16.33 -17.51
CA ALA A 194 -3.42 16.84 -16.15
C ALA A 194 -4.78 17.38 -15.74
N GLU A 195 -5.03 17.36 -14.43
CA GLU A 195 -6.28 17.82 -13.84
C GLU A 195 -6.61 19.22 -14.33
N PRO A 196 -7.87 19.64 -14.24
CA PRO A 196 -8.21 21.01 -14.65
C PRO A 196 -7.63 22.04 -13.71
N LYS A 197 -7.22 23.18 -14.26
CA LYS A 197 -6.69 24.26 -13.47
C LYS A 197 -7.77 24.85 -12.58
N ARG A 198 -7.34 25.57 -11.54
CA ARG A 198 -8.28 26.21 -10.63
C ARG A 198 -9.18 27.18 -11.39
N GLY A 199 -10.26 27.60 -10.71
CA GLY A 199 -11.12 28.67 -11.17
C GLY A 199 -12.46 28.21 -11.71
N GLU A 200 -12.52 27.01 -12.27
CA GLU A 200 -13.76 26.56 -12.90
C GLU A 200 -14.87 26.42 -11.86
N LYS A 201 -16.11 26.66 -12.30
CA LYS A 201 -17.28 26.56 -11.47
C LYS A 201 -18.27 25.58 -12.09
N PRO A 202 -19.13 24.96 -11.29
CA PRO A 202 -20.11 24.02 -11.86
C PRO A 202 -21.07 24.72 -12.81
N ILE A 203 -21.51 23.98 -13.83
CA ILE A 203 -22.55 24.50 -14.72
C ILE A 203 -23.81 24.75 -13.93
N ASP A 204 -24.43 25.91 -14.15
CA ASP A 204 -25.52 26.40 -13.31
C ASP A 204 -26.79 26.67 -14.11
N LYS A 205 -26.94 26.06 -15.29
CA LYS A 205 -28.08 26.33 -16.15
C LYS A 205 -28.62 25.03 -16.71
N THR A 206 -29.95 24.95 -16.81
CA THR A 206 -30.59 23.88 -17.56
C THR A 206 -30.78 24.31 -19.01
N PHE A 207 -31.12 23.34 -19.87
CA PHE A 207 -31.27 23.67 -21.28
C PHE A 207 -32.44 24.60 -21.51
N HIS A 208 -33.61 24.26 -21.00
CA HIS A 208 -34.77 25.11 -21.22
C HIS A 208 -34.59 26.50 -20.60
N GLN A 209 -33.72 26.64 -19.61
CA GLN A 209 -33.35 27.98 -19.15
C GLN A 209 -32.65 28.75 -20.27
N LEU A 210 -31.63 28.14 -20.85
CA LEU A 210 -30.89 28.81 -21.92
C LEU A 210 -31.75 29.01 -23.16
N PHE A 211 -32.69 28.10 -23.40
CA PHE A 211 -33.58 28.25 -24.55
C PHE A 211 -34.53 29.42 -24.34
N GLU A 212 -35.23 29.45 -23.21
CA GLU A 212 -36.09 30.58 -22.90
C GLU A 212 -35.33 31.89 -22.98
N GLN A 213 -34.04 31.88 -22.62
CA GLN A 213 -33.21 33.07 -22.82
C GLN A 213 -33.10 33.43 -24.29
N GLN A 214 -32.77 32.43 -25.13
CA GLN A 214 -32.58 32.70 -26.55
C GLN A 214 -33.87 33.19 -27.20
N VAL A 215 -35.03 32.81 -26.65
CA VAL A 215 -36.29 33.26 -27.21
C VAL A 215 -36.45 34.76 -27.06
N GLU A 216 -36.13 35.29 -25.88
CA GLU A 216 -36.27 36.72 -25.64
C GLU A 216 -35.29 37.55 -26.46
N MET A 217 -34.23 36.94 -27.00
CA MET A 217 -33.26 37.67 -27.81
C MET A 217 -33.55 37.62 -29.30
N THR A 218 -34.11 36.52 -29.81
CA THR A 218 -34.50 36.39 -31.21
C THR A 218 -35.90 35.79 -31.26
N PRO A 219 -36.90 36.52 -30.77
CA PRO A 219 -38.25 35.93 -30.67
C PRO A 219 -38.92 35.70 -32.02
N ASP A 220 -38.67 36.55 -33.00
CA ASP A 220 -39.35 36.45 -34.28
C ASP A 220 -38.53 35.71 -35.34
N HIS A 221 -37.36 35.22 -34.96
CA HIS A 221 -36.53 34.43 -35.87
C HIS A 221 -37.10 33.04 -36.01
N VAL A 222 -36.88 32.43 -37.19
CA VAL A 222 -37.40 31.09 -37.44
C VAL A 222 -36.67 30.09 -36.56
N ALA A 223 -37.45 29.21 -35.91
CA ALA A 223 -36.89 28.17 -35.04
C ALA A 223 -36.83 26.83 -35.75
N VAL A 224 -37.98 26.33 -36.22
CA VAL A 224 -38.05 25.02 -36.86
C VAL A 224 -39.01 25.11 -38.04
N VAL A 225 -38.66 24.42 -39.12
CA VAL A 225 -39.43 24.41 -40.35
C VAL A 225 -39.67 22.97 -40.77
N ASP A 226 -40.91 22.66 -41.15
CA ASP A 226 -41.24 21.36 -41.71
C ASP A 226 -42.01 21.64 -42.98
N ARG A 227 -41.37 21.41 -44.13
CA ARG A 227 -42.02 21.58 -45.41
C ARG A 227 -42.42 23.03 -45.64
N GLY A 228 -43.70 23.35 -45.55
CA GLY A 228 -44.15 24.71 -45.75
C GLY A 228 -44.45 25.44 -44.46
N GLN A 229 -44.65 24.70 -43.37
CA GLN A 229 -44.97 25.32 -42.09
C GLN A 229 -43.69 25.65 -41.32
N SER A 230 -43.82 26.61 -40.40
CA SER A 230 -42.68 27.06 -39.61
C SER A 230 -43.18 27.68 -38.32
N LEU A 231 -42.35 27.62 -37.29
CA LEU A 231 -42.60 28.29 -36.02
C LEU A 231 -41.42 29.18 -35.69
N THR A 232 -41.72 30.33 -35.10
CA THR A 232 -40.68 31.21 -34.58
C THR A 232 -40.29 30.75 -33.17
N TYR A 233 -39.18 31.30 -32.68
CA TYR A 233 -38.76 30.98 -31.31
C TYR A 233 -39.87 31.31 -30.32
N LYS A 234 -40.52 32.47 -30.50
CA LYS A 234 -41.62 32.85 -29.63
C LYS A 234 -42.82 31.94 -29.82
N GLN A 235 -43.17 31.62 -31.07
CA GLN A 235 -44.29 30.72 -31.33
C GLN A 235 -43.99 29.33 -30.77
N LEU A 236 -42.78 28.81 -31.04
CA LEU A 236 -42.40 27.51 -30.51
C LEU A 236 -42.41 27.53 -28.98
N ASN A 237 -41.86 28.59 -28.38
CA ASN A 237 -41.78 28.67 -26.93
C ASN A 237 -43.16 28.71 -26.29
N GLU A 238 -44.07 29.51 -26.85
CA GLU A 238 -45.40 29.63 -26.25
C GLU A 238 -46.15 28.31 -26.36
N ARG A 239 -46.06 27.63 -27.50
CA ARG A 239 -46.76 26.36 -27.66
C ARG A 239 -46.17 25.30 -26.74
N ALA A 240 -44.84 25.24 -26.64
CA ALA A 240 -44.21 24.32 -25.69
C ALA A 240 -44.66 24.61 -24.27
N ASN A 241 -44.79 25.89 -23.91
CA ASN A 241 -45.28 26.25 -22.58
C ASN A 241 -46.69 25.74 -22.37
N GLN A 242 -47.57 25.93 -23.35
CA GLN A 242 -48.96 25.50 -23.22
C GLN A 242 -49.03 24.00 -22.93
N LEU A 243 -48.22 23.21 -23.62
CA LEU A 243 -48.23 21.77 -23.38
C LEU A 243 -47.53 21.44 -22.06
N ALA A 244 -46.47 22.18 -21.72
CA ALA A 244 -45.79 21.94 -20.46
C ALA A 244 -46.71 22.15 -19.27
N HIS A 245 -47.51 23.23 -19.28
CA HIS A 245 -48.43 23.44 -18.17
C HIS A 245 -49.34 22.24 -17.97
N HIS A 246 -49.85 21.67 -19.07
CA HIS A 246 -50.70 20.50 -18.96
C HIS A 246 -49.92 19.29 -18.44
N LEU A 247 -48.65 19.17 -18.81
CA LEU A 247 -47.83 18.05 -18.33
C LEU A 247 -47.62 18.14 -16.82
N ARG A 248 -47.14 19.30 -16.35
CA ARG A 248 -46.90 19.46 -14.92
C ARG A 248 -48.19 19.32 -14.12
N GLY A 249 -49.34 19.62 -14.74
CA GLY A 249 -50.60 19.44 -14.06
C GLY A 249 -50.94 17.99 -13.82
N LYS A 250 -50.58 17.12 -14.78
CA LYS A 250 -50.82 15.70 -14.63
C LYS A 250 -49.76 14.99 -13.79
N GLY A 251 -48.78 15.72 -13.26
CA GLY A 251 -47.90 15.20 -12.25
C GLY A 251 -46.44 15.00 -12.64
N VAL A 252 -46.00 15.56 -13.76
CA VAL A 252 -44.60 15.42 -14.15
C VAL A 252 -43.73 16.21 -13.18
N LYS A 253 -42.62 15.61 -12.77
CA LYS A 253 -41.72 16.20 -11.80
C LYS A 253 -40.29 15.94 -12.24
N PRO A 254 -39.31 16.66 -11.68
CA PRO A 254 -37.92 16.42 -12.05
C PRO A 254 -37.56 14.94 -11.95
N ASP A 255 -36.67 14.51 -12.86
CA ASP A 255 -36.22 13.13 -12.98
C ASP A 255 -37.33 12.16 -13.35
N ASP A 256 -38.52 12.66 -13.71
CA ASP A 256 -39.55 11.78 -14.22
C ASP A 256 -39.36 11.62 -15.72
N GLN A 257 -39.67 10.42 -16.20
CA GLN A 257 -39.54 10.12 -17.61
C GLN A 257 -40.88 10.32 -18.30
N VAL A 258 -40.84 10.93 -19.48
CA VAL A 258 -42.02 11.13 -20.31
C VAL A 258 -41.69 10.63 -21.71
N ALA A 259 -42.45 9.65 -22.18
CA ALA A 259 -42.18 9.06 -23.48
C ALA A 259 -42.77 9.92 -24.58
N ILE A 260 -42.03 10.03 -25.68
CA ILE A 260 -42.47 10.71 -26.89
C ILE A 260 -42.34 9.73 -28.04
N MET A 261 -43.47 9.39 -28.67
CA MET A 261 -43.47 8.52 -29.85
C MET A 261 -44.14 9.29 -30.98
N LEU A 262 -43.31 9.92 -31.80
CA LEU A 262 -43.77 10.75 -32.91
C LEU A 262 -42.74 10.65 -34.04
N ASP A 263 -43.21 10.96 -35.24
CA ASP A 263 -42.33 11.15 -36.38
C ASP A 263 -41.76 12.55 -36.35
N LYS A 264 -40.68 12.77 -37.11
CA LYS A 264 -40.09 14.10 -37.16
C LYS A 264 -41.12 15.09 -37.69
N SER A 265 -41.33 16.17 -36.94
CA SER A 265 -42.36 17.15 -37.26
C SER A 265 -42.20 18.31 -36.28
N LEU A 266 -43.01 19.35 -36.48
CA LEU A 266 -43.04 20.44 -35.52
C LEU A 266 -43.52 19.94 -34.16
N ASP A 267 -44.49 19.02 -34.16
CA ASP A 267 -45.01 18.49 -32.90
C ASP A 267 -43.92 17.85 -32.06
N MET A 268 -42.87 17.34 -32.70
CA MET A 268 -41.79 16.69 -31.95
C MET A 268 -40.99 17.73 -31.17
N ILE A 269 -40.63 18.83 -31.82
CA ILE A 269 -39.87 19.88 -31.14
C ILE A 269 -40.70 20.48 -30.01
N VAL A 270 -41.99 20.72 -30.27
CA VAL A 270 -42.88 21.20 -29.22
C VAL A 270 -42.93 20.21 -28.07
N SER A 271 -43.02 18.92 -28.40
CA SER A 271 -43.16 17.89 -27.36
C SER A 271 -41.88 17.78 -26.53
N ILE A 272 -40.72 17.78 -27.19
CA ILE A 272 -39.47 17.69 -26.46
C ILE A 272 -39.33 18.84 -25.48
N LEU A 273 -39.42 20.07 -25.99
CA LEU A 273 -39.28 21.24 -25.14
C LEU A 273 -40.34 21.27 -24.06
N ALA A 274 -41.55 20.81 -24.38
CA ALA A 274 -42.61 20.78 -23.37
C ALA A 274 -42.24 19.89 -22.20
N VAL A 275 -41.68 18.71 -22.48
CA VAL A 275 -41.28 17.82 -21.39
C VAL A 275 -40.20 18.47 -20.52
N MET A 276 -39.16 19.01 -21.16
CA MET A 276 -38.13 19.72 -20.42
C MET A 276 -38.74 20.80 -19.52
N LYS A 277 -39.46 21.73 -20.14
CA LYS A 277 -40.00 22.88 -19.43
C LYS A 277 -40.96 22.43 -18.32
N ALA A 278 -41.61 21.28 -18.50
CA ALA A 278 -42.46 20.74 -17.45
C ALA A 278 -41.65 20.27 -16.26
N GLY A 279 -40.46 19.73 -16.51
CA GLY A 279 -39.59 19.32 -15.43
C GLY A 279 -38.89 18.00 -15.66
N GLY A 280 -39.48 17.14 -16.49
CA GLY A 280 -39.00 15.79 -16.67
C GLY A 280 -37.98 15.65 -17.79
N ALA A 281 -37.67 14.40 -18.11
CA ALA A 281 -36.78 14.04 -19.21
C ALA A 281 -37.55 13.23 -20.23
N TYR A 282 -37.25 13.43 -21.50
CA TYR A 282 -38.03 12.81 -22.58
C TYR A 282 -37.36 11.54 -23.05
N VAL A 283 -38.18 10.52 -23.28
CA VAL A 283 -37.72 9.21 -23.74
C VAL A 283 -38.19 9.04 -25.19
N PRO A 284 -37.33 9.30 -26.17
CA PRO A 284 -37.77 9.19 -27.57
C PRO A 284 -37.90 7.75 -28.01
N ILE A 285 -38.98 7.47 -28.74
CA ILE A 285 -39.28 6.14 -29.28
C ILE A 285 -39.61 6.32 -30.74
N ASP A 286 -38.74 5.86 -31.62
CA ASP A 286 -38.99 5.91 -33.05
C ASP A 286 -40.14 4.96 -33.38
N PRO A 287 -41.23 5.44 -34.00
CA PRO A 287 -42.36 4.53 -34.29
C PRO A 287 -42.04 3.46 -35.31
N ASP A 288 -40.99 3.62 -36.10
CA ASP A 288 -40.59 2.61 -37.07
C ASP A 288 -39.86 1.42 -36.44
N TYR A 289 -39.73 1.40 -35.11
CA TYR A 289 -39.12 0.27 -34.43
C TYR A 289 -40.09 -0.90 -34.37
N PRO A 290 -39.58 -2.13 -34.34
CA PRO A 290 -40.46 -3.28 -34.13
C PRO A 290 -41.25 -3.11 -32.84
N GLY A 291 -42.50 -3.58 -32.87
CA GLY A 291 -43.36 -3.46 -31.71
C GLY A 291 -42.79 -4.10 -30.46
N GLU A 292 -41.84 -5.01 -30.62
CA GLU A 292 -41.26 -5.68 -29.46
C GLU A 292 -40.32 -4.73 -28.71
N ARG A 293 -39.45 -4.03 -29.45
CA ARG A 293 -38.56 -3.05 -28.81
C ARG A 293 -39.35 -1.91 -28.21
N ILE A 294 -40.39 -1.44 -28.89
CA ILE A 294 -41.24 -0.37 -28.35
C ILE A 294 -41.83 -0.81 -27.02
N ALA A 295 -42.45 -1.99 -26.98
CA ALA A 295 -43.03 -2.48 -25.74
C ALA A 295 -41.99 -2.55 -24.63
N TYR A 296 -40.75 -2.94 -24.98
CA TYR A 296 -39.69 -3.04 -23.99
C TYR A 296 -39.24 -1.65 -23.51
N MET A 297 -39.10 -0.69 -24.44
CA MET A 297 -38.66 0.64 -24.05
C MET A 297 -39.63 1.28 -23.07
N LEU A 298 -40.93 1.12 -23.30
CA LEU A 298 -41.91 1.66 -22.36
C LEU A 298 -41.84 0.95 -21.02
N ALA A 299 -41.53 -0.36 -21.04
CA ALA A 299 -41.46 -1.12 -19.81
C ALA A 299 -40.25 -0.72 -18.97
N ASP A 300 -39.06 -0.80 -19.56
CA ASP A 300 -37.85 -0.39 -18.85
C ASP A 300 -37.98 1.03 -18.33
N SER A 301 -38.29 1.98 -19.23
CA SER A 301 -38.55 3.34 -18.80
C SER A 301 -39.70 3.38 -17.81
N SER A 302 -39.60 4.25 -16.82
CA SER A 302 -40.64 4.43 -15.84
C SER A 302 -41.72 5.40 -16.31
N ALA A 303 -41.77 5.67 -17.61
CA ALA A 303 -42.67 6.68 -18.14
C ALA A 303 -44.12 6.31 -17.86
N ALA A 304 -44.80 7.18 -17.10
CA ALA A 304 -46.23 7.02 -16.86
C ALA A 304 -47.07 7.71 -17.92
N ILE A 305 -46.47 8.62 -18.71
CA ILE A 305 -47.17 9.42 -19.69
C ILE A 305 -46.51 9.22 -21.04
N LEU A 306 -47.33 9.18 -22.10
CA LEU A 306 -46.84 9.04 -23.47
C LEU A 306 -47.44 10.14 -24.33
N LEU A 307 -46.58 10.95 -24.94
CA LEU A 307 -46.99 11.92 -25.94
C LEU A 307 -46.94 11.25 -27.31
N THR A 308 -48.04 11.28 -28.04
CA THR A 308 -48.10 10.57 -29.30
C THR A 308 -49.32 11.02 -30.10
N ASN A 309 -49.38 10.55 -31.34
CA ASN A 309 -50.48 10.78 -32.27
C ASN A 309 -51.62 9.81 -31.99
N ALA A 310 -52.73 10.02 -32.69
CA ALA A 310 -53.74 8.97 -32.83
C ALA A 310 -53.28 7.89 -33.81
N LEU A 311 -52.34 8.22 -34.69
CA LEU A 311 -51.81 7.25 -35.65
C LEU A 311 -51.00 6.16 -34.97
N HIS A 312 -50.05 6.55 -34.12
CA HIS A 312 -49.18 5.60 -33.43
C HIS A 312 -49.69 5.25 -32.03
N GLU A 313 -50.89 5.71 -31.67
CA GLU A 313 -51.40 5.49 -30.33
C GLU A 313 -51.40 4.00 -29.97
N GLU A 314 -51.75 3.15 -30.93
CA GLU A 314 -51.94 1.73 -30.64
C GLU A 314 -50.65 0.94 -30.49
N LYS A 315 -49.53 1.43 -31.00
CA LYS A 315 -48.27 0.70 -30.87
C LYS A 315 -47.83 0.54 -29.42
N ALA A 316 -48.51 1.21 -28.48
CA ALA A 316 -48.16 1.12 -27.06
C ALA A 316 -49.00 0.08 -26.32
N ASN A 317 -50.09 -0.41 -26.91
CA ASN A 317 -50.97 -1.38 -26.28
C ASN A 317 -51.36 -0.94 -24.86
N GLY A 318 -51.85 0.29 -24.77
CA GLY A 318 -52.40 0.80 -23.51
C GLY A 318 -51.41 0.82 -22.37
N ALA A 319 -50.12 0.95 -22.67
CA ALA A 319 -49.10 0.88 -21.62
C ALA A 319 -49.21 2.03 -20.62
N CYS A 320 -49.56 3.22 -21.09
CA CYS A 320 -49.49 4.42 -20.25
C CYS A 320 -50.65 5.36 -20.54
N ASP A 321 -50.82 6.36 -19.67
CA ASP A 321 -51.77 7.43 -19.94
C ASP A 321 -51.29 8.23 -21.14
N ILE A 322 -52.07 8.24 -22.18
CA ILE A 322 -51.67 8.88 -23.44
C ILE A 322 -52.16 10.32 -23.46
N ILE A 323 -51.30 11.20 -23.98
CA ILE A 323 -51.63 12.59 -24.23
C ILE A 323 -51.51 12.81 -25.74
N ASP A 324 -52.63 13.13 -26.37
CA ASP A 324 -52.65 13.36 -27.81
C ASP A 324 -52.11 14.76 -28.10
N VAL A 325 -51.00 14.86 -28.82
CA VAL A 325 -50.45 16.16 -29.18
C VAL A 325 -51.37 16.93 -30.12
N HIS A 326 -52.42 16.29 -30.65
CA HIS A 326 -53.36 16.95 -31.54
C HIS A 326 -54.69 17.27 -30.87
N ASP A 327 -54.88 16.90 -29.61
CA ASP A 327 -56.10 17.26 -28.91
C ASP A 327 -55.92 18.64 -28.28
N PRO A 328 -56.69 19.65 -28.69
CA PRO A 328 -56.51 20.98 -28.09
C PRO A 328 -56.64 21.00 -26.57
N ASP A 329 -57.25 19.96 -25.98
CA ASP A 329 -57.32 19.90 -24.52
C ASP A 329 -55.97 19.60 -23.87
N SER A 330 -55.03 19.00 -24.62
CA SER A 330 -53.70 18.74 -24.09
C SER A 330 -52.86 20.01 -23.98
N TYR A 331 -53.35 21.15 -24.45
CA TYR A 331 -52.62 22.41 -24.39
C TYR A 331 -53.36 23.40 -23.50
N SER A 332 -52.64 24.00 -22.58
CA SER A 332 -53.22 24.97 -21.67
C SER A 332 -53.39 26.32 -22.37
N GLU A 333 -54.09 27.22 -21.70
CA GLU A 333 -54.23 28.59 -22.19
C GLU A 333 -52.97 29.40 -21.90
N ASN A 334 -52.30 29.06 -20.81
CA ASN A 334 -51.16 29.84 -20.33
C ASN A 334 -49.97 29.65 -21.26
N THR A 335 -49.41 30.77 -21.74
CA THR A 335 -48.28 30.74 -22.66
C THR A 335 -46.98 31.19 -22.02
N ASN A 336 -46.98 31.48 -20.72
CA ASN A 336 -45.80 31.98 -20.05
C ASN A 336 -44.85 30.85 -19.69
N ASN A 337 -43.58 31.21 -19.56
CA ASN A 337 -42.59 30.24 -19.09
C ASN A 337 -42.93 29.79 -17.68
N LEU A 338 -42.78 28.49 -17.43
CA LEU A 338 -43.14 27.95 -16.14
C LEU A 338 -42.11 28.31 -15.08
N PRO A 339 -42.49 28.31 -13.81
CA PRO A 339 -41.50 28.47 -12.75
C PRO A 339 -40.46 27.35 -12.83
N HIS A 340 -39.20 27.76 -12.81
CA HIS A 340 -38.09 26.80 -12.87
C HIS A 340 -38.08 25.94 -11.62
N VAL A 341 -37.85 24.64 -11.82
CA VAL A 341 -37.80 23.68 -10.72
C VAL A 341 -36.69 22.66 -10.95
N ASN A 342 -35.88 22.88 -11.97
CA ASN A 342 -34.85 21.92 -12.35
C ASN A 342 -33.47 22.40 -11.93
N ARG A 343 -32.59 21.43 -11.69
CA ARG A 343 -31.18 21.66 -11.45
C ARG A 343 -30.37 21.08 -12.60
N PRO A 344 -29.12 21.52 -12.80
CA PRO A 344 -28.33 20.97 -13.90
C PRO A 344 -28.08 19.48 -13.81
N ASP A 345 -28.25 18.86 -12.64
CA ASP A 345 -28.02 17.42 -12.49
C ASP A 345 -29.29 16.60 -12.60
N ASP A 346 -30.39 17.21 -13.03
CA ASP A 346 -31.60 16.44 -13.29
C ASP A 346 -31.55 15.81 -14.68
N LEU A 347 -32.31 14.73 -14.86
CA LEU A 347 -32.34 14.08 -16.16
C LEU A 347 -32.93 15.02 -17.20
N VAL A 348 -32.33 15.00 -18.39
CA VAL A 348 -32.84 15.75 -19.52
C VAL A 348 -33.40 14.82 -20.60
N TYR A 349 -32.80 13.66 -20.80
CA TYR A 349 -33.34 12.69 -21.73
C TYR A 349 -32.74 11.32 -21.45
N VAL A 350 -33.41 10.28 -21.94
CA VAL A 350 -32.98 8.90 -21.79
C VAL A 350 -33.05 8.25 -23.16
N MET A 351 -31.89 7.84 -23.67
CA MET A 351 -31.80 7.19 -24.97
C MET A 351 -31.13 5.82 -24.81
N TYR A 352 -31.58 4.87 -25.63
CA TYR A 352 -31.16 3.49 -25.52
C TYR A 352 -30.09 3.14 -26.55
N THR A 353 -29.25 2.17 -26.20
CA THR A 353 -28.28 1.59 -27.13
C THR A 353 -28.29 0.08 -26.97
N SER A 354 -28.19 -0.63 -28.11
CA SER A 354 -28.11 -2.08 -28.11
C SER A 354 -27.04 -2.56 -29.10
N THR A 357 -25.58 -6.61 -29.40
CA THR A 357 -24.84 -7.36 -28.40
C THR A 357 -25.49 -7.23 -27.03
N GLY A 358 -26.56 -7.99 -26.83
CA GLY A 358 -27.31 -7.93 -25.58
C GLY A 358 -28.57 -7.09 -25.73
N LEU A 359 -29.20 -6.85 -24.59
CA LEU A 359 -30.40 -6.03 -24.56
C LEU A 359 -30.03 -4.56 -24.77
N ALA A 360 -31.07 -3.75 -24.99
CA ALA A 360 -30.88 -2.31 -25.06
C ALA A 360 -30.83 -1.75 -23.64
N LYS A 361 -29.90 -0.83 -23.42
CA LYS A 361 -29.66 -0.25 -22.11
C LYS A 361 -30.05 1.22 -22.15
N GLY A 362 -30.78 1.66 -21.12
CA GLY A 362 -31.23 3.04 -21.09
C GLY A 362 -30.17 3.99 -20.55
N VAL A 363 -29.54 4.73 -21.45
CA VAL A 363 -28.51 5.70 -21.08
C VAL A 363 -29.20 6.96 -20.55
N MET A 364 -28.84 7.36 -19.34
CA MET A 364 -29.39 8.53 -18.69
C MET A 364 -28.46 9.72 -18.91
N ILE A 365 -29.01 10.83 -19.39
CA ILE A 365 -28.26 12.06 -19.63
C ILE A 365 -28.89 13.18 -18.81
N GLU A 366 -28.05 14.00 -18.21
CA GLU A 366 -28.50 15.11 -17.38
C GLU A 366 -28.34 16.43 -18.12
N HIS A 367 -29.01 17.46 -17.62
CA HIS A 367 -28.99 18.77 -18.26
C HIS A 367 -27.57 19.27 -18.43
N HIS A 368 -26.79 19.25 -17.34
CA HIS A 368 -25.43 19.78 -17.41
C HIS A 368 -24.62 19.09 -18.49
N ASN A 369 -24.88 17.80 -18.74
CA ASN A 369 -24.25 17.10 -19.85
C ASN A 369 -24.59 17.79 -21.18
N LEU A 370 -25.88 17.98 -21.43
CA LEU A 370 -26.32 18.57 -22.69
C LEU A 370 -25.86 20.01 -22.79
N VAL A 371 -26.02 20.79 -21.72
CA VAL A 371 -25.65 22.20 -21.74
C VAL A 371 -24.19 22.36 -22.14
N ASN A 372 -23.30 21.56 -21.55
CA ASN A 372 -21.89 21.68 -21.86
C ASN A 372 -21.63 21.50 -23.35
N PHE A 373 -22.27 20.50 -23.96
CA PHE A 373 -22.03 20.24 -25.37
C PHE A 373 -22.50 21.40 -26.23
N CYS A 374 -23.71 21.89 -25.98
CA CYS A 374 -24.26 22.98 -26.77
C CYS A 374 -23.40 24.23 -26.64
N GLU A 375 -23.01 24.58 -25.41
CA GLU A 375 -22.21 25.77 -25.20
C GLU A 375 -20.82 25.66 -25.81
N TRP A 376 -20.31 24.44 -26.00
CA TRP A 376 -19.08 24.26 -26.74
C TRP A 376 -19.33 24.32 -28.25
N TYR A 377 -20.48 23.78 -28.68
CA TYR A 377 -20.77 23.67 -30.10
C TYR A 377 -20.89 25.04 -30.76
N ARG A 378 -21.58 25.99 -30.09
CA ARG A 378 -21.85 27.28 -30.72
C ARG A 378 -20.57 28.01 -31.12
N PRO A 379 -19.61 28.23 -30.20
CA PRO A 379 -18.43 29.02 -30.59
C PRO A 379 -17.44 28.21 -31.42
N TYR A 380 -17.40 26.90 -31.21
CA TYR A 380 -16.46 26.06 -31.96
C TYR A 380 -16.76 26.15 -33.46
N PHE A 381 -18.03 25.99 -33.82
CA PHE A 381 -18.45 26.04 -35.22
C PHE A 381 -18.92 27.41 -35.65
N GLY A 382 -18.87 28.41 -34.77
CA GLY A 382 -19.26 29.76 -35.12
C GLY A 382 -20.70 29.84 -35.60
N VAL A 383 -21.61 29.24 -34.84
CA VAL A 383 -23.02 29.21 -35.21
C VAL A 383 -23.66 30.54 -34.87
N THR A 384 -24.50 31.04 -35.77
CA THR A 384 -25.19 32.31 -35.62
C THR A 384 -26.62 32.14 -36.09
N PRO A 385 -27.52 33.07 -35.72
CA PRO A 385 -28.91 32.98 -36.18
C PRO A 385 -29.03 32.89 -37.70
N ALA A 386 -28.01 33.35 -38.42
CA ALA A 386 -28.00 33.26 -39.87
C ALA A 386 -28.01 31.82 -40.36
N ASP A 387 -27.62 30.87 -39.52
CA ASP A 387 -27.46 29.50 -39.96
C ASP A 387 -28.80 28.77 -40.01
N LYS A 388 -28.79 27.65 -40.75
CA LYS A 388 -29.93 26.75 -40.86
C LYS A 388 -29.39 25.32 -40.84
N ALA A 389 -30.02 24.46 -40.05
CA ALA A 389 -29.51 23.11 -39.82
C ALA A 389 -30.59 22.07 -40.07
N LEU A 390 -30.14 20.87 -40.43
CA LEU A 390 -31.01 19.73 -40.67
C LEU A 390 -31.28 18.96 -39.38
N VAL A 391 -32.52 18.49 -39.25
CA VAL A 391 -32.89 17.57 -38.19
C VAL A 391 -32.91 16.19 -38.81
N TYR A 392 -31.72 15.62 -39.06
CA TYR A 392 -31.59 14.43 -39.89
C TYR A 392 -31.76 13.14 -39.10
N SER A 393 -30.92 12.95 -38.08
CA SER A 393 -30.89 11.68 -37.37
C SER A 393 -32.23 11.36 -36.74
N SER A 394 -32.50 10.07 -36.59
CA SER A 394 -33.65 9.62 -35.82
C SER A 394 -33.61 10.23 -34.43
N PHE A 395 -34.77 10.64 -33.94
CA PHE A 395 -34.80 11.30 -32.64
C PHE A 395 -34.69 10.31 -31.49
N SER A 396 -34.51 9.03 -31.78
CA SER A 396 -34.14 8.04 -30.76
C SER A 396 -32.63 7.89 -30.61
N PHE A 397 -31.85 8.50 -31.49
CA PHE A 397 -30.39 8.53 -31.37
C PHE A 397 -29.95 9.89 -30.85
N ASP A 398 -28.72 9.94 -30.33
CA ASP A 398 -28.22 11.20 -29.78
C ASP A 398 -27.82 12.19 -30.88
N GLY A 399 -27.72 11.74 -32.13
CA GLY A 399 -27.41 12.67 -33.21
C GLY A 399 -28.47 13.73 -33.36
N SER A 400 -29.71 13.41 -33.02
CA SER A 400 -30.77 14.41 -33.09
C SER A 400 -30.59 15.47 -32.02
N ALA A 401 -30.08 15.07 -30.85
CA ALA A 401 -29.76 16.05 -29.82
C ALA A 401 -28.78 17.08 -30.35
N LEU A 402 -27.84 16.67 -31.18
CA LEU A 402 -26.96 17.62 -31.87
C LEU A 402 -27.76 18.52 -32.80
N ASP A 403 -28.61 17.92 -33.63
CA ASP A 403 -29.34 18.69 -34.63
C ASP A 403 -30.24 19.73 -33.97
N ILE A 404 -30.98 19.30 -32.95
CA ILE A 404 -32.02 20.14 -32.36
C ILE A 404 -31.42 21.11 -31.35
N PHE A 405 -30.75 20.58 -30.33
CA PHE A 405 -30.42 21.36 -29.15
C PHE A 405 -29.31 22.38 -29.41
N THR A 406 -28.27 21.99 -30.16
CA THR A 406 -27.15 22.91 -30.35
C THR A 406 -27.61 24.17 -31.07
N HIS A 407 -28.29 23.99 -32.21
CA HIS A 407 -28.64 25.13 -33.05
C HIS A 407 -29.75 25.98 -32.45
N LEU A 408 -30.62 25.40 -31.62
CA LEU A 408 -31.66 26.20 -31.01
C LEU A 408 -31.09 27.23 -30.05
N LEU A 409 -30.00 26.90 -29.36
CA LEU A 409 -29.36 27.86 -28.47
C LEU A 409 -28.47 28.85 -29.20
N ALA A 410 -28.18 28.63 -30.49
CA ALA A 410 -27.47 29.61 -31.30
C ALA A 410 -28.42 30.54 -32.03
N GLY A 411 -29.72 30.30 -31.96
CA GLY A 411 -30.68 31.12 -32.68
C GLY A 411 -30.89 30.72 -34.12
N ALA A 412 -30.29 29.62 -34.56
CA ALA A 412 -30.43 29.18 -35.94
C ALA A 412 -31.81 28.56 -36.14
N ALA A 413 -32.08 28.15 -37.38
CA ALA A 413 -33.36 27.58 -37.76
C ALA A 413 -33.19 26.09 -38.08
N LEU A 414 -34.06 25.27 -37.50
CA LEU A 414 -34.07 23.84 -37.74
C LEU A 414 -34.97 23.53 -38.94
N HIS A 415 -34.54 22.56 -39.76
CA HIS A 415 -35.32 22.11 -40.91
C HIS A 415 -35.55 20.61 -40.81
N ILE A 416 -36.81 20.23 -40.58
CA ILE A 416 -37.16 18.82 -40.46
C ILE A 416 -36.87 18.10 -41.77
N VAL A 417 -36.37 16.87 -41.67
CA VAL A 417 -36.18 16.00 -42.82
C VAL A 417 -37.29 14.95 -42.80
N PRO A 418 -38.19 14.93 -43.78
CA PRO A 418 -39.25 13.92 -43.83
C PRO A 418 -38.69 12.58 -44.31
N SER A 419 -39.60 11.61 -44.47
CA SER A 419 -39.19 10.26 -44.85
C SER A 419 -38.70 10.19 -46.29
N GLU A 420 -39.28 11.00 -47.19
CA GLU A 420 -39.02 10.85 -48.62
C GLU A 420 -37.58 11.18 -49.00
N ARG A 421 -36.87 11.97 -48.21
CA ARG A 421 -35.47 12.31 -48.51
C ARG A 421 -34.52 11.87 -47.40
N LYS A 422 -34.95 10.97 -46.52
CA LYS A 422 -34.05 10.40 -45.53
C LYS A 422 -32.95 9.57 -46.20
N TYR A 423 -33.32 8.77 -47.19
CA TYR A 423 -32.36 7.90 -47.88
C TYR A 423 -31.94 8.43 -49.24
N ASP A 424 -32.82 9.13 -49.94
CA ASP A 424 -32.49 9.74 -51.22
C ASP A 424 -31.69 11.00 -50.97
N LEU A 425 -30.36 10.89 -51.04
CA LEU A 425 -29.51 12.01 -50.67
C LEU A 425 -29.26 13.01 -51.80
N ASP A 426 -29.55 12.63 -53.06
CA ASP A 426 -29.51 13.64 -54.12
C ASP A 426 -30.69 14.59 -53.99
N ALA A 427 -31.86 14.06 -53.67
CA ALA A 427 -33.02 14.92 -53.41
C ALA A 427 -32.79 15.78 -52.17
N LEU A 428 -32.16 15.21 -51.14
CA LEU A 428 -31.82 15.99 -49.96
C LEU A 428 -30.84 17.10 -50.30
N ASN A 429 -29.85 16.79 -51.14
CA ASN A 429 -28.92 17.82 -51.58
C ASN A 429 -29.65 18.99 -52.22
N ASP A 430 -30.69 18.71 -53.00
CA ASP A 430 -31.44 19.80 -53.63
C ASP A 430 -32.12 20.67 -52.59
N TYR A 431 -32.80 20.05 -51.62
CA TYR A 431 -33.42 20.81 -50.53
C TYR A 431 -32.41 21.72 -49.85
N CYS A 432 -31.20 21.22 -49.59
CA CYS A 432 -30.18 22.03 -48.94
C CYS A 432 -29.82 23.24 -49.80
N ASN A 433 -29.67 23.04 -51.11
CA ASN A 433 -29.30 24.15 -51.98
C ASN A 433 -30.42 25.15 -52.11
N GLN A 434 -31.68 24.69 -52.06
CA GLN A 434 -32.82 25.59 -52.08
C GLN A 434 -32.87 26.41 -50.79
N GLU A 435 -33.09 25.74 -49.66
CA GLU A 435 -33.30 26.42 -48.39
C GLU A 435 -32.02 27.04 -47.82
N GLY A 436 -30.86 26.77 -48.41
CA GLY A 436 -29.62 27.34 -47.93
C GLY A 436 -29.18 26.76 -46.59
N ILE A 437 -29.17 25.43 -46.49
CA ILE A 437 -28.73 24.77 -45.26
C ILE A 437 -27.23 24.96 -45.10
N THR A 438 -26.81 25.38 -43.90
CA THR A 438 -25.44 25.81 -43.67
C THR A 438 -24.61 24.84 -42.86
N ILE A 439 -25.22 24.10 -41.94
CA ILE A 439 -24.47 23.22 -41.04
C ILE A 439 -25.37 22.05 -40.67
N SER A 440 -24.77 20.87 -40.54
CA SER A 440 -25.53 19.69 -40.12
C SER A 440 -24.57 18.56 -39.81
N TYR A 441 -25.08 17.59 -39.06
CA TYR A 441 -24.35 16.36 -38.74
C TYR A 441 -24.99 15.19 -39.48
N LEU A 442 -24.18 14.43 -40.21
CA LEU A 442 -24.61 13.24 -40.91
C LEU A 442 -23.77 12.06 -40.45
N PRO A 443 -24.38 10.93 -40.07
CA PRO A 443 -23.58 9.74 -39.73
C PRO A 443 -22.57 9.40 -40.82
N THR A 444 -21.50 8.69 -40.46
CA THR A 444 -20.42 8.43 -41.40
C THR A 444 -20.94 7.85 -42.71
N GLY A 445 -21.85 6.87 -42.63
CA GLY A 445 -22.41 6.28 -43.82
C GLY A 445 -23.00 7.31 -44.76
N ALA A 446 -23.96 8.09 -44.25
CA ALA A 446 -24.63 9.07 -45.08
C ALA A 446 -23.70 10.22 -45.46
N ALA A 447 -22.75 10.58 -44.60
CA ALA A 447 -21.84 11.68 -44.91
C ALA A 447 -20.96 11.33 -46.10
N GLU A 448 -20.51 10.08 -46.17
CA GLU A 448 -19.66 9.65 -47.29
C GLU A 448 -20.40 9.73 -48.61
N GLN A 449 -21.72 9.51 -48.59
CA GLN A 449 -22.50 9.58 -49.82
C GLN A 449 -22.66 11.01 -50.29
N PHE A 450 -22.97 11.92 -49.35
CA PHE A 450 -23.22 13.31 -49.68
C PHE A 450 -22.01 13.98 -50.32
N MET A 451 -20.82 13.38 -50.19
CA MET A 451 -19.64 13.94 -50.84
C MET A 451 -19.75 13.83 -52.36
N GLN A 452 -20.45 12.81 -52.86
CA GLN A 452 -20.69 12.70 -54.29
C GLN A 452 -21.68 13.75 -54.78
N MET A 453 -22.64 14.14 -53.94
CA MET A 453 -23.61 15.15 -54.33
C MET A 453 -22.94 16.50 -54.49
N ASP A 454 -23.38 17.27 -55.48
CA ASP A 454 -22.86 18.61 -55.70
C ASP A 454 -23.59 19.57 -54.77
N ASN A 455 -22.89 20.10 -53.78
CA ASN A 455 -23.47 20.99 -52.79
C ASN A 455 -22.79 22.35 -52.85
N GLN A 456 -23.58 23.39 -52.55
CA GLN A 456 -23.07 24.74 -52.45
C GLN A 456 -23.56 25.46 -51.21
N SER A 457 -24.56 24.93 -50.50
CA SER A 457 -25.14 25.61 -49.35
C SER A 457 -24.32 25.39 -48.09
N PHE A 458 -23.82 24.18 -47.88
CA PHE A 458 -23.20 23.84 -46.60
C PHE A 458 -21.96 24.68 -46.35
N ARG A 459 -21.79 25.06 -45.08
CA ARG A 459 -20.58 25.71 -44.59
C ARG A 459 -19.76 24.79 -43.70
N VAL A 460 -20.43 23.89 -43.00
CA VAL A 460 -19.79 22.88 -42.16
C VAL A 460 -20.63 21.62 -42.24
N VAL A 461 -19.96 20.48 -42.25
CA VAL A 461 -20.61 19.19 -42.12
C VAL A 461 -19.83 18.39 -41.09
N ILE A 462 -20.55 17.75 -40.17
CA ILE A 462 -19.94 17.01 -39.08
C ILE A 462 -20.35 15.55 -39.25
N THR A 463 -19.40 14.64 -39.06
CA THR A 463 -19.68 13.22 -39.20
C THR A 463 -19.07 12.47 -38.03
N GLY A 464 -19.62 11.30 -37.76
CA GLY A 464 -19.15 10.46 -36.68
C GLY A 464 -20.04 9.25 -36.56
N GLY A 465 -19.55 8.26 -35.82
CA GLY A 465 -20.25 7.01 -35.67
C GLY A 465 -19.39 5.86 -36.14
N ASP A 466 -19.57 5.46 -37.39
CA ASP A 466 -18.70 4.46 -37.98
C ASP A 466 -17.35 5.10 -38.32
N VAL A 467 -16.41 4.29 -38.79
CA VAL A 467 -15.07 4.79 -39.09
C VAL A 467 -15.14 5.61 -40.37
N LEU A 468 -14.77 6.88 -40.28
CA LEU A 468 -14.67 7.71 -41.47
C LEU A 468 -13.49 7.28 -42.31
N LYS A 469 -13.66 7.32 -43.63
CA LYS A 469 -12.59 6.89 -44.54
C LYS A 469 -12.50 7.78 -45.77
N LYS A 470 -13.64 8.12 -46.38
CA LYS A 470 -13.60 8.97 -47.55
C LYS A 470 -13.65 10.45 -47.15
N ILE A 471 -13.05 11.28 -48.00
CA ILE A 471 -12.86 12.69 -47.67
C ILE A 471 -13.13 13.57 -48.88
N GLU A 472 -12.74 13.11 -50.07
CA GLU A 472 -12.93 13.91 -51.27
C GLU A 472 -14.41 14.23 -51.46
N ARG A 473 -14.70 15.52 -51.61
CA ARG A 473 -16.07 16.01 -51.70
C ARG A 473 -16.13 17.12 -52.73
N ASN A 474 -17.33 17.33 -53.28
CA ASN A 474 -17.51 18.34 -54.33
C ASN A 474 -17.66 19.73 -53.72
N GLY A 475 -18.48 19.86 -52.68
CA GLY A 475 -18.74 21.15 -52.08
C GLY A 475 -17.47 21.82 -51.56
N THR A 476 -17.61 23.04 -51.05
CA THR A 476 -16.49 23.80 -50.52
C THR A 476 -16.59 23.99 -49.01
N TYR A 477 -17.17 23.02 -48.31
CA TYR A 477 -17.44 23.15 -46.89
C TYR A 477 -16.40 22.38 -46.08
N LYS A 478 -16.16 22.86 -44.85
CA LYS A 478 -15.25 22.16 -43.95
C LYS A 478 -15.87 20.84 -43.50
N LEU A 479 -15.04 19.81 -43.43
CA LEU A 479 -15.46 18.51 -42.92
C LEU A 479 -14.88 18.29 -41.53
N TYR A 480 -15.70 17.77 -40.63
CA TYR A 480 -15.31 17.53 -39.25
C TYR A 480 -15.64 16.10 -38.86
N ASN A 481 -14.65 15.39 -38.33
CA ASN A 481 -14.84 14.04 -37.82
C ASN A 481 -14.81 14.06 -36.30
N GLY A 482 -15.83 13.50 -35.67
CA GLY A 482 -15.90 13.43 -34.23
C GLY A 482 -16.20 12.01 -33.75
N TYR A 483 -16.09 11.84 -32.44
CA TYR A 483 -16.24 10.54 -31.80
C TYR A 483 -16.85 10.72 -30.42
N GLY A 484 -17.58 9.70 -29.96
CA GLY A 484 -18.08 9.68 -28.61
C GLY A 484 -19.25 8.73 -28.40
N PRO A 485 -19.30 8.08 -27.25
CA PRO A 485 -20.46 7.24 -26.93
C PRO A 485 -21.63 8.07 -26.43
N THR A 486 -22.82 7.50 -26.57
CA THR A 486 -24.01 8.13 -26.01
C THR A 486 -23.94 8.19 -24.48
N GLU A 487 -23.09 7.36 -23.86
CA GLU A 487 -22.96 7.40 -22.40
C GLU A 487 -22.30 8.69 -21.93
N CYS A 488 -21.51 9.34 -22.78
CA CYS A 488 -20.84 10.59 -22.43
C CYS A 488 -21.35 11.74 -23.29
N THR A 489 -22.61 11.64 -23.73
CA THR A 489 -23.37 12.73 -24.33
C THR A 489 -22.87 13.11 -25.72
N ILE A 490 -23.45 12.48 -26.75
CA ILE A 490 -23.24 12.88 -28.13
C ILE A 490 -21.79 12.61 -28.52
N MET A 491 -20.89 13.56 -28.23
CA MET A 491 -19.49 13.42 -28.63
C MET A 491 -18.60 14.05 -27.58
N VAL A 492 -17.32 13.69 -27.60
CA VAL A 492 -16.35 14.14 -26.60
C VAL A 492 -15.07 14.65 -27.26
N THR A 493 -14.90 14.36 -28.55
CA THR A 493 -13.74 14.86 -29.29
C THR A 493 -14.17 15.28 -30.68
N MET A 494 -13.39 16.17 -31.28
CA MET A 494 -13.73 16.78 -32.56
C MET A 494 -12.47 17.08 -33.35
N PHE A 495 -12.47 16.72 -34.64
CA PHE A 495 -11.33 16.95 -35.51
C PHE A 495 -11.80 17.64 -36.79
N GLU A 496 -11.01 18.62 -37.23
CA GLU A 496 -11.24 19.30 -38.50
C GLU A 496 -10.40 18.59 -39.55
N VAL A 497 -11.05 17.88 -40.48
CA VAL A 497 -10.35 17.09 -41.47
C VAL A 497 -9.74 18.05 -42.50
N ASP A 498 -8.42 18.14 -42.51
CA ASP A 498 -7.70 19.07 -43.38
C ASP A 498 -6.98 18.38 -44.53
N LYS A 499 -6.42 17.21 -44.30
CA LYS A 499 -5.70 16.46 -45.32
C LYS A 499 -6.15 15.00 -45.25
N PRO A 500 -5.87 14.22 -46.29
CA PRO A 500 -6.21 12.80 -46.22
C PRO A 500 -5.31 12.05 -45.26
N TYR A 501 -5.88 11.04 -44.61
CA TYR A 501 -5.17 10.18 -43.69
C TYR A 501 -5.53 8.72 -43.96
N ALA A 502 -4.57 7.83 -43.71
CA ALA A 502 -4.88 6.41 -43.70
C ALA A 502 -5.77 6.06 -42.52
N ASN A 503 -5.57 6.74 -41.39
CA ASN A 503 -6.42 6.63 -40.20
C ASN A 503 -6.76 8.05 -39.76
N ILE A 504 -7.94 8.52 -40.13
CA ILE A 504 -8.34 9.89 -39.78
C ILE A 504 -8.47 10.01 -38.28
N PRO A 505 -7.83 10.99 -37.63
CA PRO A 505 -7.98 11.13 -36.18
C PRO A 505 -9.35 11.65 -35.80
N ILE A 506 -9.74 11.36 -34.56
CA ILE A 506 -11.02 11.81 -34.03
C ILE A 506 -10.90 13.10 -33.24
N GLY A 507 -9.70 13.67 -33.14
CA GLY A 507 -9.53 15.03 -32.68
C GLY A 507 -9.20 15.16 -31.21
N LYS A 508 -9.39 16.38 -30.72
CA LYS A 508 -9.08 16.74 -29.35
C LYS A 508 -10.36 16.89 -28.53
N PRO A 509 -10.26 16.85 -27.20
CA PRO A 509 -11.47 16.92 -26.38
C PRO A 509 -12.17 18.27 -26.47
N ILE A 510 -13.45 18.24 -26.15
CA ILE A 510 -14.29 19.43 -26.14
C ILE A 510 -14.14 20.12 -24.79
N ASP A 511 -15.03 21.08 -24.50
CA ASP A 511 -14.94 21.79 -23.23
C ASP A 511 -15.16 20.84 -22.06
N ARG A 512 -14.39 21.06 -21.00
CA ARG A 512 -14.62 20.41 -19.71
C ARG A 512 -14.59 18.88 -19.82
N THR A 513 -13.80 18.35 -20.74
CA THR A 513 -13.66 16.91 -20.85
C THR A 513 -12.19 16.61 -21.11
N ARG A 514 -11.72 15.51 -20.54
CA ARG A 514 -10.37 15.02 -20.77
C ARG A 514 -10.47 13.57 -21.24
N ILE A 515 -9.49 13.17 -22.04
CA ILE A 515 -9.38 11.79 -22.49
C ILE A 515 -8.06 11.23 -21.98
N LEU A 516 -8.12 10.06 -21.36
CA LEU A 516 -6.96 9.38 -20.81
C LEU A 516 -6.78 8.05 -21.51
N ILE A 517 -5.54 7.76 -21.89
CA ILE A 517 -5.19 6.52 -22.56
C ILE A 517 -4.42 5.67 -21.57
N LEU A 518 -5.02 4.56 -21.15
CA LEU A 518 -4.53 3.76 -20.04
C LEU A 518 -4.21 2.35 -20.49
N ASP A 519 -3.39 1.68 -19.68
CA ASP A 519 -3.07 0.27 -19.91
C ASP A 519 -4.11 -0.58 -19.20
N GLU A 520 -3.91 -1.89 -19.19
CA GLU A 520 -4.86 -2.78 -18.53
C GLU A 520 -4.94 -2.50 -17.02
N ALA A 521 -3.84 -2.04 -16.42
CA ALA A 521 -3.81 -1.70 -15.01
C ALA A 521 -4.34 -0.31 -14.72
N LEU A 522 -4.88 0.38 -15.73
CA LEU A 522 -5.45 1.72 -15.59
C LEU A 522 -4.37 2.77 -15.29
N ALA A 523 -3.16 2.55 -15.79
CA ALA A 523 -2.07 3.50 -15.64
C ALA A 523 -1.81 4.24 -16.95
N LEU A 524 -1.32 5.47 -16.84
CA LEU A 524 -1.07 6.28 -18.01
C LEU A 524 -0.17 5.57 -19.02
N GLN A 525 -0.43 5.85 -20.27
CA GLN A 525 0.40 5.43 -21.37
C GLN A 525 1.11 6.65 -21.93
N PRO A 526 2.40 6.56 -22.26
CA PRO A 526 3.07 7.72 -22.86
C PRO A 526 2.39 8.12 -24.15
N ILE A 527 2.62 9.38 -24.55
CA ILE A 527 2.05 9.85 -25.80
C ILE A 527 2.58 9.00 -26.94
N GLY A 528 1.68 8.51 -27.78
CA GLY A 528 2.02 7.65 -28.89
C GLY A 528 1.81 6.17 -28.61
N VAL A 529 1.54 5.79 -27.37
CA VAL A 529 1.36 4.40 -26.99
C VAL A 529 -0.13 4.09 -26.93
N ALA A 530 -0.51 2.94 -27.48
CA ALA A 530 -1.92 2.56 -27.51
C ALA A 530 -2.40 2.14 -26.12
N GLY A 531 -3.71 2.22 -25.94
CA GLY A 531 -4.32 1.83 -24.69
C GLY A 531 -5.81 2.04 -24.77
N GLU A 532 -6.50 1.63 -23.71
CA GLU A 532 -7.94 1.83 -23.67
C GLU A 532 -8.26 3.30 -23.48
N LEU A 533 -9.27 3.78 -24.20
CA LEU A 533 -9.65 5.19 -24.15
C LEU A 533 -10.66 5.38 -23.03
N PHE A 534 -10.32 6.21 -22.06
CA PHE A 534 -11.21 6.55 -20.95
C PHE A 534 -11.66 7.99 -21.10
N ILE A 535 -12.92 8.25 -20.76
CA ILE A 535 -13.51 9.58 -20.84
C ILE A 535 -13.75 10.10 -19.44
N VAL A 536 -13.38 11.35 -19.19
CA VAL A 536 -13.56 11.99 -17.90
C VAL A 536 -14.05 13.41 -18.13
N GLY A 537 -14.93 13.88 -17.24
CA GLY A 537 -15.34 15.26 -17.27
C GLY A 537 -16.84 15.48 -17.39
N GLU A 538 -17.22 16.65 -17.90
CA GLU A 538 -18.62 17.05 -17.93
C GLU A 538 -19.49 16.15 -18.80
N GLY A 539 -18.89 15.44 -19.76
CA GLY A 539 -19.68 14.63 -20.68
C GLY A 539 -20.35 13.45 -20.03
N LEU A 540 -19.77 12.92 -18.95
CA LEU A 540 -20.28 11.68 -18.37
C LEU A 540 -21.70 11.86 -17.86
N GLY A 541 -22.59 10.99 -18.31
CA GLY A 541 -23.96 10.96 -17.86
C GLY A 541 -24.11 10.24 -16.54
N ARG A 542 -25.37 10.00 -16.18
CA ARG A 542 -25.68 9.40 -14.89
C ARG A 542 -25.45 7.90 -14.87
N GLY A 543 -25.61 7.22 -16.00
CA GLY A 543 -25.40 5.80 -16.11
C GLY A 543 -26.57 5.11 -16.74
N TYR A 544 -26.61 3.78 -16.64
CA TYR A 544 -27.63 2.98 -17.28
C TYR A 544 -28.84 2.84 -16.36
N LEU A 545 -30.03 3.05 -16.92
CA LEU A 545 -31.26 3.03 -16.14
C LEU A 545 -31.54 1.60 -15.69
N ASN A 546 -31.63 1.40 -14.37
CA ASN A 546 -31.98 0.11 -13.79
C ASN A 546 -30.89 -0.94 -14.01
N ARG A 547 -29.66 -0.51 -14.31
CA ARG A 547 -28.51 -1.39 -14.45
C ARG A 547 -27.40 -0.88 -13.54
N PRO A 548 -27.62 -0.85 -12.23
CA PRO A 548 -26.57 -0.32 -11.34
C PRO A 548 -25.29 -1.12 -11.42
N GLU A 549 -25.37 -2.46 -11.46
CA GLU A 549 -24.17 -3.27 -11.53
C GLU A 549 -23.39 -3.00 -12.81
N LEU A 550 -24.10 -2.89 -13.95
CA LEU A 550 -23.43 -2.57 -15.19
C LEU A 550 -22.87 -1.15 -15.17
N THR A 551 -23.60 -0.22 -14.55
CA THR A 551 -23.09 1.14 -14.42
C THR A 551 -21.74 1.16 -13.72
N ALA A 552 -21.63 0.43 -12.61
CA ALA A 552 -20.37 0.40 -11.87
C ALA A 552 -19.25 -0.16 -12.75
N GLU A 553 -19.56 -1.13 -13.60
CA GLU A 553 -18.54 -1.74 -14.43
C GLU A 553 -17.97 -0.74 -15.43
N LYS A 554 -18.83 0.11 -16.00
CA LYS A 554 -18.39 1.04 -17.05
C LYS A 554 -18.07 2.42 -16.53
N PHE A 555 -18.78 2.91 -15.50
CA PHE A 555 -18.47 4.18 -14.84
C PHE A 555 -17.65 3.85 -13.59
N ILE A 556 -16.34 3.93 -13.71
CA ILE A 556 -15.45 3.45 -12.66
C ILE A 556 -14.98 4.61 -11.79
N VAL A 557 -14.54 4.27 -10.59
CA VAL A 557 -13.77 5.17 -9.74
C VAL A 557 -12.32 4.73 -9.87
N HIS A 558 -11.48 5.60 -10.42
CA HIS A 558 -10.12 5.19 -10.72
C HIS A 558 -9.38 4.81 -9.44
N PRO A 559 -8.63 3.71 -9.44
CA PRO A 559 -7.95 3.28 -8.20
C PRO A 559 -7.02 4.34 -7.64
N GLN A 560 -6.15 4.92 -8.47
CA GLN A 560 -5.21 5.94 -7.99
C GLN A 560 -5.86 7.31 -7.84
N THR A 561 -6.38 7.88 -8.93
CA THR A 561 -6.85 9.26 -8.87
C THR A 561 -8.18 9.38 -8.13
N GLY A 562 -9.06 8.41 -8.30
CA GLY A 562 -10.37 8.48 -7.68
C GLY A 562 -11.38 9.27 -8.48
N GLU A 563 -11.05 9.69 -9.69
CA GLU A 563 -11.96 10.41 -10.56
C GLU A 563 -12.92 9.45 -11.23
N ARG A 564 -14.15 9.92 -11.47
CA ARG A 564 -15.14 9.14 -12.18
C ARG A 564 -14.80 9.11 -13.66
N MET A 565 -14.72 7.92 -14.24
CA MET A 565 -14.29 7.79 -15.61
C MET A 565 -15.16 6.73 -16.30
N TYR A 566 -15.32 6.87 -17.61
CA TYR A 566 -16.12 5.94 -18.39
C TYR A 566 -15.20 5.05 -19.21
N ARG A 567 -15.41 3.74 -19.09
CA ARG A 567 -14.61 2.73 -19.78
C ARG A 567 -15.24 2.49 -21.14
N THR A 568 -14.62 3.03 -22.19
CA THR A 568 -15.22 2.97 -23.52
C THR A 568 -15.14 1.57 -24.11
N GLY A 569 -14.05 0.86 -23.85
CA GLY A 569 -13.77 -0.38 -24.56
C GLY A 569 -13.13 -0.18 -25.92
N ASP A 570 -12.68 1.05 -26.22
CA ASP A 570 -12.07 1.38 -27.49
C ASP A 570 -10.56 1.53 -27.34
N ARG A 571 -9.84 1.23 -28.42
CA ARG A 571 -8.40 1.28 -28.46
C ARG A 571 -7.97 2.54 -29.21
N ALA A 572 -7.08 3.33 -28.61
CA ALA A 572 -6.65 4.59 -29.22
C ALA A 572 -5.29 4.97 -28.68
N ARG A 573 -4.74 6.05 -29.23
CA ARG A 573 -3.44 6.58 -28.82
C ARG A 573 -3.38 8.06 -29.21
N PHE A 574 -2.59 8.82 -28.45
CA PHE A 574 -2.36 10.23 -28.76
C PHE A 574 -1.28 10.38 -29.82
N LEU A 575 -1.50 11.25 -30.78
CA LEU A 575 -0.46 11.63 -31.73
C LEU A 575 0.41 12.73 -31.15
N PRO A 576 1.58 12.97 -31.74
CA PRO A 576 2.45 14.04 -31.25
C PRO A 576 1.81 15.43 -31.25
N ASP A 577 0.77 15.66 -32.07
CA ASP A 577 0.16 16.98 -32.16
C ASP A 577 -1.07 17.14 -31.28
N GLY A 578 -1.30 16.20 -30.36
CA GLY A 578 -2.43 16.26 -29.45
C GLY A 578 -3.73 15.67 -29.96
N ASN A 579 -3.84 15.31 -31.24
CA ASN A 579 -5.05 14.69 -31.74
C ASN A 579 -5.08 13.20 -31.43
N ILE A 580 -6.25 12.70 -31.07
CA ILE A 580 -6.43 11.30 -30.69
C ILE A 580 -6.71 10.49 -31.94
N GLU A 581 -6.26 9.25 -31.94
CA GLU A 581 -6.36 8.36 -33.10
C GLU A 581 -7.02 7.05 -32.69
N PHE A 582 -8.08 6.69 -33.42
CA PHE A 582 -8.85 5.48 -33.11
C PHE A 582 -8.16 4.26 -33.71
N LEU A 583 -8.11 3.18 -32.93
CA LEU A 583 -7.37 1.99 -33.31
C LEU A 583 -8.21 0.73 -33.15
N GLY A 584 -9.53 0.85 -33.37
CA GLY A 584 -10.40 -0.30 -33.31
C GLY A 584 -10.80 -0.65 -31.89
N ARG A 585 -11.68 -1.64 -31.79
CA ARG A 585 -12.18 -2.10 -30.50
C ARG A 585 -11.08 -2.89 -29.77
N LEU A 586 -11.27 -3.10 -28.47
CA LEU A 586 -10.32 -3.92 -27.72
C LEU A 586 -10.53 -5.40 -27.95
N ASP A 587 -11.77 -5.83 -28.12
CA ASP A 587 -12.08 -7.23 -28.34
C ASP A 587 -12.85 -7.41 -29.65
N MET B 3 -34.74 22.52 2.65
CA MET B 3 -34.06 23.60 3.42
C MET B 3 -32.69 23.90 2.83
N GLY B 4 -32.00 22.87 2.38
CA GLY B 4 -30.68 23.04 1.79
C GLY B 4 -30.16 21.74 1.22
N ARG B 5 -29.26 21.87 0.25
CA ARG B 5 -28.65 20.73 -0.41
C ARG B 5 -27.34 20.39 0.31
N ILE B 6 -27.21 19.15 0.76
CA ILE B 6 -26.04 18.69 1.51
C ILE B 6 -25.30 17.68 0.64
N LEU B 7 -23.99 17.82 0.57
CA LEU B 7 -23.14 16.88 -0.16
C LEU B 7 -22.51 15.93 0.85
N PHE B 8 -22.82 14.65 0.73
CA PHE B 8 -22.34 13.61 1.63
C PHE B 8 -21.25 12.83 0.92
N LEU B 9 -20.02 12.94 1.40
CA LEU B 9 -18.86 12.34 0.77
C LEU B 9 -18.40 11.14 1.59
N THR B 10 -18.35 9.97 0.95
CA THR B 10 -17.92 8.75 1.62
C THR B 10 -17.54 7.72 0.58
N THR B 11 -16.66 6.80 0.95
CA THR B 11 -16.32 5.65 0.12
C THR B 11 -16.64 4.32 0.77
N PHE B 12 -16.59 4.24 2.09
CA PHE B 12 -16.84 3.00 2.80
C PHE B 12 -18.29 2.87 3.25
N MET B 13 -18.90 3.95 3.71
CA MET B 13 -20.24 3.88 4.27
C MET B 13 -21.28 3.69 3.17
N SER B 14 -22.40 3.07 3.52
CA SER B 14 -23.48 2.84 2.58
C SER B 14 -24.14 4.18 2.24
N LYS B 15 -25.27 4.11 1.55
CA LYS B 15 -26.01 5.30 1.17
C LYS B 15 -27.25 5.52 2.04
N GLY B 16 -27.54 4.60 2.96
CA GLY B 16 -28.68 4.74 3.85
C GLY B 16 -28.25 4.85 5.29
N ASN B 17 -27.14 5.53 5.54
CA ASN B 17 -26.70 5.75 6.90
C ASN B 17 -27.79 6.43 7.72
N LYS B 18 -27.70 6.27 9.04
CA LYS B 18 -28.60 7.01 9.91
C LYS B 18 -28.39 8.51 9.72
N VAL B 19 -27.17 8.91 9.38
CA VAL B 19 -26.87 10.31 9.14
C VAL B 19 -27.60 10.81 7.90
N VAL B 20 -27.45 10.10 6.78
CA VAL B 20 -28.06 10.53 5.54
C VAL B 20 -29.58 10.62 5.69
N ARG B 21 -30.18 9.60 6.29
CA ARG B 21 -31.63 9.59 6.42
C ARG B 21 -32.11 10.62 7.45
N TYR B 22 -31.31 10.88 8.49
CA TYR B 22 -31.69 11.93 9.43
C TYR B 22 -31.72 13.28 8.74
N LEU B 23 -30.72 13.57 7.92
CA LEU B 23 -30.72 14.82 7.17
C LEU B 23 -31.89 14.88 6.21
N GLU B 24 -32.19 13.77 5.54
CA GLU B 24 -33.35 13.73 4.65
C GLU B 24 -34.65 13.94 5.42
N SER B 25 -34.75 13.38 6.63
CA SER B 25 -35.96 13.56 7.42
C SER B 25 -36.19 15.02 7.74
N LEU B 26 -35.12 15.81 7.87
CA LEU B 26 -35.20 17.25 8.06
C LEU B 26 -35.38 17.99 6.74
N HIS B 27 -35.74 17.29 5.66
CA HIS B 27 -36.08 17.92 4.39
C HIS B 27 -34.85 18.51 3.70
N HIS B 28 -33.71 17.84 3.84
CA HIS B 28 -32.52 18.19 3.07
C HIS B 28 -32.38 17.21 1.91
N GLU B 29 -32.07 17.74 0.72
CA GLU B 29 -31.69 16.89 -0.40
C GLU B 29 -30.24 16.48 -0.22
N VAL B 30 -30.02 15.20 0.07
CA VAL B 30 -28.69 14.68 0.35
C VAL B 30 -28.15 14.06 -0.93
N VAL B 31 -27.13 14.68 -1.50
CA VAL B 31 -26.42 14.15 -2.64
C VAL B 31 -25.29 13.27 -2.11
N ILE B 32 -25.23 12.02 -2.59
CA ILE B 32 -24.21 11.09 -2.16
C ILE B 32 -23.21 10.92 -3.30
N CYS B 33 -21.92 11.01 -2.96
CA CYS B 33 -20.83 10.92 -3.91
C CYS B 33 -19.68 10.19 -3.25
N GLN B 34 -19.05 9.27 -4.00
CA GLN B 34 -18.00 8.43 -3.46
C GLN B 34 -16.72 8.51 -4.27
N GLU B 35 -16.52 9.59 -5.02
CA GLU B 35 -15.33 9.72 -5.87
C GLU B 35 -14.66 11.05 -5.59
N LYS B 36 -13.42 11.18 -6.03
CA LYS B 36 -12.72 12.45 -5.96
C LYS B 36 -13.34 13.43 -6.95
N VAL B 37 -13.55 14.67 -6.49
CA VAL B 37 -14.27 15.67 -7.26
C VAL B 37 -13.42 16.91 -7.41
N HIS B 38 -13.73 17.69 -8.44
CA HIS B 38 -13.05 18.95 -8.72
C HIS B 38 -14.07 20.09 -8.63
N ALA B 39 -13.57 21.32 -8.81
CA ALA B 39 -14.43 22.49 -8.69
C ALA B 39 -15.57 22.43 -9.71
N GLN B 40 -15.29 21.97 -10.93
CA GLN B 40 -16.26 21.95 -12.00
C GLN B 40 -17.37 20.93 -11.79
N SER B 41 -17.21 20.01 -10.84
CA SER B 41 -18.14 18.90 -10.69
C SER B 41 -19.58 19.38 -10.50
N ALA B 42 -20.50 18.73 -11.20
CA ALA B 42 -21.92 18.98 -11.00
C ALA B 42 -22.40 18.57 -9.61
N ASN B 43 -21.59 17.84 -8.85
CA ASN B 43 -21.93 17.48 -7.48
C ASN B 43 -21.75 18.64 -6.50
N LEU B 44 -21.14 19.73 -6.94
CA LEU B 44 -20.90 20.89 -6.08
C LEU B 44 -21.82 22.07 -6.38
N GLN B 45 -22.83 21.89 -7.23
CA GLN B 45 -23.70 22.99 -7.61
C GLN B 45 -24.72 23.26 -6.51
N GLU B 46 -24.70 24.49 -6.00
CA GLU B 46 -25.65 24.94 -4.98
C GLU B 46 -25.71 23.97 -3.80
N ILE B 47 -24.58 23.86 -3.10
CA ILE B 47 -24.48 23.09 -1.87
C ILE B 47 -24.34 24.06 -0.71
N ASP B 48 -25.04 23.75 0.39
CA ASP B 48 -24.91 24.54 1.61
C ASP B 48 -23.91 23.91 2.58
N TRP B 49 -23.98 22.60 2.79
CA TRP B 49 -23.06 21.91 3.68
C TRP B 49 -22.48 20.69 2.98
N ILE B 50 -21.19 20.46 3.19
CA ILE B 50 -20.52 19.22 2.82
C ILE B 50 -20.27 18.43 4.09
N VAL B 51 -20.68 17.17 4.08
CA VAL B 51 -20.49 16.28 5.22
C VAL B 51 -19.71 15.07 4.74
N SER B 52 -18.48 14.91 5.22
CA SER B 52 -17.65 13.78 4.86
C SER B 52 -17.65 12.74 5.98
N TYR B 53 -17.56 11.47 5.59
CA TYR B 53 -17.67 10.37 6.55
C TYR B 53 -16.97 9.17 5.90
N ALA B 54 -15.74 8.89 6.35
CA ALA B 54 -14.94 7.80 5.79
C ALA B 54 -14.71 7.99 4.29
N TYR B 55 -14.42 9.24 3.91
CA TYR B 55 -14.19 9.61 2.51
C TYR B 55 -12.70 9.43 2.20
N GLY B 56 -12.39 8.50 1.30
CA GLY B 56 -11.00 8.13 1.06
C GLY B 56 -10.27 8.98 0.06
N TYR B 57 -10.58 10.27 -0.03
CA TYR B 57 -9.91 11.16 -0.96
C TYR B 57 -9.75 12.54 -0.32
N ILE B 58 -8.85 13.34 -0.90
CA ILE B 58 -8.53 14.66 -0.40
C ILE B 58 -9.24 15.71 -1.25
N LEU B 59 -9.86 16.69 -0.59
CA LEU B 59 -10.51 17.78 -1.29
C LEU B 59 -9.47 18.77 -1.80
N ASP B 60 -9.71 19.32 -2.99
CA ASP B 60 -8.80 20.33 -3.51
C ASP B 60 -8.90 21.59 -2.65
N LYS B 61 -7.78 22.32 -2.54
CA LYS B 61 -7.76 23.48 -1.67
C LYS B 61 -8.75 24.56 -2.11
N GLU B 62 -9.05 24.64 -3.41
CA GLU B 62 -10.06 25.59 -3.85
C GLU B 62 -11.43 25.25 -3.25
N ILE B 63 -11.72 23.97 -3.07
CA ILE B 63 -13.01 23.56 -2.54
C ILE B 63 -13.08 23.79 -1.04
N VAL B 64 -11.97 23.57 -0.32
CA VAL B 64 -12.00 23.74 1.12
C VAL B 64 -12.13 25.22 1.48
N SER B 65 -11.60 26.11 0.65
CA SER B 65 -11.71 27.54 0.94
C SER B 65 -13.09 28.08 0.59
N ARG B 66 -13.64 27.70 -0.57
CA ARG B 66 -14.97 28.16 -0.93
C ARG B 66 -16.02 27.68 0.07
N PHE B 67 -15.86 26.47 0.58
CA PHE B 67 -16.76 25.93 1.59
C PHE B 67 -16.18 26.02 2.99
N ARG B 68 -15.27 26.98 3.21
CA ARG B 68 -14.70 27.18 4.54
C ARG B 68 -15.81 27.33 5.57
N GLY B 69 -15.66 26.64 6.69
CA GLY B 69 -16.65 26.67 7.73
C GLY B 69 -17.92 25.92 7.43
N ARG B 70 -17.99 25.24 6.29
CA ARG B 70 -19.18 24.45 5.94
C ARG B 70 -18.83 23.03 5.53
N ILE B 71 -17.61 22.57 5.78
CA ILE B 71 -17.21 21.18 5.54
C ILE B 71 -17.06 20.53 6.90
N ILE B 72 -17.97 19.62 7.20
CA ILE B 72 -17.99 18.87 8.46
C ILE B 72 -17.52 17.45 8.19
N ASN B 73 -16.73 16.91 9.11
CA ASN B 73 -16.16 15.58 8.95
C ASN B 73 -16.49 14.72 10.15
N LEU B 74 -16.88 13.47 9.90
CA LEU B 74 -17.13 12.49 10.96
C LEU B 74 -15.94 11.54 11.01
N HIS B 75 -15.14 11.67 12.05
CA HIS B 75 -13.92 10.87 12.22
C HIS B 75 -13.99 10.09 13.52
N PRO B 76 -14.10 8.69 13.48
CA PRO B 76 -14.26 7.89 14.70
C PRO B 76 -12.95 7.66 15.46
N SER B 77 -12.36 8.76 15.93
CA SER B 77 -11.20 8.71 16.80
C SER B 77 -11.29 9.87 17.78
N LEU B 78 -10.46 9.82 18.82
CA LEU B 78 -10.37 10.91 19.78
C LEU B 78 -9.20 11.79 19.34
N LEU B 79 -9.46 12.62 18.34
CA LEU B 79 -8.44 13.51 17.79
C LEU B 79 -7.75 14.25 18.92
N PRO B 80 -6.44 14.51 18.78
CA PRO B 80 -5.56 14.25 17.63
C PRO B 80 -5.07 12.81 17.53
N TRP B 81 -5.62 11.91 18.36
CA TRP B 81 -5.20 10.52 18.35
C TRP B 81 -5.75 9.80 17.13
N ASN B 82 -4.87 9.09 16.42
CA ASN B 82 -5.27 8.25 15.30
C ASN B 82 -5.91 9.05 14.17
N LYS B 83 -5.16 10.04 13.68
CA LYS B 83 -5.52 10.69 12.44
C LYS B 83 -5.28 9.76 11.27
N GLY B 84 -6.00 10.02 10.17
CA GLY B 84 -5.78 9.26 8.96
C GLY B 84 -6.65 8.03 8.84
N ARG B 85 -6.05 6.93 8.39
CA ARG B 85 -6.80 5.74 8.01
C ARG B 85 -6.80 4.71 9.13
N ASP B 86 -7.87 3.91 9.15
CA ASP B 86 -8.05 2.84 10.13
C ASP B 86 -7.90 3.33 11.57
N PRO B 87 -8.57 4.43 11.93
CA PRO B 87 -8.37 4.99 13.28
C PRO B 87 -8.73 4.02 14.40
N VAL B 88 -9.86 3.34 14.30
CA VAL B 88 -10.31 2.48 15.39
C VAL B 88 -9.30 1.38 15.65
N PHE B 89 -8.76 0.77 14.58
CA PHE B 89 -7.77 -0.29 14.76
C PHE B 89 -6.56 0.23 15.51
N TRP B 90 -6.00 1.36 15.06
CA TRP B 90 -4.83 1.91 15.72
C TRP B 90 -5.14 2.42 17.12
N SER B 91 -6.40 2.78 17.39
CA SER B 91 -6.77 3.12 18.75
C SER B 91 -6.55 1.93 19.68
N VAL B 92 -6.82 0.72 19.19
CA VAL B 92 -6.63 -0.47 20.02
C VAL B 92 -5.16 -0.87 20.05
N TRP B 93 -4.53 -0.96 18.88
CA TRP B 93 -3.15 -1.44 18.81
C TRP B 93 -2.21 -0.48 19.54
N ASP B 94 -2.22 0.80 19.14
CA ASP B 94 -1.37 1.77 19.82
C ASP B 94 -1.87 2.13 21.21
N GLU B 95 -3.00 1.57 21.63
CA GLU B 95 -3.50 1.76 23.00
C GLU B 95 -3.64 3.24 23.33
N THR B 96 -4.30 3.97 22.44
CA THR B 96 -4.54 5.39 22.59
C THR B 96 -5.90 5.61 23.24
N PRO B 97 -6.17 6.83 23.72
CA PRO B 97 -7.52 7.15 24.16
C PRO B 97 -8.52 6.95 23.02
N LYS B 98 -9.69 6.44 23.36
CA LYS B 98 -10.68 6.04 22.37
C LYS B 98 -11.88 6.97 22.39
N GLY B 99 -12.39 7.30 21.21
CA GLY B 99 -13.52 8.20 21.10
C GLY B 99 -13.85 8.48 19.65
N VAL B 100 -14.75 9.45 19.46
CA VAL B 100 -15.21 9.86 18.14
C VAL B 100 -15.29 11.37 18.10
N THR B 101 -14.97 11.96 16.95
CA THR B 101 -14.87 13.41 16.81
C THR B 101 -15.57 13.86 15.54
N ILE B 102 -16.36 14.92 15.66
CA ILE B 102 -16.88 15.66 14.52
C ILE B 102 -16.13 16.98 14.50
N HIS B 103 -15.49 17.29 13.37
CA HIS B 103 -14.56 18.41 13.31
C HIS B 103 -14.64 19.09 11.96
N LEU B 104 -14.00 20.26 11.88
CA LEU B 104 -13.89 21.01 10.65
C LEU B 104 -12.76 20.44 9.79
N ILE B 105 -12.77 20.80 8.52
CA ILE B 105 -11.80 20.32 7.55
C ILE B 105 -10.84 21.48 7.26
N ASP B 106 -9.54 21.23 7.43
CA ASP B 106 -8.52 22.21 7.09
C ASP B 106 -7.76 21.74 5.85
N GLU B 107 -6.56 22.28 5.64
CA GLU B 107 -5.72 21.91 4.51
C GLU B 107 -4.81 20.73 4.79
N HIS B 108 -5.00 20.03 5.91
CA HIS B 108 -4.19 18.86 6.23
C HIS B 108 -5.10 17.70 6.66
N VAL B 109 -4.51 16.60 7.09
CA VAL B 109 -5.26 15.37 7.35
C VAL B 109 -5.75 15.41 8.80
N ASP B 110 -7.03 15.72 8.97
CA ASP B 110 -7.72 15.55 10.25
C ASP B 110 -7.13 16.41 11.36
N THR B 111 -6.73 17.63 11.03
CA THR B 111 -6.18 18.55 12.02
C THR B 111 -7.04 19.78 12.27
N GLY B 112 -8.16 19.94 11.58
CA GLY B 112 -9.01 21.11 11.78
C GLY B 112 -9.65 21.13 13.15
N ASP B 113 -10.21 22.29 13.48
CA ASP B 113 -10.78 22.49 14.81
C ASP B 113 -11.96 21.57 15.06
N ILE B 114 -12.09 21.13 16.30
CA ILE B 114 -13.15 20.20 16.69
C ILE B 114 -14.44 20.97 16.93
N LEU B 115 -15.57 20.34 16.58
CA LEU B 115 -16.90 20.83 16.92
C LEU B 115 -17.47 20.10 18.13
N VAL B 116 -17.55 18.77 18.08
CA VAL B 116 -17.95 17.97 19.23
C VAL B 116 -17.10 16.70 19.25
N GLN B 117 -17.00 16.11 20.44
CA GLN B 117 -16.12 14.99 20.70
C GLN B 117 -16.66 14.24 21.92
N GLU B 118 -16.52 12.92 21.91
CA GLU B 118 -17.06 12.10 22.98
C GLU B 118 -16.20 10.85 23.15
N GLU B 119 -16.13 10.36 24.39
CA GLU B 119 -15.35 9.16 24.68
C GLU B 119 -16.18 7.91 24.45
N ILE B 120 -15.54 6.86 23.95
CA ILE B 120 -16.18 5.57 23.75
C ILE B 120 -15.32 4.51 24.42
N ALA B 121 -15.93 3.36 24.69
CA ALA B 121 -15.26 2.25 25.36
C ALA B 121 -15.45 0.97 24.58
N PHE B 122 -14.36 0.26 24.34
CA PHE B 122 -14.38 -1.06 23.73
C PHE B 122 -14.10 -2.11 24.80
N ALA B 123 -14.87 -3.18 24.78
CA ALA B 123 -14.64 -4.28 25.72
C ALA B 123 -13.48 -5.15 25.25
N ASP B 124 -12.82 -5.79 26.21
CA ASP B 124 -11.69 -6.66 25.87
C ASP B 124 -12.12 -7.84 25.01
N GLU B 125 -13.41 -8.15 24.97
CA GLU B 125 -13.91 -9.28 24.20
C GLU B 125 -14.52 -8.91 22.84
N ASP B 126 -14.65 -7.62 22.54
CA ASP B 126 -15.20 -7.22 21.25
C ASP B 126 -14.18 -7.48 20.14
N THR B 127 -14.68 -7.91 18.98
CA THR B 127 -13.81 -8.03 17.83
C THR B 127 -13.51 -6.65 17.24
N LEU B 128 -12.42 -6.57 16.49
CA LEU B 128 -12.08 -5.30 15.85
C LEU B 128 -13.16 -4.88 14.87
N LEU B 129 -13.89 -5.84 14.31
CA LEU B 129 -15.07 -5.49 13.51
C LEU B 129 -16.15 -4.90 14.41
N ASP B 130 -16.33 -5.48 15.61
CA ASP B 130 -17.28 -4.92 16.56
C ASP B 130 -16.91 -3.50 16.96
N CYS B 131 -15.62 -3.25 17.21
CA CYS B 131 -15.18 -1.90 17.57
C CYS B 131 -15.43 -0.93 16.42
N TYR B 132 -15.15 -1.35 15.20
CA TYR B 132 -15.45 -0.52 14.03
C TYR B 132 -16.94 -0.18 13.98
N ASN B 133 -17.81 -1.15 14.26
CA ASN B 133 -19.25 -0.89 14.22
C ASN B 133 -19.70 -0.05 15.40
N LYS B 134 -19.16 -0.33 16.58
CA LYS B 134 -19.55 0.45 17.77
C LYS B 134 -19.14 1.91 17.62
N ALA B 135 -17.99 2.15 16.98
CA ALA B 135 -17.54 3.53 16.77
C ALA B 135 -18.43 4.25 15.77
N ASN B 136 -18.66 3.64 14.61
CA ASN B 136 -19.51 4.29 13.61
C ASN B 136 -20.91 4.50 14.17
N GLN B 137 -21.44 3.52 14.90
CA GLN B 137 -22.72 3.69 15.57
C GLN B 137 -22.70 4.88 16.51
N ALA B 138 -21.64 4.98 17.32
CA ALA B 138 -21.58 6.05 18.31
C ALA B 138 -21.46 7.42 17.65
N ILE B 139 -20.63 7.55 16.62
CA ILE B 139 -20.42 8.85 15.99
C ILE B 139 -21.67 9.28 15.24
N GLU B 140 -22.39 8.33 14.64
CA GLU B 140 -23.62 8.66 13.92
C GLU B 140 -24.67 9.21 14.89
N GLU B 141 -24.86 8.53 16.03
CA GLU B 141 -25.79 9.06 17.02
C GLU B 141 -25.40 10.45 17.48
N LEU B 142 -24.09 10.69 17.63
CA LEU B 142 -23.63 12.01 18.06
C LEU B 142 -23.97 13.07 17.02
N PHE B 143 -23.73 12.76 15.74
CA PHE B 143 -24.05 13.72 14.69
C PHE B 143 -25.52 14.10 14.74
N ILE B 144 -26.40 13.11 14.92
CA ILE B 144 -27.83 13.40 14.99
C ILE B 144 -28.14 14.29 16.19
N ARG B 145 -27.50 14.03 17.34
CA ARG B 145 -27.76 14.82 18.53
C ARG B 145 -27.33 16.27 18.36
N GLU B 146 -26.19 16.49 17.68
CA GLU B 146 -25.56 17.80 17.65
C GLU B 146 -25.71 18.51 16.31
N TRP B 147 -26.36 17.90 15.33
CA TRP B 147 -26.49 18.54 14.02
C TRP B 147 -27.14 19.91 14.13
N GLU B 148 -28.24 20.00 14.88
CA GLU B 148 -28.92 21.29 15.03
C GLU B 148 -27.97 22.36 15.55
N ASN B 149 -27.17 22.03 16.57
CA ASN B 149 -26.22 23.01 17.08
C ASN B 149 -25.19 23.39 16.02
N ILE B 150 -24.88 22.47 15.09
CA ILE B 150 -23.89 22.77 14.07
C ILE B 150 -24.49 23.64 12.97
N VAL B 151 -25.74 23.36 12.58
CA VAL B 151 -26.39 24.15 11.54
C VAL B 151 -26.37 25.62 11.90
N HIS B 152 -26.95 25.96 13.05
CA HIS B 152 -27.04 27.35 13.47
C HIS B 152 -25.71 27.93 13.91
N GLY B 153 -24.62 27.14 13.87
CA GLY B 153 -23.31 27.68 14.17
C GLY B 153 -23.15 28.19 15.59
N ARG B 154 -23.81 27.55 16.55
CA ARG B 154 -23.72 27.98 17.94
C ARG B 154 -22.65 27.23 18.72
N ILE B 155 -21.95 26.30 18.09
CA ILE B 155 -20.84 25.58 18.73
C ILE B 155 -19.57 26.38 18.50
N ALA B 156 -18.77 26.50 19.56
CA ALA B 156 -17.50 27.22 19.49
C ALA B 156 -16.40 26.23 19.15
N PRO B 157 -15.84 26.24 17.93
CA PRO B 157 -14.80 25.28 17.58
C PRO B 157 -13.51 25.55 18.36
N TYR B 158 -12.95 24.50 18.94
CA TYR B 158 -11.69 24.59 19.68
C TYR B 158 -10.60 23.78 18.98
N ARG B 159 -9.39 24.32 19.01
CA ARG B 159 -8.25 23.68 18.35
C ARG B 159 -7.87 22.39 19.05
N GLN B 160 -7.38 21.42 18.27
CA GLN B 160 -6.99 20.14 18.81
C GLN B 160 -5.78 20.29 19.73
N THR B 161 -5.74 19.45 20.76
CA THR B 161 -4.55 19.33 21.58
C THR B 161 -3.33 19.02 20.71
N ALA B 162 -2.17 19.46 21.18
CA ALA B 162 -0.93 19.18 20.48
C ALA B 162 -0.63 17.68 20.53
N GLY B 163 0.09 17.19 19.52
CA GLY B 163 0.44 15.79 19.54
C GLY B 163 -0.57 14.95 18.81
N GLY B 164 -0.59 13.67 19.11
CA GLY B 164 -1.47 12.73 18.47
C GLY B 164 -0.67 11.72 17.67
N THR B 165 -1.39 10.99 16.83
CA THR B 165 -0.77 10.04 15.92
C THR B 165 -1.38 10.19 14.54
N LEU B 166 -0.71 9.61 13.56
CA LEU B 166 -1.16 9.62 12.17
C LEU B 166 -0.83 8.30 11.52
N HIS B 167 -1.75 7.78 10.71
CA HIS B 167 -1.56 6.53 10.00
C HIS B 167 -2.04 6.67 8.57
N PHE B 168 -1.34 5.99 7.67
CA PHE B 168 -1.64 6.01 6.24
C PHE B 168 -2.30 4.70 5.82
N LYS B 169 -2.74 4.64 4.57
CA LYS B 169 -3.56 3.53 4.11
C LYS B 169 -2.84 2.20 4.24
N ALA B 170 -1.54 2.17 3.93
CA ALA B 170 -0.79 0.92 3.87
C ALA B 170 -0.24 0.47 5.21
N ASP B 171 -0.30 1.30 6.25
CA ASP B 171 0.28 0.93 7.53
C ASP B 171 -0.34 -0.34 8.12
N ARG B 172 -1.51 -0.73 7.65
CA ARG B 172 -2.20 -1.90 8.17
C ARG B 172 -2.00 -3.14 7.30
N ASP B 173 -1.21 -3.06 6.23
CA ASP B 173 -0.99 -4.22 5.38
C ASP B 173 -0.47 -5.40 6.17
N PHE B 174 0.50 -5.17 7.05
CA PHE B 174 1.08 -6.24 7.84
C PHE B 174 0.06 -6.88 8.78
N TYR B 175 -1.05 -6.20 9.07
CA TYR B 175 -2.03 -6.65 10.03
C TYR B 175 -3.36 -7.01 9.38
N LYS B 176 -3.34 -7.34 8.08
CA LYS B 176 -4.58 -7.52 7.34
C LYS B 176 -5.41 -8.70 7.83
N ASN B 177 -4.79 -9.67 8.50
CA ASN B 177 -5.48 -10.88 8.94
C ASN B 177 -6.09 -10.75 10.33
N LEU B 178 -6.03 -9.58 10.94
CA LEU B 178 -6.43 -9.41 12.33
C LEU B 178 -7.83 -8.83 12.50
N ASN B 179 -8.60 -8.68 11.41
CA ASN B 179 -9.85 -7.95 11.50
C ASN B 179 -10.85 -8.64 12.44
N MET B 180 -10.84 -9.97 12.47
CA MET B 180 -11.76 -10.71 13.32
C MET B 180 -11.14 -11.10 14.65
N THR B 181 -9.95 -10.56 14.95
CA THR B 181 -9.34 -10.80 16.24
C THR B 181 -10.02 -9.96 17.31
N THR B 182 -9.89 -10.41 18.55
CA THR B 182 -10.44 -9.72 19.70
C THR B 182 -9.45 -8.68 20.22
N VAL B 183 -9.99 -7.69 20.94
CA VAL B 183 -9.15 -6.67 21.57
C VAL B 183 -8.07 -7.33 22.43
N ARG B 184 -8.49 -8.23 23.32
CA ARG B 184 -7.51 -8.94 24.14
C ARG B 184 -6.52 -9.71 23.27
N GLU B 185 -7.05 -10.55 22.36
CA GLU B 185 -6.18 -11.35 21.50
C GLU B 185 -5.20 -10.47 20.73
N LEU B 186 -5.64 -9.28 20.29
CA LEU B 186 -4.77 -8.42 19.51
C LEU B 186 -3.65 -7.86 20.37
N LEU B 187 -3.98 -7.35 21.55
CA LEU B 187 -2.96 -6.82 22.44
C LEU B 187 -2.00 -7.91 22.90
N ALA B 188 -2.51 -9.13 23.08
CA ALA B 188 -1.63 -10.26 23.40
C ALA B 188 -0.64 -10.48 22.26
N LEU B 189 -1.12 -10.45 21.02
CA LEU B 189 -0.23 -10.57 19.88
C LEU B 189 0.79 -9.45 19.87
N LYS B 190 0.39 -8.25 20.30
CA LYS B 190 1.31 -7.11 20.35
C LYS B 190 2.46 -7.41 21.31
N ARG B 191 2.15 -7.79 22.54
CA ARG B 191 3.19 -8.05 23.53
C ARG B 191 4.17 -9.12 23.05
N LEU B 192 3.71 -10.08 22.25
CA LEU B 192 4.59 -11.15 21.79
C LEU B 192 5.44 -10.72 20.62
N CYS B 193 4.89 -9.90 19.72
CA CYS B 193 5.55 -9.62 18.44
C CYS B 193 5.89 -8.15 18.23
N ALA B 194 5.57 -7.27 19.17
CA ALA B 194 5.86 -5.86 18.97
C ALA B 194 7.35 -5.61 19.04
N GLU B 195 7.79 -4.54 18.37
CA GLU B 195 9.19 -4.14 18.30
C GLU B 195 9.78 -4.06 19.70
N PRO B 196 11.11 -4.10 19.83
CA PRO B 196 11.73 -3.99 21.17
C PRO B 196 11.50 -2.60 21.74
N LYS B 197 11.30 -2.56 23.06
CA LYS B 197 11.10 -1.30 23.75
C LYS B 197 12.39 -0.48 23.73
N ARG B 198 12.24 0.82 23.94
CA ARG B 198 13.36 1.74 23.85
C ARG B 198 14.38 1.47 24.97
N GLY B 199 15.55 2.07 24.82
CA GLY B 199 16.60 2.05 25.82
C GLY B 199 17.75 1.11 25.53
N GLU B 200 17.49 0.02 24.81
CA GLU B 200 18.52 -1.00 24.60
C GLU B 200 19.68 -0.44 23.80
N LYS B 201 20.87 -0.99 24.06
CA LYS B 201 22.11 -0.62 23.41
C LYS B 201 22.74 -1.82 22.72
N PRO B 202 23.55 -1.60 21.68
CA PRO B 202 24.18 -2.73 20.99
C PRO B 202 25.14 -3.48 21.91
N ILE B 203 25.26 -4.80 21.68
CA ILE B 203 26.26 -5.58 22.39
C ILE B 203 27.65 -5.06 22.05
N ASP B 204 28.47 -4.87 23.08
CA ASP B 204 29.74 -4.18 22.96
C ASP B 204 30.92 -5.04 23.41
N LYS B 205 30.76 -6.36 23.44
CA LYS B 205 31.80 -7.26 23.92
C LYS B 205 31.95 -8.43 22.98
N THR B 206 33.21 -8.84 22.77
CA THR B 206 33.49 -10.10 22.10
C THR B 206 33.56 -11.22 23.12
N PHE B 207 33.56 -12.47 22.64
CA PHE B 207 33.57 -13.59 23.57
C PHE B 207 34.88 -13.65 24.34
N HIS B 208 36.00 -13.65 23.62
CA HIS B 208 37.29 -13.75 24.29
C HIS B 208 37.54 -12.56 25.21
N GLN B 209 36.87 -11.43 24.98
CA GLN B 209 36.89 -10.35 25.96
C GLN B 209 36.25 -10.80 27.26
N LEU B 210 35.03 -11.35 27.18
CA LEU B 210 34.33 -11.81 28.37
C LEU B 210 35.03 -13.01 29.01
N PHE B 211 35.70 -13.84 28.20
CA PHE B 211 36.40 -14.99 28.77
C PHE B 211 37.62 -14.53 29.56
N GLU B 212 38.48 -13.72 28.94
CA GLU B 212 39.62 -13.15 29.66
C GLU B 212 39.16 -12.45 30.92
N GLN B 213 37.98 -11.83 30.89
CA GLN B 213 37.39 -11.24 32.08
C GLN B 213 37.13 -12.29 33.14
N GLN B 214 36.53 -13.41 32.74
CA GLN B 214 36.21 -14.48 33.69
C GLN B 214 37.46 -15.13 34.26
N VAL B 215 38.56 -15.12 33.51
CA VAL B 215 39.79 -15.70 34.02
C VAL B 215 40.30 -14.92 35.22
N GLU B 216 40.28 -13.59 35.13
CA GLU B 216 40.73 -12.77 36.25
C GLU B 216 39.82 -12.88 37.47
N MET B 217 38.63 -13.45 37.32
CA MET B 217 37.72 -13.63 38.44
C MET B 217 37.77 -15.02 39.05
N THR B 218 38.10 -16.06 38.27
CA THR B 218 38.25 -17.41 38.79
C THR B 218 39.48 -18.04 38.13
N PRO B 219 40.66 -17.48 38.40
CA PRO B 219 41.85 -17.95 37.67
C PRO B 219 42.27 -19.36 38.03
N ASP B 220 42.07 -19.79 39.28
CA ASP B 220 42.52 -21.10 39.71
C ASP B 220 41.40 -22.14 39.69
N HIS B 221 40.21 -21.76 39.24
CA HIS B 221 39.11 -22.71 39.12
C HIS B 221 39.32 -23.59 37.89
N VAL B 222 38.81 -24.82 37.96
CA VAL B 222 38.97 -25.75 36.84
C VAL B 222 38.16 -25.26 35.65
N ALA B 223 38.79 -25.28 34.48
CA ALA B 223 38.17 -24.85 33.23
C ALA B 223 37.71 -26.04 32.40
N VAL B 224 38.63 -26.95 32.07
CA VAL B 224 38.33 -28.09 31.21
C VAL B 224 39.07 -29.31 31.72
N VAL B 225 38.43 -30.48 31.63
CA VAL B 225 38.99 -31.74 32.09
C VAL B 225 38.84 -32.78 30.99
N ASP B 226 39.92 -33.54 30.74
CA ASP B 226 39.90 -34.64 29.79
C ASP B 226 40.58 -35.85 30.46
N ARG B 227 39.80 -36.88 30.76
CA ARG B 227 40.33 -38.08 31.41
C ARG B 227 40.89 -37.72 32.78
N GLY B 228 42.21 -37.72 32.92
CA GLY B 228 42.83 -37.40 34.20
C GLY B 228 43.42 -36.01 34.22
N GLN B 229 43.64 -35.43 33.05
CA GLN B 229 44.27 -34.12 32.95
C GLN B 229 43.24 -33.00 33.03
N SER B 230 43.71 -31.82 33.43
CA SER B 230 42.84 -30.67 33.59
C SER B 230 43.65 -29.40 33.46
N LEU B 231 42.97 -28.34 33.01
CA LEU B 231 43.54 -27.00 32.94
C LEU B 231 42.64 -26.06 33.73
N THR B 232 43.26 -25.11 34.42
CA THR B 232 42.52 -24.04 35.06
C THR B 232 42.24 -22.94 34.06
N TYR B 233 41.35 -22.02 34.45
CA TYR B 233 41.07 -20.87 33.59
C TYR B 233 42.35 -20.12 33.27
N LYS B 234 43.17 -19.85 34.29
CA LYS B 234 44.44 -19.18 34.06
C LYS B 234 45.36 -20.04 33.20
N GLN B 235 45.46 -21.34 33.50
CA GLN B 235 46.29 -22.22 32.69
C GLN B 235 45.77 -22.30 31.26
N LEU B 236 44.46 -22.50 31.11
CA LEU B 236 43.87 -22.52 29.77
C LEU B 236 44.11 -21.20 29.06
N ASN B 237 43.89 -20.09 29.77
CA ASN B 237 44.03 -18.77 29.16
C ASN B 237 45.45 -18.52 28.70
N GLU B 238 46.44 -18.87 29.53
CA GLU B 238 47.83 -18.59 29.18
C GLU B 238 48.27 -19.40 27.96
N ARG B 239 47.88 -20.68 27.90
CA ARG B 239 48.29 -21.51 26.77
C ARG B 239 47.66 -21.04 25.48
N ALA B 240 46.36 -20.68 25.52
CA ALA B 240 45.71 -20.15 24.33
C ALA B 240 46.40 -18.87 23.85
N ASN B 241 46.81 -18.02 24.80
CA ASN B 241 47.53 -16.80 24.42
C ASN B 241 48.84 -17.14 23.71
N GLN B 242 49.59 -18.10 24.25
CA GLN B 242 50.86 -18.48 23.63
C GLN B 242 50.64 -18.89 22.19
N LEU B 243 49.58 -19.67 21.93
CA LEU B 243 49.28 -20.07 20.56
C LEU B 243 48.68 -18.92 19.77
N ALA B 244 47.89 -18.07 20.43
CA ALA B 244 47.31 -16.92 19.74
C ALA B 244 48.40 -16.00 19.22
N HIS B 245 49.43 -15.74 20.03
CA HIS B 245 50.52 -14.89 19.57
C HIS B 245 51.16 -15.44 18.30
N HIS B 246 51.39 -16.76 18.26
CA HIS B 246 51.96 -17.36 17.06
C HIS B 246 51.01 -17.24 15.88
N LEU B 247 49.70 -17.36 16.12
CA LEU B 247 48.72 -17.25 15.04
C LEU B 247 48.69 -15.85 14.46
N ARG B 248 48.53 -14.82 15.31
CA ARG B 248 48.52 -13.46 14.80
C ARG B 248 49.83 -13.13 14.10
N GLY B 249 50.92 -13.80 14.50
CA GLY B 249 52.20 -13.60 13.83
C GLY B 249 52.21 -14.14 12.41
N LYS B 250 51.49 -15.23 12.16
CA LYS B 250 51.38 -15.83 10.83
C LYS B 250 50.41 -15.09 9.92
N GLY B 251 49.75 -14.04 10.40
CA GLY B 251 48.97 -13.16 9.55
C GLY B 251 47.47 -13.22 9.76
N VAL B 252 46.98 -13.83 10.84
CA VAL B 252 45.55 -13.88 11.10
C VAL B 252 45.05 -12.48 11.44
N LYS B 253 43.90 -12.13 10.88
CA LYS B 253 43.28 -10.83 11.09
C LYS B 253 41.80 -11.05 11.31
N PRO B 254 41.09 -10.06 11.83
CA PRO B 254 39.63 -10.21 12.02
C PRO B 254 38.96 -10.72 10.74
N ASP B 255 37.90 -11.51 10.94
CA ASP B 255 37.11 -12.12 9.87
C ASP B 255 37.89 -13.12 9.03
N ASP B 256 39.10 -13.49 9.42
CA ASP B 256 39.83 -14.55 8.73
C ASP B 256 39.42 -15.88 9.31
N GLN B 257 39.34 -16.90 8.45
CA GLN B 257 39.00 -18.23 8.91
C GLN B 257 40.26 -19.02 9.19
N VAL B 258 40.23 -19.77 10.29
CA VAL B 258 41.32 -20.66 10.68
C VAL B 258 40.67 -22.00 10.97
N ALA B 259 41.07 -23.02 10.22
CA ALA B 259 40.47 -24.34 10.36
C ALA B 259 41.07 -25.08 11.54
N ILE B 260 40.23 -25.83 12.24
CA ILE B 260 40.64 -26.69 13.35
C ILE B 260 40.17 -28.11 13.03
N MET B 261 41.12 -29.03 12.93
CA MET B 261 40.85 -30.44 12.68
C MET B 261 41.49 -31.23 13.82
N LEU B 262 40.69 -31.50 14.86
CA LEU B 262 41.20 -32.21 16.03
C LEU B 262 40.08 -33.05 16.62
N ASP B 263 40.46 -34.07 17.38
CA ASP B 263 39.48 -34.76 18.19
C ASP B 263 39.26 -34.00 19.49
N LYS B 264 38.15 -34.31 20.15
CA LYS B 264 37.85 -33.63 21.41
C LYS B 264 38.99 -33.86 22.39
N SER B 265 39.54 -32.77 22.91
CA SER B 265 40.70 -32.84 23.78
C SER B 265 40.95 -31.43 24.32
N LEU B 266 41.91 -31.32 25.23
CA LEU B 266 42.30 -30.01 25.72
C LEU B 266 42.84 -29.15 24.58
N ASP B 267 43.58 -29.76 23.67
CA ASP B 267 44.16 -29.00 22.55
C ASP B 267 43.06 -28.34 21.72
N MET B 268 41.85 -28.92 21.71
CA MET B 268 40.76 -28.33 20.95
C MET B 268 40.32 -27.01 21.58
N ILE B 269 40.12 -27.01 22.90
CA ILE B 269 39.72 -25.79 23.59
C ILE B 269 40.81 -24.74 23.48
N VAL B 270 42.06 -25.15 23.67
CA VAL B 270 43.17 -24.21 23.50
C VAL B 270 43.18 -23.65 22.09
N SER B 271 42.94 -24.50 21.10
CA SER B 271 43.00 -24.06 19.71
C SER B 271 41.86 -23.11 19.39
N ILE B 272 40.65 -23.43 19.85
CA ILE B 272 39.50 -22.57 19.59
C ILE B 272 39.75 -21.18 20.16
N LEU B 273 40.04 -21.10 21.46
CA LEU B 273 40.26 -19.80 22.08
C LEU B 273 41.45 -19.10 21.45
N ALA B 274 42.47 -19.85 21.05
CA ALA B 274 43.61 -19.25 20.39
C ALA B 274 43.20 -18.55 19.11
N VAL B 275 42.33 -19.19 18.32
CA VAL B 275 41.86 -18.57 17.08
C VAL B 275 41.09 -17.29 17.38
N MET B 276 40.14 -17.36 18.33
CA MET B 276 39.42 -16.17 18.75
C MET B 276 40.37 -15.05 19.15
N LYS B 277 41.22 -15.33 20.12
CA LYS B 277 42.09 -14.30 20.69
C LYS B 277 43.05 -13.75 19.65
N ALA B 278 43.41 -14.55 18.65
CA ALA B 278 44.25 -14.04 17.57
C ALA B 278 43.50 -13.01 16.73
N GLY B 279 42.20 -13.20 16.56
CA GLY B 279 41.39 -12.24 15.83
C GLY B 279 40.38 -12.89 14.90
N GLY B 280 40.65 -14.12 14.47
CA GLY B 280 39.85 -14.76 13.45
C GLY B 280 38.69 -15.57 14.01
N ALA B 281 38.06 -16.32 13.10
CA ALA B 281 36.95 -17.22 13.43
C ALA B 281 37.38 -18.63 13.08
N TYR B 282 36.96 -19.59 13.90
CA TYR B 282 37.43 -20.96 13.76
C TYR B 282 36.43 -21.79 12.97
N VAL B 283 36.96 -22.63 12.09
CA VAL B 283 36.16 -23.52 11.24
C VAL B 283 36.40 -24.94 11.71
N PRO B 284 35.51 -25.51 12.53
CA PRO B 284 35.74 -26.86 13.04
C PRO B 284 35.51 -27.92 11.98
N ILE B 285 36.39 -28.92 11.96
CA ILE B 285 36.32 -30.02 11.01
C ILE B 285 36.49 -31.31 11.78
N ASP B 286 35.43 -32.10 11.88
CA ASP B 286 35.50 -33.40 12.53
C ASP B 286 36.38 -34.33 11.69
N PRO B 287 37.47 -34.90 12.25
CA PRO B 287 38.33 -35.76 11.42
C PRO B 287 37.68 -37.06 11.01
N ASP B 288 36.63 -37.52 11.71
CA ASP B 288 35.93 -38.73 11.34
C ASP B 288 35.03 -38.56 10.13
N TYR B 289 35.02 -37.37 9.52
CA TYR B 289 34.23 -37.13 8.32
C TYR B 289 34.87 -37.78 7.10
N PRO B 290 34.07 -38.17 6.11
CA PRO B 290 34.64 -38.64 4.85
C PRO B 290 35.56 -37.59 4.24
N GLY B 291 36.61 -38.07 3.59
CA GLY B 291 37.60 -37.19 3.00
C GLY B 291 37.05 -36.24 1.95
N GLU B 292 35.89 -36.56 1.37
CA GLU B 292 35.28 -35.68 0.38
C GLU B 292 34.72 -34.42 1.04
N ARG B 293 33.94 -34.59 2.10
CA ARG B 293 33.40 -33.43 2.80
C ARG B 293 34.52 -32.60 3.41
N ILE B 294 35.51 -33.27 4.00
CA ILE B 294 36.66 -32.56 4.55
C ILE B 294 37.37 -31.76 3.46
N ALA B 295 37.73 -32.41 2.36
CA ALA B 295 38.39 -31.72 1.27
C ALA B 295 37.57 -30.52 0.81
N TYR B 296 36.24 -30.68 0.77
CA TYR B 296 35.36 -29.60 0.35
C TYR B 296 35.32 -28.48 1.38
N MET B 297 35.27 -28.82 2.66
CA MET B 297 35.19 -27.80 3.70
C MET B 297 36.40 -26.87 3.65
N LEU B 298 37.60 -27.42 3.47
CA LEU B 298 38.78 -26.57 3.36
C LEU B 298 38.75 -25.73 2.09
N ALA B 299 38.19 -26.26 1.01
CA ALA B 299 38.15 -25.54 -0.25
C ALA B 299 37.21 -24.34 -0.16
N ASP B 300 35.95 -24.61 0.21
CA ASP B 300 34.98 -23.52 0.38
C ASP B 300 35.50 -22.47 1.33
N SER B 301 35.85 -22.89 2.55
CA SER B 301 36.43 -21.97 3.52
C SER B 301 37.71 -21.36 2.97
N SER B 302 37.93 -20.08 3.27
CA SER B 302 39.12 -19.37 2.86
C SER B 302 40.29 -19.58 3.81
N ALA B 303 40.23 -20.60 4.66
CA ALA B 303 41.24 -20.81 5.69
C ALA B 303 42.60 -21.06 5.08
N ALA B 304 43.56 -20.20 5.41
CA ALA B 304 44.95 -20.41 5.01
C ALA B 304 45.72 -21.24 6.03
N ILE B 305 45.20 -21.38 7.26
CA ILE B 305 45.90 -22.06 8.34
C ILE B 305 45.04 -23.18 8.87
N LEU B 306 45.68 -24.30 9.23
CA LEU B 306 45.00 -25.46 9.80
C LEU B 306 45.72 -25.87 11.07
N LEU B 307 44.99 -25.86 12.18
CA LEU B 307 45.48 -26.41 13.45
C LEU B 307 45.09 -27.87 13.51
N THR B 308 46.07 -28.75 13.72
CA THR B 308 45.78 -30.17 13.69
C THR B 308 46.96 -30.95 14.28
N ASN B 309 46.72 -32.24 14.46
CA ASN B 309 47.72 -33.19 14.94
C ASN B 309 48.60 -33.64 13.77
N ALA B 310 49.63 -34.43 14.11
CA ALA B 310 50.30 -35.22 13.09
C ALA B 310 49.46 -36.43 12.70
N LEU B 311 48.51 -36.82 13.57
CA LEU B 311 47.63 -37.94 13.27
C LEU B 311 46.69 -37.64 12.11
N HIS B 312 45.94 -36.53 12.21
CA HIS B 312 45.01 -36.14 11.17
C HIS B 312 45.63 -35.20 10.13
N GLU B 313 46.93 -34.95 10.22
CA GLU B 313 47.58 -34.01 9.31
C GLU B 313 47.31 -34.36 7.85
N GLU B 314 47.35 -35.64 7.51
CA GLU B 314 47.29 -36.04 6.12
C GLU B 314 45.89 -35.94 5.53
N LYS B 315 44.84 -35.91 6.36
CA LYS B 315 43.48 -35.83 5.82
C LYS B 315 43.23 -34.53 5.07
N ALA B 316 44.15 -33.56 5.14
CA ALA B 316 43.99 -32.30 4.42
C ALA B 316 44.69 -32.31 3.07
N ASN B 317 45.58 -33.26 2.83
CA ASN B 317 46.28 -33.38 1.55
C ASN B 317 46.93 -32.04 1.16
N GLY B 318 47.71 -31.49 2.09
CA GLY B 318 48.50 -30.30 1.83
C GLY B 318 47.72 -29.10 1.37
N ALA B 319 46.44 -28.99 1.74
CA ALA B 319 45.61 -27.91 1.25
C ALA B 319 46.06 -26.54 1.77
N CYS B 320 46.53 -26.45 3.02
CA CYS B 320 46.83 -25.17 3.65
C CYS B 320 48.05 -25.29 4.58
N ASP B 321 48.57 -24.15 5.05
CA ASP B 321 49.68 -24.16 6.01
C ASP B 321 49.24 -24.83 7.30
N ILE B 322 49.93 -25.87 7.69
CA ILE B 322 49.55 -26.60 8.89
C ILE B 322 50.32 -26.05 10.08
N ILE B 323 49.62 -25.93 11.21
CA ILE B 323 50.21 -25.56 12.50
C ILE B 323 50.00 -26.76 13.43
N ASP B 324 51.11 -27.36 13.86
CA ASP B 324 51.07 -28.52 14.74
C ASP B 324 50.83 -28.04 16.17
N VAL B 325 49.68 -28.40 16.75
CA VAL B 325 49.42 -28.04 18.13
C VAL B 325 50.33 -28.75 19.11
N HIS B 326 51.10 -29.73 18.62
CA HIS B 326 52.05 -30.47 19.45
C HIS B 326 53.49 -30.04 19.24
N ASP B 327 53.73 -29.10 18.32
CA ASP B 327 55.06 -28.56 18.13
C ASP B 327 55.26 -27.39 19.07
N PRO B 328 56.19 -27.46 20.04
CA PRO B 328 56.38 -26.30 20.93
C PRO B 328 56.70 -25.02 20.19
N ASP B 329 57.12 -25.10 18.93
CA ASP B 329 57.35 -23.89 18.15
C ASP B 329 56.05 -23.20 17.78
N SER B 330 54.93 -23.92 17.77
CA SER B 330 53.64 -23.31 17.49
C SER B 330 53.14 -22.46 18.66
N TYR B 331 53.83 -22.49 19.79
CA TYR B 331 53.45 -21.72 20.98
C TYR B 331 54.52 -20.68 21.27
N SER B 332 54.09 -19.44 21.45
CA SER B 332 54.99 -18.35 21.75
C SER B 332 55.37 -18.37 23.23
N GLU B 333 56.35 -17.53 23.59
CA GLU B 333 56.69 -17.38 25.00
C GLU B 333 55.71 -16.47 25.71
N ASN B 334 55.13 -15.51 25.00
CA ASN B 334 54.29 -14.49 25.62
C ASN B 334 53.01 -15.14 26.15
N THR B 335 52.72 -14.89 27.42
CA THR B 335 51.56 -15.46 28.08
C THR B 335 50.48 -14.43 28.34
N ASN B 336 50.70 -13.18 27.95
CA ASN B 336 49.74 -12.11 28.23
C ASN B 336 48.62 -12.10 27.21
N ASN B 337 47.49 -11.55 27.62
CA ASN B 337 46.37 -11.35 26.69
C ASN B 337 46.79 -10.41 25.56
N LEU B 338 46.36 -10.73 24.35
CA LEU B 338 46.73 -9.95 23.20
C LEU B 338 45.97 -8.63 23.15
N PRO B 339 46.53 -7.62 22.48
CA PRO B 339 45.76 -6.41 22.24
C PRO B 339 44.50 -6.72 21.44
N HIS B 340 43.36 -6.23 21.95
CA HIS B 340 42.08 -6.44 21.29
C HIS B 340 42.04 -5.76 19.93
N VAL B 341 41.46 -6.45 18.94
CA VAL B 341 41.36 -5.92 17.58
C VAL B 341 40.02 -6.28 16.96
N ASN B 342 39.11 -6.86 17.74
CA ASN B 342 37.85 -7.36 17.24
C ASN B 342 36.69 -6.46 17.65
N ARG B 343 35.64 -6.49 16.82
CA ARG B 343 34.36 -5.88 17.12
C ARG B 343 33.29 -6.96 17.27
N PRO B 344 32.18 -6.67 17.92
CA PRO B 344 31.14 -7.70 18.08
C PRO B 344 30.57 -8.20 16.76
N ASP B 345 30.76 -7.49 15.65
CA ASP B 345 30.24 -7.94 14.37
C ASP B 345 31.26 -8.69 13.55
N ASP B 346 32.40 -9.05 14.15
CA ASP B 346 33.35 -9.88 13.44
C ASP B 346 32.95 -11.35 13.57
N LEU B 347 33.40 -12.15 12.62
CA LEU B 347 33.09 -13.58 12.64
C LEU B 347 33.72 -14.24 13.86
N VAL B 348 32.98 -15.16 14.48
CA VAL B 348 33.48 -15.97 15.56
C VAL B 348 33.68 -17.43 15.15
N TYR B 349 32.78 -17.96 14.31
CA TYR B 349 32.97 -19.30 13.80
C TYR B 349 32.12 -19.50 12.55
N VAL B 350 32.47 -20.54 11.79
CA VAL B 350 31.77 -20.92 10.57
C VAL B 350 31.52 -22.42 10.64
N MET B 351 30.27 -22.81 10.84
CA MET B 351 29.86 -24.20 10.85
C MET B 351 28.97 -24.49 9.64
N TYR B 352 29.06 -25.72 9.14
CA TYR B 352 28.37 -26.12 7.91
C TYR B 352 27.12 -26.92 8.22
N THR B 353 26.12 -26.80 7.33
CA THR B 353 24.91 -27.58 7.39
C THR B 353 25.05 -28.84 6.53
N SER B 354 24.44 -29.92 6.99
CA SER B 354 24.54 -31.19 6.27
C SER B 354 23.83 -31.08 4.93
N GLY B 355 24.31 -31.86 3.97
CA GLY B 355 23.73 -31.86 2.64
C GLY B 355 22.55 -32.82 2.50
N SER B 356 21.48 -32.61 3.28
CA SER B 356 20.27 -33.39 3.04
C SER B 356 19.72 -33.03 1.67
N THR B 357 19.79 -31.75 1.33
CA THR B 357 19.40 -31.20 0.05
C THR B 357 20.58 -30.37 -0.45
N GLY B 358 21.23 -30.79 -1.53
CA GLY B 358 22.32 -30.04 -2.10
C GLY B 358 23.64 -30.15 -1.33
N LEU B 359 24.54 -29.20 -1.63
CA LEU B 359 25.85 -29.13 -1.02
C LEU B 359 25.77 -28.50 0.37
N ALA B 360 26.80 -28.77 1.18
CA ALA B 360 26.85 -28.21 2.52
C ALA B 360 27.17 -26.72 2.47
N LYS B 361 26.47 -25.96 3.31
CA LYS B 361 26.57 -24.51 3.32
C LYS B 361 27.22 -24.03 4.61
N GLY B 362 28.17 -23.12 4.49
CA GLY B 362 28.88 -22.61 5.65
C GLY B 362 28.16 -21.47 6.33
N VAL B 363 27.56 -21.74 7.49
CA VAL B 363 26.86 -20.72 8.25
C VAL B 363 27.88 -19.85 8.98
N MET B 364 27.80 -18.54 8.77
CA MET B 364 28.69 -17.58 9.40
C MET B 364 28.01 -17.03 10.65
N ILE B 365 28.73 -17.07 11.77
CA ILE B 365 28.22 -16.56 13.04
C ILE B 365 29.20 -15.51 13.55
N GLU B 366 28.66 -14.42 14.09
CA GLU B 366 29.46 -13.32 14.60
C GLU B 366 29.50 -13.35 16.12
N HIS B 367 30.48 -12.62 16.68
CA HIS B 367 30.67 -12.62 18.13
C HIS B 367 29.39 -12.21 18.85
N HIS B 368 28.77 -11.10 18.43
CA HIS B 368 27.58 -10.63 19.12
C HIS B 368 26.49 -11.70 19.13
N ASN B 369 26.44 -12.54 18.09
CA ASN B 369 25.51 -13.66 18.09
C ASN B 369 25.80 -14.60 19.26
N LEU B 370 27.06 -15.01 19.39
CA LEU B 370 27.45 -15.96 20.44
C LEU B 370 27.32 -15.33 21.81
N VAL B 371 27.79 -14.08 21.97
CA VAL B 371 27.73 -13.42 23.27
C VAL B 371 26.29 -13.38 23.78
N ASN B 372 25.35 -13.01 22.90
CA ASN B 372 23.96 -12.91 23.31
C ASN B 372 23.46 -14.21 23.91
N PHE B 373 23.80 -15.34 23.28
CA PHE B 373 23.31 -16.63 23.76
C PHE B 373 23.89 -16.94 25.14
N CYS B 374 25.21 -16.76 25.29
CA CYS B 374 25.86 -17.08 26.55
C CYS B 374 25.31 -16.20 27.67
N GLU B 375 25.18 -14.90 27.41
CA GLU B 375 24.69 -14.00 28.44
C GLU B 375 23.25 -14.29 28.81
N TRP B 376 22.47 -14.90 27.92
CA TRP B 376 21.14 -15.37 28.28
C TRP B 376 21.20 -16.71 29.00
N TYR B 377 22.11 -17.58 28.56
CA TYR B 377 22.18 -18.93 29.08
C TYR B 377 22.55 -18.95 30.56
N ARG B 378 23.51 -18.12 30.97
CA ARG B 378 24.00 -18.18 32.35
C ARG B 378 22.89 -17.90 33.35
N PRO B 379 22.16 -16.78 33.28
CA PRO B 379 21.16 -16.50 34.31
C PRO B 379 19.89 -17.33 34.14
N TYR B 380 19.55 -17.68 32.91
CA TYR B 380 18.35 -18.48 32.67
C TYR B 380 18.47 -19.83 33.37
N PHE B 381 19.61 -20.50 33.21
CA PHE B 381 19.83 -21.80 33.83
C PHE B 381 20.56 -21.69 35.17
N GLY B 382 20.86 -20.48 35.64
CA GLY B 382 21.50 -20.30 36.93
C GLY B 382 22.83 -21.03 37.05
N VAL B 383 23.69 -20.84 36.05
CA VAL B 383 24.99 -21.49 36.02
C VAL B 383 25.95 -20.76 36.94
N THR B 384 26.74 -21.52 37.70
CA THR B 384 27.71 -21.00 38.64
C THR B 384 28.99 -21.82 38.55
N PRO B 385 30.11 -21.30 39.07
CA PRO B 385 31.37 -22.06 39.02
C PRO B 385 31.26 -23.44 39.64
N ALA B 386 30.29 -23.63 40.54
CA ALA B 386 30.09 -24.94 41.15
C ALA B 386 29.67 -25.98 40.13
N ASP B 387 29.18 -25.56 38.97
CA ASP B 387 28.63 -26.49 37.99
C ASP B 387 29.73 -27.17 37.18
N LYS B 388 29.35 -28.28 36.55
CA LYS B 388 30.21 -29.05 35.67
C LYS B 388 29.37 -29.52 34.47
N ALA B 389 29.90 -29.36 33.27
CA ALA B 389 29.15 -29.62 32.05
C ALA B 389 29.93 -30.54 31.12
N LEU B 390 29.19 -31.27 30.28
CA LEU B 390 29.79 -32.14 29.29
C LEU B 390 30.04 -31.41 27.98
N VAL B 391 31.16 -31.76 27.35
CA VAL B 391 31.48 -31.33 26.00
C VAL B 391 31.10 -32.48 25.07
N TYR B 392 29.81 -32.67 24.84
CA TYR B 392 29.31 -33.89 24.21
C TYR B 392 29.28 -33.80 22.68
N SER B 393 28.55 -32.83 22.15
CA SER B 393 28.31 -32.78 20.71
C SER B 393 29.61 -32.66 19.94
N SER B 394 29.59 -33.18 18.70
CA SER B 394 30.70 -32.96 17.79
C SER B 394 30.98 -31.47 17.66
N PHE B 395 32.26 -31.11 17.64
CA PHE B 395 32.60 -29.70 17.61
C PHE B 395 32.44 -29.10 16.20
N SER B 396 31.94 -29.87 15.25
CA SER B 396 31.49 -29.35 13.96
C SER B 396 30.03 -28.93 13.98
N PHE B 397 29.30 -29.24 15.05
CA PHE B 397 27.93 -28.77 15.22
C PHE B 397 27.92 -27.62 16.23
N ASP B 398 26.84 -26.84 16.21
CA ASP B 398 26.74 -25.70 17.12
C ASP B 398 26.43 -26.14 18.54
N GLY B 399 26.05 -27.39 18.75
CA GLY B 399 25.83 -27.86 20.11
C GLY B 399 27.07 -27.79 20.97
N SER B 400 28.25 -27.93 20.35
CA SER B 400 29.49 -27.79 21.11
C SER B 400 29.69 -26.34 21.54
N ALA B 401 29.28 -25.39 20.69
CA ALA B 401 29.33 -23.99 21.09
C ALA B 401 28.54 -23.77 22.37
N LEU B 402 27.41 -24.46 22.50
CA LEU B 402 26.67 -24.44 23.77
C LEU B 402 27.50 -25.06 24.89
N ASP B 403 28.05 -26.25 24.65
CA ASP B 403 28.79 -26.95 25.69
C ASP B 403 30.00 -26.14 26.15
N ILE B 404 30.76 -25.61 25.20
CA ILE B 404 32.03 -24.97 25.52
C ILE B 404 31.81 -23.53 25.97
N PHE B 405 31.17 -22.73 25.12
CA PHE B 405 31.19 -21.28 25.32
C PHE B 405 30.31 -20.82 26.46
N THR B 406 29.10 -21.39 26.60
CA THR B 406 28.19 -20.89 27.62
C THR B 406 28.80 -21.07 29.00
N HIS B 407 29.25 -22.28 29.31
CA HIS B 407 29.73 -22.57 30.66
C HIS B 407 31.08 -21.93 30.96
N LEU B 408 31.89 -21.66 29.94
CA LEU B 408 33.17 -21.02 30.20
C LEU B 408 33.01 -19.60 30.72
N LEU B 409 31.97 -18.89 30.27
CA LEU B 409 31.70 -17.56 30.79
C LEU B 409 30.98 -17.58 32.13
N ALA B 410 30.50 -18.75 32.56
CA ALA B 410 29.92 -18.91 33.89
C ALA B 410 30.93 -19.37 34.94
N GLY B 411 32.16 -19.67 34.54
CA GLY B 411 33.15 -20.14 35.48
C GLY B 411 33.09 -21.62 35.79
N ALA B 412 32.22 -22.37 35.12
CA ALA B 412 32.06 -23.79 35.37
C ALA B 412 33.23 -24.56 34.76
N ALA B 413 33.21 -25.88 34.94
CA ALA B 413 34.26 -26.76 34.46
C ALA B 413 33.72 -27.62 33.33
N LEU B 414 34.46 -27.66 32.22
CA LEU B 414 34.11 -28.49 31.09
C LEU B 414 34.74 -29.87 31.26
N HIS B 415 34.00 -30.90 30.87
CA HIS B 415 34.46 -32.29 30.93
C HIS B 415 34.37 -32.90 29.55
N ILE B 416 35.52 -33.18 28.94
CA ILE B 416 35.54 -33.76 27.59
C ILE B 416 34.87 -35.12 27.61
N VAL B 417 34.11 -35.41 26.57
CA VAL B 417 33.53 -36.73 26.35
C VAL B 417 34.36 -37.42 25.28
N PRO B 418 35.09 -38.47 25.59
CA PRO B 418 35.87 -39.19 24.58
C PRO B 418 34.96 -40.09 23.75
N SER B 419 35.57 -40.82 22.82
CA SER B 419 34.80 -41.67 21.92
C SER B 419 34.20 -42.87 22.64
N GLU B 420 34.89 -43.40 23.65
CA GLU B 420 34.50 -44.67 24.26
C GLU B 420 33.17 -44.61 24.98
N ARG B 421 32.72 -43.43 25.39
CA ARG B 421 31.39 -43.28 25.96
C ARG B 421 30.59 -42.25 25.20
N LYS B 422 30.86 -42.12 23.90
CA LYS B 422 30.04 -41.29 23.01
C LYS B 422 28.67 -41.92 22.81
N TYR B 423 28.64 -43.24 22.60
CA TYR B 423 27.41 -43.99 22.34
C TYR B 423 26.96 -44.84 23.52
N ASP B 424 27.89 -45.37 24.31
CA ASP B 424 27.53 -46.17 25.48
C ASP B 424 27.10 -45.20 26.57
N LEU B 425 25.79 -44.98 26.68
CA LEU B 425 25.27 -43.96 27.56
C LEU B 425 25.12 -44.44 29.00
N ASP B 426 25.15 -45.76 29.23
CA ASP B 426 25.22 -46.26 30.60
C ASP B 426 26.58 -45.97 31.21
N ALA B 427 27.64 -46.14 30.43
CA ALA B 427 28.98 -45.79 30.90
C ALA B 427 29.12 -44.29 31.11
N LEU B 428 28.53 -43.50 30.22
CA LEU B 428 28.56 -42.06 30.37
C LEU B 428 27.84 -41.62 31.63
N ASN B 429 26.69 -42.22 31.92
CA ASN B 429 25.98 -41.90 33.16
C ASN B 429 26.88 -42.11 34.37
N ASP B 430 27.69 -43.17 34.36
CA ASP B 430 28.57 -43.42 35.49
C ASP B 430 29.58 -42.29 35.64
N TYR B 431 30.21 -41.88 34.54
CA TYR B 431 31.12 -40.74 34.57
C TYR B 431 30.45 -39.53 35.19
N CYS B 432 29.19 -39.26 34.80
CA CYS B 432 28.47 -38.11 35.34
C CYS B 432 28.29 -38.23 36.84
N ASN B 433 27.97 -39.43 37.33
CA ASN B 433 27.76 -39.62 38.75
C ASN B 433 29.06 -39.47 39.53
N GLN B 434 30.15 -40.04 39.00
CA GLN B 434 31.46 -39.85 39.61
C GLN B 434 31.79 -38.38 39.74
N GLU B 435 32.00 -37.72 38.59
CA GLU B 435 32.47 -36.34 38.58
C GLU B 435 31.41 -35.34 39.01
N GLY B 436 30.16 -35.77 39.19
CA GLY B 436 29.12 -34.87 39.64
C GLY B 436 28.73 -33.84 38.60
N ILE B 437 28.48 -34.29 37.37
CA ILE B 437 28.13 -33.39 36.29
C ILE B 437 26.70 -32.89 36.51
N THR B 438 26.51 -31.57 36.39
CA THR B 438 25.28 -30.92 36.81
C THR B 438 24.39 -30.45 35.67
N ILE B 439 24.95 -30.08 34.52
CA ILE B 439 24.16 -29.50 33.43
C ILE B 439 24.83 -29.87 32.11
N SER B 440 24.01 -30.12 31.09
CA SER B 440 24.53 -30.40 29.76
C SER B 440 23.39 -30.41 28.76
N TYR B 441 23.75 -30.25 27.49
CA TYR B 441 22.82 -30.37 26.39
C TYR B 441 23.11 -31.67 25.65
N LEU B 442 22.05 -32.47 25.45
CA LEU B 442 22.13 -33.70 24.70
C LEU B 442 21.15 -33.65 23.54
N PRO B 443 21.55 -33.98 22.32
CA PRO B 443 20.58 -34.05 21.24
C PRO B 443 19.40 -34.91 21.64
N THR B 444 18.24 -34.65 21.03
CA THR B 444 17.02 -35.33 21.45
C THR B 444 17.20 -36.84 21.44
N GLY B 445 17.85 -37.38 20.41
CA GLY B 445 18.09 -38.81 20.33
C GLY B 445 18.77 -39.34 21.58
N ALA B 446 19.94 -38.77 21.90
CA ALA B 446 20.68 -39.24 23.06
C ALA B 446 19.98 -38.88 24.36
N ALA B 447 19.27 -37.74 24.39
CA ALA B 447 18.59 -37.33 25.62
C ALA B 447 17.49 -38.31 26.00
N GLU B 448 16.74 -38.80 25.01
CA GLU B 448 15.67 -39.75 25.30
C GLU B 448 16.23 -41.05 25.88
N GLN B 449 17.45 -41.42 25.48
CA GLN B 449 18.06 -42.62 26.01
C GLN B 449 18.49 -42.42 27.44
N PHE B 450 19.09 -41.26 27.74
CA PHE B 450 19.58 -40.99 29.09
C PHE B 450 18.48 -40.99 30.13
N MET B 451 17.22 -40.87 29.70
CA MET B 451 16.11 -40.94 30.65
C MET B 451 15.99 -42.33 31.24
N GLN B 452 16.45 -43.35 30.52
CA GLN B 452 16.46 -44.71 31.03
C GLN B 452 17.57 -44.93 32.04
N MET B 453 18.71 -44.26 31.89
CA MET B 453 19.80 -44.42 32.83
C MET B 453 19.44 -43.80 34.18
N ASP B 454 19.90 -44.43 35.25
CA ASP B 454 19.67 -43.92 36.59
C ASP B 454 20.74 -42.87 36.90
N ASN B 455 20.33 -41.61 37.00
CA ASN B 455 21.24 -40.50 37.22
C ASN B 455 20.89 -39.79 38.51
N GLN B 456 21.91 -39.27 39.18
CA GLN B 456 21.75 -38.46 40.38
C GLN B 456 22.55 -37.17 40.32
N SER B 457 23.46 -37.02 39.37
CA SER B 457 24.33 -35.85 39.32
C SER B 457 23.64 -34.66 38.66
N PHE B 458 22.90 -34.90 37.59
CA PHE B 458 22.40 -33.79 36.78
C PHE B 458 21.42 -32.93 37.56
N ARG B 459 21.51 -31.62 37.31
CA ARG B 459 20.57 -30.63 37.82
C ARG B 459 19.67 -30.08 36.74
N VAL B 460 20.18 -30.01 35.51
CA VAL B 460 19.43 -29.58 34.34
C VAL B 460 19.94 -30.38 33.15
N VAL B 461 19.03 -30.75 32.25
CA VAL B 461 19.40 -31.35 30.98
C VAL B 461 18.64 -30.61 29.90
N ILE B 462 19.32 -30.27 28.82
CA ILE B 462 18.75 -29.49 27.73
C ILE B 462 18.75 -30.36 26.48
N THR B 463 17.65 -30.33 25.73
CA THR B 463 17.55 -31.11 24.53
C THR B 463 16.99 -30.26 23.40
N GLY B 464 17.27 -30.68 22.17
CA GLY B 464 16.80 -29.97 21.01
C GLY B 464 17.35 -30.63 19.76
N GLY B 465 16.77 -30.26 18.62
CA GLY B 465 17.15 -30.82 17.34
C GLY B 465 15.98 -31.46 16.64
N ASP B 466 15.87 -32.78 16.72
CA ASP B 466 14.69 -33.46 16.19
C ASP B 466 13.54 -33.31 17.19
N VAL B 467 12.38 -33.83 16.81
CA VAL B 467 11.18 -33.65 17.63
C VAL B 467 11.29 -34.48 18.90
N LEU B 468 11.21 -33.81 20.05
CA LEU B 468 11.16 -34.51 21.33
C LEU B 468 9.81 -35.17 21.51
N LYS B 469 9.80 -36.31 22.18
CA LYS B 469 8.56 -37.04 22.41
C LYS B 469 8.54 -37.68 23.79
N LYS B 470 9.65 -38.27 24.22
CA LYS B 470 9.68 -38.92 25.53
C LYS B 470 10.08 -37.92 26.61
N ILE B 471 9.54 -38.11 27.80
CA ILE B 471 9.75 -37.18 28.91
C ILE B 471 10.10 -37.95 30.17
N GLU B 472 9.54 -39.14 30.34
CA GLU B 472 9.74 -39.91 31.56
C GLU B 472 11.21 -40.24 31.75
N ARG B 473 11.75 -39.87 32.91
CA ARG B 473 13.16 -40.03 33.21
C ARG B 473 13.33 -40.44 34.68
N ASN B 474 14.44 -41.13 34.95
CA ASN B 474 14.69 -41.62 36.30
C ASN B 474 15.24 -40.53 37.21
N GLY B 475 16.21 -39.77 36.71
CA GLY B 475 16.85 -38.74 37.51
C GLY B 475 15.88 -37.71 38.04
N THR B 476 16.38 -36.76 38.84
CA THR B 476 15.56 -35.73 39.45
C THR B 476 15.87 -34.35 38.86
N TYR B 477 16.24 -34.30 37.58
CA TYR B 477 16.72 -33.09 36.96
C TYR B 477 15.64 -32.46 36.10
N LYS B 478 15.71 -31.13 35.98
CA LYS B 478 14.80 -30.41 35.10
C LYS B 478 15.11 -30.73 33.65
N LEU B 479 14.06 -30.94 32.86
CA LEU B 479 14.20 -31.17 31.42
C LEU B 479 13.77 -29.92 30.66
N TYR B 480 14.56 -29.57 29.65
CA TYR B 480 14.34 -28.37 28.86
C TYR B 480 14.38 -28.72 27.38
N ASN B 481 13.35 -28.34 26.65
CA ASN B 481 13.28 -28.53 25.20
C ASN B 481 13.47 -27.19 24.50
N GLY B 482 14.42 -27.14 23.56
CA GLY B 482 14.70 -25.92 22.82
C GLY B 482 14.70 -26.17 21.33
N TYR B 483 14.76 -25.07 20.59
CA TYR B 483 14.67 -25.09 19.14
C TYR B 483 15.51 -23.95 18.56
N GLY B 484 16.03 -24.15 17.36
CA GLY B 484 16.69 -23.11 16.63
C GLY B 484 17.59 -23.62 15.51
N PRO B 485 17.64 -22.90 14.40
CA PRO B 485 18.55 -23.28 13.31
C PRO B 485 19.97 -22.81 13.58
N THR B 486 20.91 -23.47 12.89
CA THR B 486 22.30 -23.03 12.93
C THR B 486 22.48 -21.63 12.37
N GLU B 487 21.55 -21.16 11.54
CA GLU B 487 21.67 -19.83 10.96
C GLU B 487 21.44 -18.73 11.99
N CYS B 488 20.73 -19.02 13.08
CA CYS B 488 20.46 -18.04 14.12
C CYS B 488 21.14 -18.41 15.44
N THR B 489 22.26 -19.14 15.36
CA THR B 489 23.16 -19.35 16.48
C THR B 489 22.59 -20.25 17.56
N ILE B 490 22.85 -21.55 17.44
CA ILE B 490 22.53 -22.52 18.49
C ILE B 490 21.02 -22.66 18.61
N MET B 491 20.38 -21.80 19.42
CA MET B 491 18.95 -21.87 19.65
C MET B 491 18.39 -20.47 19.87
N VAL B 492 17.07 -20.36 19.76
CA VAL B 492 16.36 -19.10 19.84
C VAL B 492 15.14 -19.18 20.76
N THR B 493 14.73 -20.40 21.11
CA THR B 493 13.60 -20.58 22.02
C THR B 493 13.91 -21.71 23.00
N MET B 494 13.24 -21.65 24.15
CA MET B 494 13.50 -22.56 25.25
C MET B 494 12.23 -22.83 26.04
N PHE B 495 12.00 -24.10 26.35
CA PHE B 495 10.84 -24.54 27.12
C PHE B 495 11.26 -25.43 28.26
N GLU B 496 10.66 -25.22 29.43
CA GLU B 496 10.86 -26.09 30.58
C GLU B 496 9.75 -27.14 30.57
N VAL B 497 10.13 -28.39 30.31
CA VAL B 497 9.14 -29.45 30.20
C VAL B 497 8.62 -29.78 31.60
N ASP B 498 7.36 -29.44 31.84
CA ASP B 498 6.71 -29.64 33.14
C ASP B 498 5.68 -30.75 33.10
N LYS B 499 5.02 -30.94 31.97
CA LYS B 499 3.94 -31.90 31.81
C LYS B 499 4.24 -32.74 30.58
N PRO B 500 3.63 -33.91 30.46
CA PRO B 500 3.67 -34.60 29.16
C PRO B 500 2.73 -33.89 28.21
N TYR B 501 3.13 -33.85 26.94
CA TYR B 501 2.31 -33.23 25.90
C TYR B 501 2.29 -34.14 24.69
N ALA B 502 1.17 -34.10 23.96
CA ALA B 502 1.14 -34.75 22.66
C ALA B 502 2.08 -34.07 21.68
N ASN B 503 2.21 -32.75 21.80
CA ASN B 503 3.18 -31.94 21.05
C ASN B 503 3.90 -31.04 22.05
N ILE B 504 5.09 -31.43 22.46
CA ILE B 504 5.82 -30.63 23.44
C ILE B 504 6.17 -29.28 22.82
N PRO B 505 5.85 -28.15 23.47
CA PRO B 505 6.20 -26.86 22.88
C PRO B 505 7.70 -26.59 22.94
N ILE B 506 8.16 -25.72 22.04
CA ILE B 506 9.56 -25.34 22.01
C ILE B 506 9.83 -24.05 22.78
N GLY B 507 8.81 -23.46 23.41
CA GLY B 507 9.02 -22.44 24.41
C GLY B 507 8.92 -21.03 23.87
N LYS B 508 9.49 -20.12 24.65
CA LYS B 508 9.48 -18.70 24.37
C LYS B 508 10.85 -18.23 23.89
N PRO B 509 10.92 -17.07 23.24
CA PRO B 509 12.21 -16.60 22.71
C PRO B 509 13.19 -16.27 23.83
N ILE B 510 14.47 -16.30 23.48
CA ILE B 510 15.55 -15.96 24.41
C ILE B 510 15.77 -14.45 24.40
N ASP B 511 16.88 -14.00 24.97
CA ASP B 511 17.14 -12.57 25.04
C ASP B 511 17.30 -11.97 23.64
N ARG B 512 16.76 -10.77 23.48
CA ARG B 512 17.01 -9.95 22.28
C ARG B 512 16.62 -10.67 21.00
N THR B 513 15.59 -11.51 21.07
CA THR B 513 15.11 -12.22 19.88
C THR B 513 13.59 -12.25 19.93
N ARG B 514 12.98 -12.18 18.74
CA ARG B 514 11.54 -12.29 18.61
C ARG B 514 11.19 -13.36 17.58
N ILE B 515 10.04 -13.98 17.77
CA ILE B 515 9.54 -14.98 16.84
C ILE B 515 8.22 -14.48 16.27
N LEU B 516 8.10 -14.52 14.94
CA LEU B 516 6.89 -14.08 14.25
C LEU B 516 6.33 -15.26 13.46
N ILE B 517 5.04 -15.53 13.64
CA ILE B 517 4.34 -16.54 12.86
C ILE B 517 3.60 -15.81 11.73
N LEU B 518 4.04 -16.04 10.49
CA LEU B 518 3.52 -15.32 9.34
C LEU B 518 2.84 -16.28 8.38
N ASP B 519 1.98 -15.72 7.52
CA ASP B 519 1.34 -16.47 6.46
C ASP B 519 2.21 -16.42 5.21
N GLU B 520 1.70 -16.93 4.09
CA GLU B 520 2.48 -16.94 2.85
C GLU B 520 2.79 -15.53 2.36
N ALA B 521 1.91 -14.57 2.64
CA ALA B 521 2.14 -13.18 2.26
C ALA B 521 3.02 -12.42 3.24
N LEU B 522 3.56 -13.12 4.24
CA LEU B 522 4.43 -12.53 5.25
C LEU B 522 3.66 -11.56 6.15
N ALA B 523 2.38 -11.82 6.36
CA ALA B 523 1.55 -11.02 7.25
C ALA B 523 1.33 -11.77 8.55
N LEU B 524 1.18 -11.02 9.63
CA LEU B 524 1.02 -11.61 10.95
C LEU B 524 -0.16 -12.57 10.97
N GLN B 525 -0.03 -13.63 11.76
CA GLN B 525 -1.11 -14.55 12.05
C GLN B 525 -1.58 -14.37 13.48
N PRO B 526 -2.88 -14.39 13.75
CA PRO B 526 -3.34 -14.27 15.13
C PRO B 526 -2.81 -15.41 15.99
N ILE B 527 -2.81 -15.18 17.30
CA ILE B 527 -2.36 -16.20 18.23
C ILE B 527 -3.21 -17.44 18.06
N GLY B 528 -2.54 -18.59 17.93
CA GLY B 528 -3.23 -19.86 17.73
C GLY B 528 -3.31 -20.31 16.30
N VAL B 529 -2.98 -19.44 15.34
CA VAL B 529 -3.06 -19.75 13.92
C VAL B 529 -1.67 -20.13 13.43
N ALA B 530 -1.60 -21.19 12.64
CA ALA B 530 -0.34 -21.69 12.14
C ALA B 530 0.20 -20.79 11.03
N GLY B 531 1.50 -20.88 10.81
CA GLY B 531 2.16 -20.10 9.79
C GLY B 531 3.64 -20.43 9.79
N GLU B 532 4.36 -19.83 8.85
CA GLU B 532 5.79 -20.02 8.78
C GLU B 532 6.47 -19.27 9.93
N LEU B 533 7.45 -19.92 10.55
CA LEU B 533 8.14 -19.36 11.70
C LEU B 533 9.31 -18.52 11.22
N PHE B 534 9.28 -17.21 11.53
CA PHE B 534 10.36 -16.30 11.22
C PHE B 534 11.07 -15.89 12.50
N ILE B 535 12.40 -15.78 12.42
CA ILE B 535 13.22 -15.37 13.55
C ILE B 535 13.77 -13.97 13.29
N VAL B 536 13.77 -13.16 14.35
CA VAL B 536 14.24 -11.78 14.30
C VAL B 536 15.09 -11.51 15.52
N GLY B 537 16.16 -10.72 15.33
CA GLY B 537 16.93 -10.23 16.46
C GLY B 537 18.41 -10.55 16.48
N GLU B 538 18.98 -10.55 17.69
CA GLU B 538 20.42 -10.69 17.87
C GLU B 538 20.93 -12.04 17.37
N GLY B 539 20.07 -13.06 17.31
CA GLY B 539 20.54 -14.39 16.94
C GLY B 539 21.01 -14.53 15.51
N LEU B 540 20.49 -13.69 14.61
CA LEU B 540 20.77 -13.87 13.19
C LEU B 540 22.26 -13.71 12.91
N GLY B 541 22.84 -14.71 12.27
CA GLY B 541 24.22 -14.67 11.86
C GLY B 541 24.37 -13.85 10.59
N ARG B 542 25.58 -13.92 10.03
CA ARG B 542 25.90 -13.09 8.87
C ARG B 542 25.31 -13.67 7.58
N GLY B 543 25.13 -15.00 7.52
CA GLY B 543 24.56 -15.63 6.35
C GLY B 543 25.44 -16.78 5.89
N TYR B 544 25.20 -17.24 4.67
CA TYR B 544 25.93 -18.37 4.13
C TYR B 544 27.19 -17.87 3.42
N LEU B 545 28.31 -18.54 3.69
CA LEU B 545 29.60 -18.11 3.17
C LEU B 545 29.67 -18.32 1.66
N ASN B 546 29.87 -17.24 0.92
CA ASN B 546 30.05 -17.27 -0.53
C ASN B 546 28.78 -17.72 -1.26
N ARG B 547 27.63 -17.61 -0.62
CA ARG B 547 26.35 -17.90 -1.24
C ARG B 547 25.44 -16.69 -1.06
N PRO B 548 25.82 -15.55 -1.65
CA PRO B 548 25.04 -14.32 -1.42
C PRO B 548 23.59 -14.43 -1.87
N GLU B 549 23.35 -15.05 -3.03
CA GLU B 549 21.99 -15.18 -3.53
C GLU B 549 21.14 -16.02 -2.57
N LEU B 550 21.70 -17.11 -2.04
CA LEU B 550 20.95 -17.90 -1.08
C LEU B 550 20.72 -17.14 0.22
N THR B 551 21.72 -16.37 0.66
CA THR B 551 21.53 -15.55 1.86
C THR B 551 20.33 -14.63 1.68
N ALA B 552 20.24 -13.97 0.53
CA ALA B 552 19.13 -13.06 0.28
C ALA B 552 17.80 -13.79 0.33
N GLU B 553 17.77 -15.06 -0.05
CA GLU B 553 16.53 -15.81 -0.03
C GLU B 553 16.06 -16.10 1.39
N LYS B 554 16.99 -16.46 2.28
CA LYS B 554 16.64 -16.87 3.62
C LYS B 554 16.74 -15.75 4.65
N PHE B 555 17.65 -14.79 4.45
CA PHE B 555 17.73 -13.61 5.31
C PHE B 555 17.05 -12.48 4.55
N ILE B 556 15.76 -12.27 4.83
CA ILE B 556 14.93 -11.38 4.04
C ILE B 556 14.83 -10.03 4.73
N VAL B 557 14.50 -9.01 3.93
CA VAL B 557 14.06 -7.71 4.43
C VAL B 557 12.55 -7.69 4.28
N HIS B 558 11.83 -7.60 5.39
CA HIS B 558 10.39 -7.75 5.35
C HIS B 558 9.77 -6.65 4.49
N PRO B 559 8.83 -6.98 3.60
CA PRO B 559 8.29 -5.94 2.71
C PRO B 559 7.65 -4.77 3.45
N GLN B 560 6.81 -5.05 4.45
CA GLN B 560 6.18 -3.97 5.21
C GLN B 560 7.13 -3.40 6.26
N THR B 561 7.63 -4.27 7.14
CA THR B 561 8.39 -3.80 8.30
C THR B 561 9.80 -3.34 7.92
N GLY B 562 10.47 -4.07 7.04
CA GLY B 562 11.84 -3.75 6.69
C GLY B 562 12.88 -4.29 7.65
N GLU B 563 12.48 -5.09 8.63
CA GLU B 563 13.45 -5.72 9.52
C GLU B 563 14.05 -6.94 8.86
N ARG B 564 15.31 -7.22 9.16
CA ARG B 564 15.95 -8.42 8.67
C ARG B 564 15.44 -9.61 9.45
N MET B 565 15.00 -10.64 8.73
CA MET B 565 14.39 -11.80 9.37
C MET B 565 14.87 -13.05 8.67
N TYR B 566 14.89 -14.16 9.41
CA TYR B 566 15.33 -15.44 8.86
C TYR B 566 14.12 -16.33 8.66
N ARG B 567 13.96 -16.84 7.43
CA ARG B 567 12.85 -17.71 7.06
C ARG B 567 13.25 -19.15 7.35
N THR B 568 12.69 -19.73 8.42
CA THR B 568 13.09 -21.08 8.82
C THR B 568 12.58 -22.13 7.84
N GLY B 569 11.38 -21.94 7.30
CA GLY B 569 10.73 -23.00 6.58
C GLY B 569 9.99 -23.98 7.46
N ASP B 570 9.82 -23.65 8.74
CA ASP B 570 9.12 -24.48 9.69
C ASP B 570 7.72 -23.93 9.94
N ARG B 571 6.83 -24.83 10.35
CA ARG B 571 5.45 -24.48 10.64
C ARG B 571 5.27 -24.49 12.15
N ALA B 572 4.61 -23.47 12.68
CA ALA B 572 4.43 -23.34 14.12
C ALA B 572 3.29 -22.38 14.41
N ARG B 573 2.94 -22.26 15.69
CA ARG B 573 1.88 -21.37 16.12
C ARG B 573 2.07 -21.04 17.60
N PHE B 574 1.58 -19.87 18.00
CA PHE B 574 1.61 -19.47 19.40
C PHE B 574 0.45 -20.08 20.17
N LEU B 575 0.73 -20.56 21.37
CA LEU B 575 -0.32 -20.97 22.28
C LEU B 575 -0.84 -19.76 23.05
N PRO B 576 -2.00 -19.89 23.70
CA PRO B 576 -2.52 -18.77 24.49
C PRO B 576 -1.57 -18.29 25.58
N ASP B 577 -0.63 -19.13 26.02
CA ASP B 577 0.27 -18.79 27.12
C ASP B 577 1.62 -18.24 26.64
N GLY B 578 1.74 -17.91 25.36
CA GLY B 578 2.97 -17.35 24.82
C GLY B 578 4.00 -18.37 24.39
N ASN B 579 3.83 -19.65 24.69
CA ASN B 579 4.77 -20.67 24.25
C ASN B 579 4.50 -21.08 22.81
N ILE B 580 5.57 -21.30 22.07
CA ILE B 580 5.49 -21.66 20.66
C ILE B 580 5.38 -23.17 20.54
N GLU B 581 4.68 -23.62 19.50
CA GLU B 581 4.42 -25.03 19.27
C GLU B 581 4.84 -25.38 17.85
N PHE B 582 5.71 -26.38 17.73
CA PHE B 582 6.26 -26.79 16.44
C PHE B 582 5.26 -27.70 15.73
N LEU B 583 5.05 -27.47 14.44
CA LEU B 583 4.03 -28.17 13.68
C LEU B 583 4.59 -28.75 12.38
N GLY B 584 5.86 -29.14 12.38
CA GLY B 584 6.45 -29.78 11.23
C GLY B 584 6.92 -28.79 10.17
N ARG B 585 7.52 -29.35 9.13
CA ARG B 585 8.04 -28.56 8.03
C ARG B 585 6.91 -28.01 7.17
N LEU B 586 7.23 -27.03 6.33
CA LEU B 586 6.23 -26.47 5.43
C LEU B 586 6.01 -27.35 4.21
N ASP B 587 7.06 -27.98 3.70
CA ASP B 587 6.95 -28.84 2.53
C ASP B 587 7.45 -30.25 2.85
N MET C 3 17.46 -26.74 71.24
CA MET C 3 17.54 -26.32 72.67
C MET C 3 16.32 -26.80 73.45
N GLY C 4 15.14 -26.56 72.89
CA GLY C 4 13.88 -26.93 73.53
C GLY C 4 13.11 -27.97 72.74
N ARG C 5 12.25 -28.72 73.42
CA ARG C 5 11.43 -29.75 72.80
C ARG C 5 10.10 -29.13 72.39
N ILE C 6 9.76 -29.24 71.11
CA ILE C 6 8.60 -28.57 70.53
C ILE C 6 7.55 -29.61 70.17
N LEU C 7 6.29 -29.31 70.47
CA LEU C 7 5.15 -30.14 70.11
C LEU C 7 4.48 -29.55 68.88
N PHE C 8 4.45 -30.32 67.79
CA PHE C 8 3.88 -29.88 66.52
C PHE C 8 2.53 -30.57 66.34
N LEU C 9 1.46 -29.79 66.37
CA LEU C 9 0.09 -30.32 66.31
C LEU C 9 -0.52 -30.01 64.94
N THR C 10 -0.97 -31.05 64.24
CA THR C 10 -1.60 -30.87 62.95
C THR C 10 -2.38 -32.14 62.61
N THR C 11 -3.38 -31.98 61.76
CA THR C 11 -4.14 -33.11 61.23
C THR C 11 -4.07 -33.22 59.71
N PHE C 12 -3.91 -32.11 58.99
CA PHE C 12 -3.84 -32.12 57.53
C PHE C 12 -2.42 -32.15 57.01
N MET C 13 -1.50 -31.44 57.67
CA MET C 13 -0.15 -31.25 57.17
C MET C 13 0.69 -32.52 57.30
N SER C 14 1.73 -32.59 56.48
CA SER C 14 2.67 -33.70 56.50
C SER C 14 3.51 -33.67 57.76
N LYS C 15 4.42 -34.64 57.89
CA LYS C 15 5.37 -34.70 58.99
C LYS C 15 6.73 -34.14 58.63
N GLY C 16 6.93 -33.75 57.37
CA GLY C 16 8.19 -33.17 56.92
C GLY C 16 7.98 -31.77 56.39
N ASN C 17 7.11 -31.02 57.05
CA ASN C 17 6.85 -29.66 56.64
C ASN C 17 8.14 -28.82 56.67
N LYS C 18 8.12 -27.72 55.92
CA LYS C 18 9.22 -26.75 56.02
C LYS C 18 9.32 -26.20 57.43
N VAL C 19 8.19 -26.14 58.14
CA VAL C 19 8.17 -25.67 59.53
C VAL C 19 8.93 -26.65 60.41
N VAL C 20 8.58 -27.94 60.28
CA VAL C 20 9.18 -28.99 61.10
C VAL C 20 10.68 -29.07 60.84
N ARG C 21 11.08 -29.04 59.56
CA ARG C 21 12.49 -29.21 59.22
C ARG C 21 13.33 -28.00 59.64
N TYR C 22 12.77 -26.79 59.59
CA TYR C 22 13.51 -25.62 60.05
C TYR C 22 13.76 -25.68 61.55
N LEU C 23 12.76 -26.06 62.33
CA LEU C 23 12.96 -26.18 63.77
C LEU C 23 14.00 -27.25 64.08
N GLU C 24 13.96 -28.36 63.34
CA GLU C 24 14.97 -29.40 63.51
C GLU C 24 16.37 -28.87 63.21
N SER C 25 16.49 -27.97 62.24
CA SER C 25 17.81 -27.44 61.86
C SER C 25 18.50 -26.73 63.01
N LEU C 26 17.75 -26.07 63.90
CA LEU C 26 18.31 -25.47 65.11
C LEU C 26 18.48 -26.45 66.26
N HIS C 27 18.44 -27.75 65.97
CA HIS C 27 18.71 -28.80 66.94
C HIS C 27 17.59 -28.90 67.98
N HIS C 28 16.36 -28.71 67.53
CA HIS C 28 15.16 -28.91 68.33
C HIS C 28 14.54 -30.26 68.02
N GLU C 29 14.15 -30.98 69.08
CA GLU C 29 13.40 -32.21 68.94
C GLU C 29 11.93 -31.86 68.72
N VAL C 30 11.43 -32.11 67.51
CA VAL C 30 10.06 -31.75 67.13
C VAL C 30 9.20 -33.00 67.28
N VAL C 31 8.30 -32.98 68.25
CA VAL C 31 7.34 -34.05 68.48
C VAL C 31 6.09 -33.77 67.66
N ILE C 32 5.68 -34.75 66.85
CA ILE C 32 4.51 -34.64 65.98
C ILE C 32 3.38 -35.48 66.57
N CYS C 33 2.18 -34.89 66.63
CA CYS C 33 1.00 -35.54 67.18
C CYS C 33 -0.22 -35.10 66.40
N GLN C 34 -1.10 -36.05 66.06
CA GLN C 34 -2.27 -35.76 65.24
C GLN C 34 -3.58 -36.18 65.89
N GLU C 35 -3.62 -36.25 67.23
CA GLU C 35 -4.83 -36.65 67.94
C GLU C 35 -5.19 -35.61 69.00
N LYS C 36 -6.44 -35.66 69.44
CA LYS C 36 -6.84 -34.84 70.57
C LYS C 36 -6.26 -35.42 71.86
N VAL C 37 -5.58 -34.57 72.64
CA VAL C 37 -4.82 -35.00 73.80
C VAL C 37 -5.24 -34.21 75.03
N HIS C 38 -5.01 -34.83 76.18
CA HIS C 38 -5.34 -34.20 77.47
C HIS C 38 -4.07 -33.96 78.27
N ALA C 39 -4.26 -33.42 79.47
CA ALA C 39 -3.13 -33.04 80.31
C ALA C 39 -2.21 -34.23 80.58
N GLN C 40 -2.79 -35.42 80.76
CA GLN C 40 -2.00 -36.59 81.13
C GLN C 40 -1.11 -37.10 80.00
N SER C 41 -1.35 -36.67 78.76
CA SER C 41 -0.68 -37.23 77.60
C SER C 41 0.84 -37.14 77.74
N ALA C 42 1.52 -38.23 77.37
CA ALA C 42 2.98 -38.24 77.35
C ALA C 42 3.57 -37.26 76.34
N ASN C 43 2.76 -36.72 75.44
CA ASN C 43 3.24 -35.75 74.47
C ASN C 43 3.42 -34.35 75.05
N LEU C 44 2.96 -34.08 76.28
CA LEU C 44 3.09 -32.77 76.90
C LEU C 44 4.21 -32.71 77.94
N GLN C 45 5.00 -33.76 78.08
CA GLN C 45 6.04 -33.79 79.10
C GLN C 45 7.26 -33.03 78.59
N GLU C 46 7.69 -32.02 79.34
CA GLU C 46 8.87 -31.22 79.01
C GLU C 46 8.77 -30.63 77.60
N ILE C 47 7.75 -29.80 77.40
CA ILE C 47 7.58 -29.04 76.16
C ILE C 47 7.85 -27.57 76.44
N ASP C 48 8.61 -26.95 75.53
CA ASP C 48 8.90 -25.52 75.60
C ASP C 48 7.96 -24.71 74.71
N TRP C 49 7.74 -25.12 73.47
CA TRP C 49 6.83 -24.42 72.57
C TRP C 49 5.89 -25.44 71.94
N ILE C 50 4.63 -25.05 71.80
CA ILE C 50 3.65 -25.79 71.02
C ILE C 50 3.36 -25.00 69.75
N VAL C 51 3.51 -25.66 68.60
CA VAL C 51 3.28 -25.05 67.30
C VAL C 51 2.20 -25.86 66.59
N SER C 52 1.04 -25.24 66.40
CA SER C 52 -0.09 -25.86 65.71
C SER C 52 -0.21 -25.30 64.30
N TYR C 53 -0.69 -26.16 63.40
CA TYR C 53 -0.76 -25.81 61.97
C TYR C 53 -1.87 -26.67 61.37
N ALA C 54 -3.03 -26.05 61.15
CA ALA C 54 -4.20 -26.76 60.64
C ALA C 54 -4.60 -27.89 61.58
N TYR C 55 -4.57 -27.61 62.88
CA TYR C 55 -4.89 -28.60 63.90
C TYR C 55 -6.38 -28.59 64.16
N GLY C 56 -7.05 -29.69 63.84
CA GLY C 56 -8.51 -29.75 63.86
C GLY C 56 -9.14 -30.13 65.19
N TYR C 57 -8.52 -29.74 66.30
CA TYR C 57 -9.08 -30.04 67.61
C TYR C 57 -8.79 -28.89 68.56
N ILE C 58 -9.60 -28.81 69.62
CA ILE C 58 -9.50 -27.74 70.61
C ILE C 58 -8.78 -28.27 71.84
N LEU C 59 -7.86 -27.46 72.36
CA LEU C 59 -7.14 -27.78 73.59
C LEU C 59 -7.99 -27.50 74.81
N ASP C 60 -7.90 -28.36 75.82
CA ASP C 60 -8.64 -28.13 77.04
C ASP C 60 -8.12 -26.85 77.70
N LYS C 61 -9.00 -26.15 78.39
CA LYS C 61 -8.62 -24.85 78.97
C LYS C 61 -7.48 -24.99 79.96
N GLU C 62 -7.33 -26.16 80.57
CA GLU C 62 -6.20 -26.38 81.48
C GLU C 62 -4.87 -26.27 80.76
N ILE C 63 -4.80 -26.78 79.54
CA ILE C 63 -3.56 -26.76 78.78
C ILE C 63 -3.31 -25.38 78.19
N VAL C 64 -4.36 -24.67 77.79
CA VAL C 64 -4.10 -23.37 77.19
C VAL C 64 -3.59 -22.38 78.24
N SER C 65 -4.03 -22.53 79.49
CA SER C 65 -3.60 -21.60 80.53
C SER C 65 -2.19 -21.92 81.02
N ARG C 66 -1.89 -23.19 81.25
CA ARG C 66 -0.56 -23.56 81.70
C ARG C 66 0.48 -23.13 80.66
N PHE C 67 0.11 -23.14 79.38
CA PHE C 67 1.02 -22.77 78.31
C PHE C 67 0.72 -21.39 77.70
N ARG C 68 0.14 -20.45 78.48
CA ARG C 68 -0.12 -19.12 77.91
C ARG C 68 1.21 -18.52 77.42
N GLY C 69 1.20 -17.98 76.21
CA GLY C 69 2.38 -17.40 75.61
C GLY C 69 3.36 -18.38 74.99
N ARG C 70 3.06 -19.68 75.00
CA ARG C 70 3.92 -20.70 74.36
C ARG C 70 3.15 -21.57 73.38
N ILE C 71 1.92 -21.21 73.05
CA ILE C 71 1.15 -21.90 72.03
C ILE C 71 1.01 -20.99 70.84
N ILE C 72 1.67 -21.35 69.75
CA ILE C 72 1.60 -20.60 68.51
C ILE C 72 0.72 -21.39 67.55
N ASN C 73 -0.13 -20.68 66.81
CA ASN C 73 -1.00 -21.32 65.84
C ASN C 73 -0.75 -20.66 64.50
N LEU C 74 -0.62 -21.47 63.45
CA LEU C 74 -0.40 -20.98 62.10
C LEU C 74 -1.72 -21.04 61.34
N HIS C 75 -2.28 -19.87 61.06
CA HIS C 75 -3.58 -19.76 60.41
C HIS C 75 -3.45 -19.00 59.09
N PRO C 76 -3.68 -19.70 57.84
CA PRO C 76 -3.47 -19.02 56.54
C PRO C 76 -4.64 -18.11 56.17
N SER C 77 -4.90 -17.12 57.00
CA SER C 77 -5.89 -16.10 56.68
C SER C 77 -5.44 -14.79 57.29
N LEU C 78 -6.06 -13.70 56.83
CA LEU C 78 -5.78 -12.37 57.38
C LEU C 78 -6.83 -12.12 58.46
N LEU C 79 -6.57 -12.70 59.62
CA LEU C 79 -7.47 -12.59 60.76
C LEU C 79 -7.87 -11.13 60.94
N PRO C 80 -9.12 -10.89 61.38
CA PRO C 80 -10.14 -11.86 61.77
C PRO C 80 -10.88 -12.48 60.60
N TRP C 81 -10.46 -12.24 59.36
CA TRP C 81 -11.19 -12.81 58.23
C TRP C 81 -10.88 -14.30 58.08
N ASN C 82 -11.95 -15.07 57.92
CA ASN C 82 -11.94 -16.51 57.71
C ASN C 82 -11.29 -17.24 58.88
N LYS C 83 -11.86 -17.00 60.06
CA LYS C 83 -11.56 -17.81 61.23
C LYS C 83 -12.19 -19.19 61.08
N GLY C 84 -11.58 -20.18 61.71
CA GLY C 84 -12.11 -21.52 61.69
C GLY C 84 -11.57 -22.36 60.55
N ARG C 85 -12.46 -23.09 59.88
CA ARG C 85 -12.08 -24.11 58.90
C ARG C 85 -12.17 -23.57 57.49
N ASP C 86 -11.38 -24.17 56.59
CA ASP C 86 -11.34 -23.80 55.19
C ASP C 86 -11.06 -22.32 54.98
N PRO C 87 -10.03 -21.77 55.63
CA PRO C 87 -9.80 -20.32 55.51
C PRO C 87 -9.54 -19.85 54.09
N VAL C 88 -8.68 -20.56 53.36
CA VAL C 88 -8.32 -20.10 52.02
C VAL C 88 -9.54 -20.08 51.11
N PHE C 89 -10.38 -21.12 51.19
CA PHE C 89 -11.57 -21.20 50.35
C PHE C 89 -12.50 -20.01 50.60
N TRP C 90 -12.80 -19.73 51.87
CA TRP C 90 -13.74 -18.66 52.20
C TRP C 90 -13.20 -17.27 51.86
N SER C 91 -11.88 -17.09 51.80
CA SER C 91 -11.35 -15.80 51.37
C SER C 91 -11.78 -15.48 49.94
N VAL C 92 -11.85 -16.49 49.08
CA VAL C 92 -12.27 -16.27 47.70
C VAL C 92 -13.78 -16.10 47.63
N TRP C 93 -14.52 -17.02 48.28
CA TRP C 93 -15.97 -17.00 48.18
C TRP C 93 -16.55 -15.73 48.81
N ASP C 94 -16.27 -15.50 50.09
CA ASP C 94 -16.75 -14.31 50.77
C ASP C 94 -16.07 -13.03 50.31
N GLU C 95 -15.09 -13.13 49.41
CA GLU C 95 -14.43 -11.96 48.82
C GLU C 95 -13.83 -11.08 49.92
N THR C 96 -13.14 -11.71 50.85
CA THR C 96 -12.50 -11.01 51.95
C THR C 96 -11.04 -10.72 51.64
N PRO C 97 -10.41 -9.82 52.39
CA PRO C 97 -8.96 -9.65 52.26
C PRO C 97 -8.23 -10.95 52.54
N LYS C 98 -7.18 -11.19 51.75
CA LYS C 98 -6.44 -12.44 51.80
C LYS C 98 -5.08 -12.20 52.45
N GLY C 99 -4.65 -13.16 53.24
CA GLY C 99 -3.39 -13.01 53.94
C GLY C 99 -3.12 -14.22 54.81
N VAL C 100 -2.11 -14.08 55.66
CA VAL C 100 -1.67 -15.14 56.56
C VAL C 100 -1.36 -14.52 57.91
N THR C 101 -1.68 -15.25 58.99
CA THR C 101 -1.52 -14.75 60.35
C THR C 101 -0.94 -15.81 61.26
N ILE C 102 0.06 -15.44 62.05
CA ILE C 102 0.56 -16.22 63.17
C ILE C 102 0.14 -15.49 64.43
N HIS C 103 -0.55 -16.19 65.33
CA HIS C 103 -1.19 -15.56 66.47
C HIS C 103 -1.12 -16.49 67.68
N LEU C 104 -1.51 -15.95 68.83
CA LEU C 104 -1.63 -16.74 70.04
C LEU C 104 -2.97 -17.48 70.07
N ILE C 105 -3.06 -18.48 70.95
CA ILE C 105 -4.26 -19.29 71.10
C ILE C 105 -4.92 -18.94 72.42
N ASP C 106 -6.21 -18.59 72.37
CA ASP C 106 -7.01 -18.35 73.56
C ASP C 106 -8.11 -19.43 73.68
N GLU C 107 -9.16 -19.13 74.43
CA GLU C 107 -10.24 -20.07 74.67
C GLU C 107 -11.34 -20.05 73.62
N HIS C 108 -11.14 -19.38 72.48
CA HIS C 108 -12.12 -19.41 71.40
C HIS C 108 -11.39 -19.68 70.09
N VAL C 109 -12.14 -19.69 69.00
CA VAL C 109 -11.63 -20.15 67.72
C VAL C 109 -10.93 -18.98 67.03
N ASP C 110 -9.60 -18.98 67.09
CA ASP C 110 -8.78 -18.09 66.27
C ASP C 110 -9.03 -16.62 66.60
N THR C 111 -9.16 -16.31 67.88
CA THR C 111 -9.41 -14.94 68.33
C THR C 111 -8.25 -14.34 69.11
N GLY C 112 -7.18 -15.10 69.34
CA GLY C 112 -6.07 -14.60 70.14
C GLY C 112 -5.31 -13.47 69.45
N ASP C 113 -4.44 -12.83 70.25
CA ASP C 113 -3.69 -11.68 69.76
C ASP C 113 -2.74 -12.10 68.65
N ILE C 114 -2.55 -11.23 67.68
CA ILE C 114 -1.72 -11.54 66.52
C ILE C 114 -0.25 -11.33 66.87
N LEU C 115 0.61 -12.20 66.33
CA LEU C 115 2.05 -12.07 66.43
C LEU C 115 2.68 -11.50 65.17
N VAL C 116 2.41 -12.11 64.01
CA VAL C 116 2.87 -11.61 62.72
C VAL C 116 1.75 -11.80 61.71
N GLN C 117 1.78 -10.97 60.67
CA GLN C 117 0.72 -10.99 59.67
C GLN C 117 1.26 -10.34 58.40
N GLU C 118 0.88 -10.90 57.25
CA GLU C 118 1.33 -10.42 55.96
C GLU C 118 0.27 -10.72 54.90
N GLU C 119 0.26 -9.90 53.86
CA GLU C 119 -0.69 -10.04 52.78
C GLU C 119 -0.20 -11.05 51.75
N ILE C 120 -1.15 -11.76 51.15
CA ILE C 120 -0.88 -12.70 50.07
C ILE C 120 -1.76 -12.29 48.89
N ALA C 121 -1.35 -12.73 47.70
CA ALA C 121 -2.07 -12.40 46.48
C ALA C 121 -2.35 -13.67 45.71
N PHE C 122 -3.61 -13.89 45.35
CA PHE C 122 -4.01 -14.99 44.49
C PHE C 122 -4.38 -14.43 43.12
N ALA C 123 -3.91 -15.09 42.08
CA ALA C 123 -4.24 -14.69 40.72
C ALA C 123 -5.62 -15.22 40.34
N ASP C 124 -6.27 -14.50 39.43
CA ASP C 124 -7.59 -14.89 38.97
C ASP C 124 -7.59 -16.23 38.25
N GLU C 125 -6.41 -16.70 37.81
CA GLU C 125 -6.31 -17.97 37.09
C GLU C 125 -5.84 -19.12 37.97
N ASP C 126 -5.50 -18.87 39.24
CA ASP C 126 -5.07 -19.95 40.12
C ASP C 126 -6.26 -20.82 40.50
N THR C 127 -6.02 -22.13 40.58
CA THR C 127 -7.06 -23.01 41.10
C THR C 127 -7.10 -22.88 42.63
N LEU C 128 -8.23 -23.26 43.21
CA LEU C 128 -8.37 -23.16 44.66
C LEU C 128 -7.37 -24.06 45.37
N LEU C 129 -6.95 -25.15 44.74
CA LEU C 129 -5.87 -25.95 45.30
C LEU C 129 -4.55 -25.20 45.27
N ASP C 130 -4.28 -24.47 44.17
CA ASP C 130 -3.06 -23.66 44.11
C ASP C 130 -3.07 -22.58 45.18
N CYS C 131 -4.20 -21.91 45.38
CA CYS C 131 -4.29 -20.89 46.42
C CYS C 131 -4.07 -21.50 47.80
N TYR C 132 -4.63 -22.68 48.05
CA TYR C 132 -4.35 -23.39 49.28
C TYR C 132 -2.85 -23.64 49.43
N ASN C 133 -2.18 -24.00 48.32
CA ASN C 133 -0.74 -24.25 48.38
C ASN C 133 0.03 -22.95 48.49
N LYS C 134 -0.41 -21.91 47.79
CA LYS C 134 0.27 -20.62 47.86
C LYS C 134 0.21 -20.04 49.26
N ALA C 135 -0.92 -20.25 49.95
CA ALA C 135 -1.06 -19.76 51.32
C ALA C 135 -0.17 -20.53 52.28
N ASN C 136 -0.21 -21.87 52.20
CA ASN C 136 0.61 -22.69 53.10
C ASN C 136 2.09 -22.43 52.90
N GLN C 137 2.53 -22.28 51.65
CA GLN C 137 3.93 -21.95 51.42
C GLN C 137 4.26 -20.60 52.04
N ALA C 138 3.37 -19.61 51.88
CA ALA C 138 3.65 -18.28 52.41
C ALA C 138 3.77 -18.29 53.93
N ILE C 139 2.89 -19.03 54.62
CA ILE C 139 2.92 -19.05 56.07
C ILE C 139 4.17 -19.76 56.57
N GLU C 140 4.60 -20.82 55.86
CA GLU C 140 5.84 -21.49 56.25
C GLU C 140 7.04 -20.56 56.09
N GLU C 141 7.11 -19.86 54.96
CA GLU C 141 8.20 -18.92 54.73
C GLU C 141 8.21 -17.83 55.80
N LEU C 142 7.03 -17.33 56.18
CA LEU C 142 6.95 -16.29 57.20
C LEU C 142 7.36 -16.80 58.57
N PHE C 143 6.86 -17.98 58.97
CA PHE C 143 7.21 -18.52 60.28
C PHE C 143 8.71 -18.69 60.43
N ILE C 144 9.37 -19.21 59.39
CA ILE C 144 10.81 -19.39 59.45
C ILE C 144 11.50 -18.05 59.65
N ARG C 145 11.05 -17.03 58.93
CA ARG C 145 11.66 -15.70 59.05
C ARG C 145 11.54 -15.17 60.47
N GLU C 146 10.33 -15.16 61.03
CA GLU C 146 10.04 -14.44 62.25
C GLU C 146 10.06 -15.30 63.50
N TRP C 147 10.31 -16.61 63.39
CA TRP C 147 10.26 -17.46 64.58
C TRP C 147 11.30 -17.05 65.61
N GLU C 148 12.52 -16.73 65.17
CA GLU C 148 13.54 -16.30 66.11
C GLU C 148 13.05 -15.14 66.97
N ASN C 149 12.38 -14.17 66.35
CA ASN C 149 11.80 -13.06 67.11
C ASN C 149 10.75 -13.55 68.09
N ILE C 150 10.08 -14.66 67.76
CA ILE C 150 9.03 -15.19 68.62
C ILE C 150 9.64 -15.92 69.81
N VAL C 151 10.72 -16.66 69.56
CA VAL C 151 11.38 -17.41 70.64
C VAL C 151 11.71 -16.49 71.80
N HIS C 152 12.49 -15.44 71.53
CA HIS C 152 12.89 -14.51 72.56
C HIS C 152 11.77 -13.58 73.00
N GLY C 153 10.56 -13.73 72.43
CA GLY C 153 9.41 -12.97 72.89
C GLY C 153 9.55 -11.47 72.70
N ARG C 154 10.19 -11.05 71.61
CA ARG C 154 10.42 -9.64 71.36
C ARG C 154 9.33 -8.99 70.51
N ILE C 155 8.38 -9.76 70.01
CA ILE C 155 7.27 -9.23 69.24
C ILE C 155 6.15 -8.85 70.20
N ALA C 156 5.55 -7.68 69.97
CA ALA C 156 4.47 -7.19 70.81
C ALA C 156 3.13 -7.66 70.23
N PRO C 157 2.43 -8.60 70.86
CA PRO C 157 1.16 -9.07 70.29
C PRO C 157 0.12 -7.95 70.35
N TYR C 158 -0.55 -7.74 69.21
CA TYR C 158 -1.61 -6.74 69.12
C TYR C 158 -2.94 -7.45 68.87
N ARG C 159 -3.99 -6.94 69.51
CA ARG C 159 -5.31 -7.56 69.43
C ARG C 159 -5.91 -7.39 68.04
N GLN C 160 -6.71 -8.37 67.63
CA GLN C 160 -7.33 -8.33 66.31
C GLN C 160 -8.34 -7.19 66.25
N THR C 161 -8.45 -6.60 65.06
CA THR C 161 -9.49 -5.61 64.79
C THR C 161 -10.87 -6.22 65.05
N ALA C 162 -11.82 -5.38 65.42
CA ALA C 162 -13.18 -5.82 65.65
C ALA C 162 -13.84 -6.20 64.33
N GLY C 163 -14.75 -7.17 64.39
CA GLY C 163 -15.46 -7.59 63.18
C GLY C 163 -14.69 -8.69 62.46
N GLY C 164 -15.40 -9.58 61.81
CA GLY C 164 -14.71 -10.69 61.17
C GLY C 164 -15.67 -11.71 60.59
N THR C 165 -15.14 -12.90 60.34
CA THR C 165 -15.89 -14.04 59.83
C THR C 165 -15.55 -15.29 60.62
N LEU C 166 -16.40 -16.29 60.46
CA LEU C 166 -16.19 -17.58 61.08
C LEU C 166 -16.84 -18.63 60.19
N HIS C 167 -16.15 -19.75 60.03
CA HIS C 167 -16.68 -20.85 59.24
C HIS C 167 -16.38 -22.15 59.95
N PHE C 168 -17.31 -23.10 59.85
CA PHE C 168 -17.21 -24.40 60.50
C PHE C 168 -16.87 -25.46 59.47
N LYS C 169 -16.63 -26.68 59.95
CA LYS C 169 -16.16 -27.75 59.08
C LYS C 169 -17.15 -28.03 57.95
N ALA C 170 -18.46 -28.00 58.25
CA ALA C 170 -19.48 -28.41 57.31
C ALA C 170 -19.93 -27.30 56.36
N ASP C 171 -19.52 -26.04 56.60
CA ASP C 171 -19.97 -24.95 55.75
C ASP C 171 -19.55 -25.14 54.30
N ARG C 172 -18.55 -25.99 54.04
CA ARG C 172 -18.06 -26.23 52.69
C ARG C 172 -18.64 -27.52 52.10
N ASP C 173 -19.50 -28.23 52.83
CA ASP C 173 -20.07 -29.46 52.32
C ASP C 173 -20.76 -29.24 50.99
N PHE C 174 -21.50 -28.13 50.87
CA PHE C 174 -22.22 -27.82 49.65
C PHE C 174 -21.30 -27.51 48.49
N TYR C 175 -20.03 -27.19 48.76
CA TYR C 175 -19.06 -26.80 47.74
C TYR C 175 -17.93 -27.82 47.63
N LYS C 176 -18.21 -29.10 47.90
CA LYS C 176 -17.16 -30.11 47.94
C LYS C 176 -16.61 -30.44 46.56
N ASN C 177 -17.30 -30.07 45.49
CA ASN C 177 -16.88 -30.40 44.14
C ASN C 177 -16.10 -29.27 43.48
N LEU C 178 -15.81 -28.19 44.20
CA LEU C 178 -15.22 -26.99 43.61
C LEU C 178 -13.73 -26.88 43.87
N ASN C 179 -13.08 -27.93 44.36
CA ASN C 179 -11.68 -27.81 44.77
C ASN C 179 -10.77 -27.46 43.59
N MET C 180 -11.07 -27.97 42.40
CA MET C 180 -10.24 -27.75 41.23
C MET C 180 -10.75 -26.64 40.33
N THR C 181 -11.76 -25.90 40.75
CA THR C 181 -12.24 -24.77 39.96
C THR C 181 -11.28 -23.58 40.11
N THR C 182 -11.37 -22.67 39.15
CA THR C 182 -10.51 -21.49 39.15
C THR C 182 -11.15 -20.39 40.00
N VAL C 183 -10.30 -19.46 40.46
CA VAL C 183 -10.80 -18.30 41.20
C VAL C 183 -11.85 -17.56 40.37
N ARG C 184 -11.54 -17.31 39.10
CA ARG C 184 -12.51 -16.64 38.23
C ARG C 184 -13.76 -17.47 38.07
N GLU C 185 -13.61 -18.77 37.77
CA GLU C 185 -14.76 -19.63 37.60
C GLU C 185 -15.60 -19.68 38.87
N LEU C 186 -14.95 -19.66 40.02
CA LEU C 186 -15.69 -19.74 41.29
C LEU C 186 -16.46 -18.45 41.51
N LEU C 187 -15.81 -17.30 41.30
CA LEU C 187 -16.48 -16.02 41.48
C LEU C 187 -17.62 -15.85 40.48
N ALA C 188 -17.44 -16.34 39.25
CA ALA C 188 -18.53 -16.31 38.27
C ALA C 188 -19.72 -17.12 38.74
N LEU C 189 -19.47 -18.34 39.23
CA LEU C 189 -20.55 -19.15 39.77
C LEU C 189 -21.26 -18.45 40.92
N LYS C 190 -20.53 -17.66 41.71
CA LYS C 190 -21.15 -16.95 42.81
C LYS C 190 -22.19 -15.95 42.31
N ARG C 191 -21.80 -15.05 41.40
CA ARG C 191 -22.75 -14.05 40.92
C ARG C 191 -24.01 -14.68 40.34
N LEU C 192 -23.89 -15.88 39.77
CA LEU C 192 -25.05 -16.51 39.14
C LEU C 192 -25.94 -17.21 40.16
N CYS C 193 -25.35 -17.81 41.19
CA CYS C 193 -26.07 -18.72 42.07
C CYS C 193 -26.11 -18.29 43.53
N ALA C 194 -25.50 -17.17 43.89
CA ALA C 194 -25.48 -16.72 45.27
C ALA C 194 -26.86 -16.22 45.71
N GLU C 195 -27.08 -16.25 47.03
CA GLU C 195 -28.35 -15.81 47.61
C GLU C 195 -28.74 -14.41 47.11
N PRO C 196 -30.02 -14.04 47.22
CA PRO C 196 -30.43 -12.70 46.78
C PRO C 196 -29.84 -11.61 47.66
N LYS C 197 -29.51 -10.48 47.04
CA LYS C 197 -28.97 -9.34 47.75
C LYS C 197 -30.03 -8.73 48.68
N ARG C 198 -29.55 -8.06 49.72
CA ARG C 198 -30.45 -7.44 50.69
C ARG C 198 -31.32 -6.37 50.02
N GLY C 199 -32.34 -5.93 50.76
CA GLY C 199 -33.21 -4.85 50.35
C GLY C 199 -34.56 -5.30 49.81
N GLU C 200 -34.62 -6.49 49.20
CA GLU C 200 -35.86 -6.93 48.57
C GLU C 200 -36.95 -7.12 49.63
N LYS C 201 -38.19 -6.86 49.23
CA LYS C 201 -39.35 -7.00 50.08
C LYS C 201 -40.33 -7.97 49.44
N PRO C 202 -41.19 -8.62 50.24
CA PRO C 202 -42.14 -9.57 49.66
C PRO C 202 -43.13 -8.91 48.72
N ILE C 203 -43.57 -9.67 47.72
CA ILE C 203 -44.64 -9.20 46.86
C ILE C 203 -45.90 -8.97 47.69
N ASP C 204 -46.53 -7.82 47.49
CA ASP C 204 -47.64 -7.37 48.33
C ASP C 204 -48.88 -7.06 47.50
N LYS C 205 -48.99 -7.64 46.30
CA LYS C 205 -50.07 -7.33 45.37
C LYS C 205 -50.65 -8.62 44.80
N THR C 206 -51.98 -8.63 44.63
CA THR C 206 -52.66 -9.68 43.89
C THR C 206 -52.79 -9.26 42.42
N PHE C 207 -53.19 -10.22 41.58
CA PHE C 207 -53.32 -9.92 40.16
C PHE C 207 -54.45 -8.92 39.91
N HIS C 208 -55.65 -9.21 40.42
CA HIS C 208 -56.76 -8.29 40.20
C HIS C 208 -56.51 -6.94 40.85
N GLN C 209 -55.61 -6.87 41.83
CA GLN C 209 -55.15 -5.58 42.33
C GLN C 209 -54.45 -4.80 41.23
N LEU C 210 -53.45 -5.41 40.58
CA LEU C 210 -52.74 -4.72 39.51
C LEU C 210 -53.62 -4.51 38.28
N PHE C 211 -54.59 -5.41 38.05
CA PHE C 211 -55.48 -5.24 36.92
C PHE C 211 -56.42 -4.05 37.15
N GLU C 212 -57.16 -4.06 38.26
CA GLU C 212 -57.98 -2.91 38.61
C GLU C 212 -57.17 -1.64 38.67
N GLN C 213 -55.86 -1.75 38.91
CA GLN C 213 -54.98 -0.59 38.80
C GLN C 213 -54.80 -0.20 37.33
N GLN C 214 -54.67 -1.19 36.44
CA GLN C 214 -54.43 -0.88 35.03
C GLN C 214 -55.70 -0.39 34.34
N VAL C 215 -56.88 -0.83 34.79
CA VAL C 215 -58.11 -0.34 34.20
C VAL C 215 -58.27 1.15 34.49
N GLU C 216 -57.91 1.56 35.71
CA GLU C 216 -57.99 2.97 36.10
C GLU C 216 -57.08 3.84 35.25
N MET C 217 -56.09 3.25 34.58
CA MET C 217 -55.17 4.00 33.74
C MET C 217 -55.53 3.94 32.26
N THR C 218 -56.07 2.82 31.80
CA THR C 218 -56.50 2.65 30.41
C THR C 218 -57.91 2.09 30.39
N PRO C 219 -58.88 2.87 30.89
CA PRO C 219 -60.25 2.34 30.99
C PRO C 219 -60.91 2.12 29.64
N ASP C 220 -60.58 2.94 28.64
CA ASP C 220 -61.20 2.88 27.32
C ASP C 220 -60.38 2.09 26.31
N HIS C 221 -59.24 1.52 26.71
CA HIS C 221 -58.42 0.73 25.81
C HIS C 221 -59.02 -0.65 25.60
N VAL C 222 -58.78 -1.21 24.41
CA VAL C 222 -59.32 -2.52 24.08
C VAL C 222 -58.63 -3.57 24.95
N ALA C 223 -59.43 -4.44 25.57
CA ALA C 223 -58.91 -5.49 26.44
C ALA C 223 -58.87 -6.85 25.73
N VAL C 224 -60.01 -7.30 25.22
CA VAL C 224 -60.12 -8.62 24.60
C VAL C 224 -61.00 -8.50 23.37
N VAL C 225 -60.66 -9.25 22.33
CA VAL C 225 -61.40 -9.23 21.07
C VAL C 225 -61.74 -10.66 20.70
N ASP C 226 -63.00 -10.91 20.35
CA ASP C 226 -63.47 -12.21 19.89
C ASP C 226 -64.30 -12.02 18.62
N ARG C 227 -63.80 -12.54 17.51
CA ARG C 227 -64.51 -12.45 16.24
C ARG C 227 -64.61 -10.99 15.84
N GLY C 228 -65.82 -10.41 15.90
CA GLY C 228 -66.01 -9.01 15.58
C GLY C 228 -66.24 -8.15 16.81
N GLN C 229 -66.61 -8.80 17.91
CA GLN C 229 -66.97 -8.13 19.15
C GLN C 229 -65.72 -7.86 19.99
N SER C 230 -65.83 -6.87 20.87
CA SER C 230 -64.69 -6.48 21.71
C SER C 230 -65.19 -5.80 22.97
N LEU C 231 -64.41 -5.92 24.03
CA LEU C 231 -64.66 -5.25 25.30
C LEU C 231 -63.46 -4.41 25.69
N THR C 232 -63.72 -3.27 26.30
CA THR C 232 -62.64 -2.44 26.85
C THR C 232 -62.28 -2.90 28.25
N TYR C 233 -61.15 -2.39 28.76
CA TYR C 233 -60.72 -2.72 30.12
C TYR C 233 -61.78 -2.36 31.15
N LYS C 234 -62.56 -1.30 30.90
CA LYS C 234 -63.61 -0.92 31.83
C LYS C 234 -64.83 -1.82 31.71
N GLN C 235 -65.26 -2.10 30.47
CA GLN C 235 -66.37 -3.02 30.21
C GLN C 235 -66.02 -4.40 30.75
N LEU C 236 -64.81 -4.88 30.47
CA LEU C 236 -64.38 -6.17 30.97
C LEU C 236 -64.40 -6.20 32.50
N ASN C 237 -63.87 -5.15 33.12
CA ASN C 237 -63.80 -5.10 34.57
C ASN C 237 -65.21 -5.05 35.17
N GLU C 238 -66.10 -4.25 34.58
CA GLU C 238 -67.45 -4.11 35.13
C GLU C 238 -68.23 -5.41 35.04
N ARG C 239 -68.12 -6.13 33.92
CA ARG C 239 -68.88 -7.36 33.78
C ARG C 239 -68.36 -8.45 34.72
N ALA C 240 -67.04 -8.59 34.83
CA ALA C 240 -66.48 -9.54 35.77
C ALA C 240 -66.92 -9.22 37.19
N ASN C 241 -67.01 -7.93 37.53
CA ASN C 241 -67.49 -7.54 38.86
C ASN C 241 -68.90 -8.06 39.11
N GLN C 242 -69.80 -7.83 38.15
CA GLN C 242 -71.18 -8.24 38.34
C GLN C 242 -71.30 -9.74 38.61
N LEU C 243 -70.54 -10.55 37.87
CA LEU C 243 -70.57 -11.99 38.11
C LEU C 243 -69.79 -12.34 39.37
N ALA C 244 -68.69 -11.63 39.63
CA ALA C 244 -67.91 -11.88 40.84
C ALA C 244 -68.76 -11.67 42.09
N HIS C 245 -69.57 -10.61 42.09
CA HIS C 245 -70.47 -10.36 43.22
C HIS C 245 -71.37 -11.56 43.48
N HIS C 246 -71.93 -12.15 42.42
CA HIS C 246 -72.77 -13.33 42.58
C HIS C 246 -71.95 -14.51 43.10
N LEU C 247 -70.69 -14.63 42.67
CA LEU C 247 -69.85 -15.73 43.12
C LEU C 247 -69.58 -15.63 44.62
N ARG C 248 -69.08 -14.47 45.07
CA ARG C 248 -68.83 -14.28 46.49
C ARG C 248 -70.10 -14.41 47.31
N GLY C 249 -71.27 -14.16 46.71
CA GLY C 249 -72.52 -14.28 47.43
C GLY C 249 -72.87 -15.70 47.81
N LYS C 250 -72.56 -16.67 46.95
CA LYS C 250 -72.84 -18.06 47.25
C LYS C 250 -71.77 -18.70 48.12
N GLY C 251 -70.73 -17.96 48.51
CA GLY C 251 -69.78 -18.43 49.49
C GLY C 251 -68.35 -18.64 49.04
N VAL C 252 -67.95 -18.09 47.88
CA VAL C 252 -66.57 -18.22 47.45
C VAL C 252 -65.66 -17.40 48.35
N LYS C 253 -64.58 -18.03 48.83
CA LYS C 253 -63.61 -17.42 49.73
C LYS C 253 -62.20 -17.79 49.31
N PRO C 254 -61.18 -17.10 49.84
CA PRO C 254 -59.80 -17.42 49.46
C PRO C 254 -59.52 -18.91 49.52
N ASP C 255 -58.67 -19.35 48.60
CA ASP C 255 -58.21 -20.73 48.46
C ASP C 255 -59.32 -21.70 48.10
N ASP C 256 -60.53 -21.22 47.80
CA ASP C 256 -61.58 -22.09 47.29
C ASP C 256 -61.46 -22.16 45.78
N GLN C 257 -61.74 -23.33 45.23
CA GLN C 257 -61.62 -23.58 43.80
C GLN C 257 -62.94 -23.39 43.10
N VAL C 258 -62.87 -22.80 41.90
CA VAL C 258 -64.02 -22.63 41.03
C VAL C 258 -63.64 -23.16 39.66
N ALA C 259 -64.35 -24.17 39.20
CA ALA C 259 -64.04 -24.80 37.92
C ALA C 259 -64.63 -23.96 36.79
N ILE C 260 -63.88 -23.88 35.69
CA ILE C 260 -64.36 -23.19 34.49
C ILE C 260 -64.22 -24.16 33.32
N MET C 261 -65.36 -24.47 32.69
CA MET C 261 -65.39 -25.34 31.51
C MET C 261 -66.08 -24.57 30.39
N LEU C 262 -65.29 -23.92 29.54
CA LEU C 262 -65.81 -23.11 28.44
C LEU C 262 -64.86 -23.21 27.27
N ASP C 263 -65.39 -22.90 26.09
CA ASP C 263 -64.55 -22.71 24.92
C ASP C 263 -63.97 -21.30 24.95
N LYS C 264 -62.90 -21.10 24.17
CA LYS C 264 -62.31 -19.76 24.08
C LYS C 264 -63.34 -18.76 23.58
N SER C 265 -63.53 -17.70 24.36
CA SER C 265 -64.57 -16.70 24.07
C SER C 265 -64.39 -15.56 25.06
N LEU C 266 -65.20 -14.51 24.87
CA LEU C 266 -65.24 -13.45 25.86
C LEU C 266 -65.69 -14.00 27.20
N ASP C 267 -66.61 -14.96 27.17
CA ASP C 267 -67.13 -15.56 28.40
C ASP C 267 -66.03 -16.21 29.23
N MET C 268 -64.94 -16.65 28.59
CA MET C 268 -63.85 -17.26 29.33
C MET C 268 -63.11 -16.23 30.18
N ILE C 269 -62.74 -15.10 29.58
CA ILE C 269 -62.01 -14.06 30.31
C ILE C 269 -62.87 -13.49 31.43
N VAL C 270 -64.15 -13.22 31.14
CA VAL C 270 -65.04 -12.69 32.16
C VAL C 270 -65.12 -13.64 33.35
N SER C 271 -65.22 -14.94 33.08
CA SER C 271 -65.37 -15.90 34.16
C SER C 271 -64.09 -16.02 34.99
N ILE C 272 -62.94 -16.06 34.32
CA ILE C 272 -61.67 -16.22 35.03
C ILE C 272 -61.45 -15.06 36.00
N LEU C 273 -61.46 -13.83 35.48
CA LEU C 273 -61.22 -12.67 36.35
C LEU C 273 -62.27 -12.59 37.44
N ALA C 274 -63.51 -12.98 37.14
CA ALA C 274 -64.55 -12.96 38.15
C ALA C 274 -64.20 -13.89 39.31
N VAL C 275 -63.66 -15.07 39.00
CA VAL C 275 -63.24 -16.00 40.05
C VAL C 275 -62.15 -15.37 40.91
N MET C 276 -61.13 -14.80 40.27
CA MET C 276 -60.09 -14.08 41.00
C MET C 276 -60.71 -13.04 41.92
N LYS C 277 -61.47 -12.11 41.34
CA LYS C 277 -62.05 -11.03 42.12
C LYS C 277 -62.99 -11.53 43.20
N ALA C 278 -63.63 -12.68 42.97
CA ALA C 278 -64.49 -13.25 44.00
C ALA C 278 -63.66 -13.69 45.21
N GLY C 279 -62.45 -14.19 44.97
CA GLY C 279 -61.55 -14.55 46.04
C GLY C 279 -60.82 -15.86 45.81
N GLY C 280 -61.42 -16.75 45.01
CA GLY C 280 -60.90 -18.09 44.83
C GLY C 280 -59.93 -18.20 43.68
N ALA C 281 -59.59 -19.46 43.36
CA ALA C 281 -58.72 -19.80 42.26
C ALA C 281 -59.51 -20.62 41.24
N TYR C 282 -59.24 -20.39 39.96
CA TYR C 282 -60.02 -21.00 38.89
C TYR C 282 -59.31 -22.25 38.35
N VAL C 283 -60.09 -23.28 38.10
CA VAL C 283 -59.60 -24.54 37.56
C VAL C 283 -60.09 -24.71 36.13
N PRO C 284 -59.26 -24.43 35.12
CA PRO C 284 -59.74 -24.53 33.74
C PRO C 284 -59.93 -25.99 33.33
N ILE C 285 -61.03 -26.25 32.64
CA ILE C 285 -61.39 -27.59 32.19
C ILE C 285 -61.76 -27.53 30.71
N ASP C 286 -60.96 -28.16 29.86
CA ASP C 286 -61.28 -28.27 28.45
C ASP C 286 -62.54 -29.12 28.29
N PRO C 287 -63.58 -28.63 27.60
CA PRO C 287 -64.76 -29.47 27.38
C PRO C 287 -64.49 -30.63 26.44
N ASP C 288 -63.40 -30.57 25.66
CA ASP C 288 -63.08 -31.61 24.70
C ASP C 288 -62.31 -32.78 25.29
N TYR C 289 -61.88 -32.68 26.56
CA TYR C 289 -61.22 -33.81 27.19
C TYR C 289 -62.22 -34.97 27.33
N PRO C 290 -61.73 -36.21 27.33
CA PRO C 290 -62.63 -37.35 27.55
C PRO C 290 -63.43 -37.22 28.85
N GLY C 291 -64.65 -37.74 28.82
CA GLY C 291 -65.52 -37.68 29.99
C GLY C 291 -64.92 -38.31 31.22
N GLU C 292 -63.96 -39.22 31.04
CA GLU C 292 -63.26 -39.81 32.19
C GLU C 292 -62.34 -38.80 32.84
N ARG C 293 -61.52 -38.13 32.03
CA ARG C 293 -60.60 -37.12 32.56
C ARG C 293 -61.39 -35.95 33.16
N ILE C 294 -62.45 -35.52 32.48
CA ILE C 294 -63.29 -34.46 33.02
C ILE C 294 -63.85 -34.87 34.37
N ALA C 295 -64.45 -36.05 34.46
CA ALA C 295 -65.00 -36.52 35.72
C ALA C 295 -63.91 -36.58 36.80
N TYR C 296 -62.71 -37.01 36.42
CA TYR C 296 -61.62 -37.09 37.39
C TYR C 296 -61.16 -35.70 37.82
N MET C 297 -61.01 -34.77 36.86
CA MET C 297 -60.58 -33.43 37.22
C MET C 297 -61.57 -32.78 38.17
N LEU C 298 -62.86 -32.96 37.92
CA LEU C 298 -63.88 -32.40 38.81
C LEU C 298 -63.86 -33.06 40.18
N ALA C 299 -63.57 -34.36 40.24
CA ALA C 299 -63.58 -35.07 41.50
C ALA C 299 -62.44 -34.63 42.40
N ASP C 300 -61.21 -34.70 41.89
CA ASP C 300 -60.04 -34.32 42.66
C ASP C 300 -60.17 -32.90 43.22
N SER C 301 -60.41 -31.93 42.34
CA SER C 301 -60.58 -30.56 42.78
C SER C 301 -61.77 -30.43 43.73
N SER C 302 -61.62 -29.56 44.73
CA SER C 302 -62.67 -29.26 45.68
C SER C 302 -63.63 -28.19 45.19
N ALA C 303 -63.66 -27.94 43.88
CA ALA C 303 -64.47 -26.86 43.33
C ALA C 303 -65.94 -27.11 43.62
N ALA C 304 -66.57 -26.18 44.33
CA ALA C 304 -68.01 -26.25 44.58
C ALA C 304 -68.84 -25.57 43.51
N ILE C 305 -68.24 -24.72 42.69
CA ILE C 305 -68.94 -23.96 41.66
C ILE C 305 -68.30 -24.24 40.32
N LEU C 306 -69.14 -24.33 39.28
CA LEU C 306 -68.68 -24.53 37.90
C LEU C 306 -69.32 -23.49 37.01
N LEU C 307 -68.50 -22.66 36.39
CA LEU C 307 -68.95 -21.72 35.37
C LEU C 307 -68.86 -22.40 34.01
N THR C 308 -69.96 -22.41 33.27
CA THR C 308 -69.99 -23.10 31.99
C THR C 308 -71.22 -22.67 31.21
N ASN C 309 -71.26 -23.09 29.94
CA ASN C 309 -72.40 -22.80 29.08
C ASN C 309 -73.52 -23.80 29.33
N ALA C 310 -74.65 -23.55 28.67
CA ALA C 310 -75.67 -24.59 28.56
C ALA C 310 -75.26 -25.68 27.59
N LEU C 311 -74.27 -25.42 26.74
CA LEU C 311 -73.78 -26.43 25.81
C LEU C 311 -73.00 -27.52 26.54
N HIS C 312 -71.99 -27.13 27.31
CA HIS C 312 -71.12 -28.08 28.01
C HIS C 312 -71.62 -28.42 29.40
N GLU C 313 -72.79 -27.92 29.80
CA GLU C 313 -73.30 -28.16 31.14
C GLU C 313 -73.40 -29.64 31.44
N GLU C 314 -73.84 -30.45 30.47
CA GLU C 314 -74.09 -31.85 30.72
C GLU C 314 -72.80 -32.68 30.80
N LYS C 315 -71.69 -32.18 30.25
CA LYS C 315 -70.44 -32.93 30.29
C LYS C 315 -69.91 -33.11 31.71
N ALA C 316 -70.47 -32.43 32.70
CA ALA C 316 -70.04 -32.59 34.08
C ALA C 316 -70.89 -33.60 34.83
N ASN C 317 -72.06 -33.94 34.30
CA ASN C 317 -72.92 -34.96 34.89
C ASN C 317 -73.30 -34.58 36.33
N GLY C 318 -73.78 -33.35 36.49
CA GLY C 318 -74.31 -32.91 37.77
C GLY C 318 -73.33 -32.97 38.91
N ALA C 319 -72.02 -32.82 38.63
CA ALA C 319 -71.03 -32.95 39.68
C ALA C 319 -71.16 -31.83 40.72
N CYS C 320 -71.49 -30.61 40.28
CA CYS C 320 -71.48 -29.46 41.16
C CYS C 320 -72.60 -28.49 40.78
N ASP C 321 -72.80 -27.48 41.63
CA ASP C 321 -73.75 -26.42 41.35
C ASP C 321 -73.30 -25.62 40.13
N ILE C 322 -74.12 -25.57 39.12
CA ILE C 322 -73.79 -24.96 37.84
C ILE C 322 -74.24 -23.51 37.84
N ILE C 323 -73.41 -22.64 37.28
CA ILE C 323 -73.75 -21.24 37.05
C ILE C 323 -73.68 -21.00 35.54
N ASP C 324 -74.83 -20.68 34.95
CA ASP C 324 -74.90 -20.45 33.51
C ASP C 324 -74.37 -19.06 33.21
N VAL C 325 -73.28 -18.99 32.45
CA VAL C 325 -72.68 -17.71 32.07
C VAL C 325 -73.60 -16.89 31.18
N HIS C 326 -74.66 -17.49 30.67
CA HIS C 326 -75.60 -16.82 29.80
C HIS C 326 -76.89 -16.45 30.51
N ASP C 327 -77.03 -16.81 31.79
CA ASP C 327 -78.20 -16.45 32.57
C ASP C 327 -77.98 -15.07 33.19
N PRO C 328 -78.77 -14.05 32.82
CA PRO C 328 -78.54 -12.72 33.42
C PRO C 328 -78.64 -12.70 34.94
N ASP C 329 -79.27 -13.70 35.55
CA ASP C 329 -79.32 -13.75 37.01
C ASP C 329 -77.95 -14.05 37.60
N SER C 330 -77.05 -14.65 36.83
CA SER C 330 -75.71 -14.93 37.31
C SER C 330 -74.87 -13.66 37.44
N TYR C 331 -75.39 -12.52 37.00
CA TYR C 331 -74.68 -11.24 37.08
C TYR C 331 -75.46 -10.32 38.00
N SER C 332 -74.77 -9.74 38.98
CA SER C 332 -75.39 -8.81 39.91
C SER C 332 -75.50 -7.42 39.28
N GLU C 333 -76.19 -6.52 39.99
CA GLU C 333 -76.28 -5.13 39.54
C GLU C 333 -75.02 -4.33 39.85
N ASN C 334 -74.32 -4.66 40.94
CA ASN C 334 -73.19 -3.86 41.37
C ASN C 334 -72.06 -3.94 40.35
N THR C 335 -71.57 -2.77 39.93
CA THR C 335 -70.49 -2.68 38.97
C THR C 335 -69.19 -2.22 39.60
N ASN C 336 -69.16 -2.01 40.91
CA ASN C 336 -67.98 -1.52 41.58
C ASN C 336 -67.02 -2.67 41.88
N ASN C 337 -65.74 -2.33 42.02
CA ASN C 337 -64.75 -3.32 42.41
C ASN C 337 -65.08 -3.89 43.79
N LEU C 338 -64.89 -5.20 43.94
CA LEU C 338 -65.21 -5.85 45.20
C LEU C 338 -64.17 -5.48 46.27
N PRO C 339 -64.56 -5.51 47.54
CA PRO C 339 -63.58 -5.33 48.61
C PRO C 339 -62.49 -6.41 48.57
N HIS C 340 -61.25 -5.97 48.65
CA HIS C 340 -60.13 -6.91 48.61
C HIS C 340 -60.14 -7.80 49.84
N VAL C 341 -59.90 -9.09 49.63
CA VAL C 341 -59.89 -10.08 50.70
C VAL C 341 -58.78 -11.10 50.48
N ASN C 342 -57.96 -10.87 49.45
CA ASN C 342 -56.91 -11.81 49.07
C ASN C 342 -55.55 -11.30 49.51
N ARG C 343 -54.66 -12.24 49.79
CA ARG C 343 -53.25 -11.97 50.03
C ARG C 343 -52.39 -12.60 48.94
N PRO C 344 -51.15 -12.14 48.77
CA PRO C 344 -50.31 -12.70 47.69
C PRO C 344 -50.06 -14.20 47.79
N ASP C 345 -50.29 -14.81 48.95
CA ASP C 345 -50.06 -16.24 49.12
C ASP C 345 -51.34 -17.07 48.96
N ASP C 346 -52.41 -16.48 48.47
CA ASP C 346 -53.62 -17.24 48.18
C ASP C 346 -53.53 -17.84 46.78
N LEU C 347 -54.25 -18.94 46.59
CA LEU C 347 -54.26 -19.62 45.30
C LEU C 347 -54.91 -18.75 44.23
N VAL C 348 -54.34 -18.78 43.03
CA VAL C 348 -54.90 -18.08 41.89
C VAL C 348 -55.47 -19.04 40.85
N TYR C 349 -54.84 -20.20 40.66
CA TYR C 349 -55.40 -21.21 39.77
C TYR C 349 -54.74 -22.55 40.05
N VAL C 350 -55.42 -23.61 39.62
CA VAL C 350 -54.96 -24.99 39.76
C VAL C 350 -55.16 -25.69 38.43
N MET C 351 -54.05 -26.00 37.75
CA MET C 351 -54.09 -26.76 36.50
C MET C 351 -53.56 -28.18 36.76
N TYR C 352 -53.69 -29.01 35.73
CA TYR C 352 -53.32 -30.42 35.82
C TYR C 352 -52.31 -30.77 34.74
N THR C 353 -51.35 -31.61 35.09
CA THR C 353 -50.32 -32.04 34.14
C THR C 353 -50.81 -33.23 33.30
N LEU C 359 -51.99 -40.90 37.30
CA LEU C 359 -53.07 -39.93 37.26
C LEU C 359 -52.53 -38.50 37.13
N ALA C 360 -53.34 -37.63 36.52
CA ALA C 360 -52.97 -36.24 36.35
C ALA C 360 -52.87 -35.54 37.69
N LYS C 361 -51.88 -34.65 37.82
CA LYS C 361 -51.57 -33.97 39.07
C LYS C 361 -51.92 -32.50 38.97
N GLY C 362 -52.65 -32.01 39.97
CA GLY C 362 -53.09 -30.63 40.03
C GLY C 362 -52.07 -29.68 40.63
N VAL C 363 -51.43 -28.86 39.81
CA VAL C 363 -50.44 -27.91 40.30
C VAL C 363 -51.16 -26.72 40.92
N MET C 364 -50.81 -26.39 42.15
CA MET C 364 -51.39 -25.24 42.84
C MET C 364 -50.47 -24.05 42.63
N ILE C 365 -51.02 -22.95 42.12
CA ILE C 365 -50.25 -21.72 41.89
C ILE C 365 -50.89 -20.61 42.70
N GLU C 366 -50.06 -19.76 43.30
CA GLU C 366 -50.50 -18.66 44.13
C GLU C 366 -50.38 -17.34 43.38
N HIS C 367 -51.06 -16.32 43.90
CA HIS C 367 -51.06 -15.01 43.24
C HIS C 367 -49.65 -14.44 43.11
N HIS C 368 -48.88 -14.43 44.21
CA HIS C 368 -47.55 -13.82 44.16
C HIS C 368 -46.70 -14.45 43.07
N ASN C 369 -46.93 -15.73 42.81
CA ASN C 369 -46.28 -16.40 41.72
C ASN C 369 -46.58 -15.73 40.38
N LEU C 370 -47.87 -15.52 40.09
CA LEU C 370 -48.26 -14.91 38.83
C LEU C 370 -47.77 -13.47 38.72
N VAL C 371 -47.90 -12.70 39.80
CA VAL C 371 -47.49 -11.30 39.77
C VAL C 371 -46.01 -11.18 39.39
N ASN C 372 -45.17 -12.00 40.01
CA ASN C 372 -43.73 -11.88 39.75
C ASN C 372 -43.41 -12.06 38.27
N PHE C 373 -44.05 -13.04 37.63
CA PHE C 373 -43.77 -13.27 36.21
C PHE C 373 -44.22 -12.09 35.36
N CYS C 374 -45.43 -11.56 35.59
CA CYS C 374 -45.91 -10.44 34.81
C CYS C 374 -45.01 -9.22 35.00
N GLU C 375 -44.72 -8.88 36.26
CA GLU C 375 -43.90 -7.70 36.52
C GLU C 375 -42.51 -7.84 35.91
N TRP C 376 -41.98 -9.06 35.81
CA TRP C 376 -40.80 -9.26 34.97
C TRP C 376 -41.17 -9.22 33.48
N TYR C 377 -42.32 -9.78 33.11
CA TYR C 377 -42.68 -9.84 31.69
C TYR C 377 -42.86 -8.45 31.06
N ARG C 378 -43.49 -7.52 31.78
CA ARG C 378 -43.78 -6.22 31.15
C ARG C 378 -42.51 -5.52 30.67
N PRO C 379 -41.47 -5.35 31.50
CA PRO C 379 -40.29 -4.59 31.03
C PRO C 379 -39.31 -5.33 30.15
N TYR C 380 -39.15 -6.65 30.33
CA TYR C 380 -38.16 -7.38 29.53
C TYR C 380 -38.50 -7.31 28.05
N PHE C 381 -39.76 -7.58 27.71
CA PHE C 381 -40.21 -7.56 26.32
C PHE C 381 -40.79 -6.22 25.90
N GLY C 382 -40.82 -5.24 26.79
CA GLY C 382 -41.29 -3.91 26.46
C GLY C 382 -42.70 -3.87 25.92
N VAL C 383 -43.63 -4.52 26.61
CA VAL C 383 -45.00 -4.57 26.16
C VAL C 383 -45.68 -3.24 26.47
N THR C 384 -46.46 -2.74 25.53
CA THR C 384 -47.12 -1.46 25.63
C THR C 384 -48.55 -1.61 25.12
N PRO C 385 -49.46 -0.69 25.50
CA PRO C 385 -50.85 -0.80 25.04
C PRO C 385 -50.98 -0.88 23.52
N ALA C 386 -49.98 -0.38 22.79
CA ALA C 386 -50.01 -0.48 21.34
C ALA C 386 -49.95 -1.93 20.86
N ASP C 387 -49.49 -2.85 21.70
CA ASP C 387 -49.31 -4.22 21.28
C ASP C 387 -50.64 -4.96 21.26
N LYS C 388 -50.64 -6.07 20.53
CA LYS C 388 -51.79 -6.97 20.46
C LYS C 388 -51.26 -8.39 20.46
N ALA C 389 -51.84 -9.24 21.31
CA ALA C 389 -51.32 -10.57 21.53
C ALA C 389 -52.42 -11.61 21.34
N LEU C 390 -51.99 -12.82 20.95
CA LEU C 390 -52.90 -13.92 20.73
C LEU C 390 -53.06 -14.73 22.01
N VAL C 391 -54.27 -15.24 22.23
CA VAL C 391 -54.51 -16.23 23.28
C VAL C 391 -54.56 -17.60 22.63
N TYR C 392 -53.39 -18.16 22.32
CA TYR C 392 -53.33 -19.33 21.45
C TYR C 392 -53.47 -20.64 22.24
N SER C 393 -52.57 -20.89 23.17
CA SER C 393 -52.54 -22.20 23.82
C SER C 393 -53.84 -22.44 24.60
N SER C 394 -54.21 -23.71 24.70
CA SER C 394 -55.37 -24.12 25.49
C SER C 394 -55.28 -23.58 26.91
N PHE C 395 -56.43 -23.14 27.43
CA PHE C 395 -56.46 -22.49 28.74
C PHE C 395 -56.38 -23.45 29.91
N SER C 396 -56.24 -24.76 29.65
CA SER C 396 -55.88 -25.71 30.71
C SER C 396 -54.37 -25.87 30.85
N PHE C 397 -53.60 -25.29 29.94
CA PHE C 397 -52.15 -25.28 30.01
C PHE C 397 -51.69 -23.91 30.49
N ASP C 398 -50.44 -23.85 30.94
CA ASP C 398 -49.88 -22.62 31.50
C ASP C 398 -49.57 -21.57 30.45
N GLY C 399 -49.53 -21.94 29.16
CA GLY C 399 -49.29 -20.96 28.13
C GLY C 399 -50.36 -19.89 28.06
N SER C 400 -51.60 -20.23 28.40
CA SER C 400 -52.67 -19.24 28.38
C SER C 400 -52.50 -18.19 29.47
N ALA C 401 -51.97 -18.57 30.63
CA ALA C 401 -51.66 -17.59 31.66
C ALA C 401 -50.72 -16.53 31.12
N LEU C 402 -49.76 -16.94 30.29
CA LEU C 402 -48.91 -15.97 29.61
C LEU C 402 -49.73 -15.10 28.67
N ASP C 403 -50.56 -15.72 27.84
CA ASP C 403 -51.32 -14.97 26.85
C ASP C 403 -52.31 -14.01 27.50
N ILE C 404 -53.10 -14.49 28.46
CA ILE C 404 -54.23 -13.72 28.97
C ILE C 404 -53.80 -12.76 30.06
N PHE C 405 -53.30 -13.29 31.17
CA PHE C 405 -53.17 -12.48 32.37
C PHE C 405 -52.09 -11.44 32.21
N THR C 406 -51.01 -11.84 31.58
CA THR C 406 -49.82 -11.00 31.49
C THR C 406 -50.08 -9.73 30.68
N HIS C 407 -50.56 -9.88 29.45
CA HIS C 407 -50.67 -8.71 28.58
C HIS C 407 -51.74 -7.77 29.08
N LEU C 408 -52.66 -8.27 29.90
CA LEU C 408 -53.70 -7.43 30.47
C LEU C 408 -53.12 -6.39 31.44
N LEU C 409 -52.04 -6.72 32.14
CA LEU C 409 -51.39 -5.73 33.00
C LEU C 409 -50.54 -4.74 32.24
N ALA C 410 -50.28 -4.98 30.96
CA ALA C 410 -49.59 -4.01 30.12
C ALA C 410 -50.56 -3.10 29.37
N GLY C 411 -51.86 -3.36 29.42
CA GLY C 411 -52.84 -2.56 28.73
C GLY C 411 -53.05 -2.92 27.28
N ALA C 412 -52.44 -4.00 26.79
CA ALA C 412 -52.58 -4.39 25.39
C ALA C 412 -53.95 -5.01 25.16
N ALA C 413 -54.23 -5.36 23.90
CA ALA C 413 -55.50 -5.93 23.49
C ALA C 413 -55.31 -7.40 23.13
N LEU C 414 -56.14 -8.26 23.71
CA LEU C 414 -56.12 -9.68 23.40
C LEU C 414 -57.08 -9.98 22.25
N HIS C 415 -56.67 -10.89 21.38
CA HIS C 415 -57.47 -11.32 20.23
C HIS C 415 -57.65 -12.83 20.32
N ILE C 416 -58.89 -13.27 20.54
CA ILE C 416 -59.15 -14.70 20.68
C ILE C 416 -58.83 -15.42 19.36
N VAL C 417 -58.33 -16.63 19.51
CA VAL C 417 -58.05 -17.54 18.40
C VAL C 417 -59.23 -18.52 18.31
N PRO C 418 -60.03 -18.51 17.26
CA PRO C 418 -61.10 -19.51 17.19
C PRO C 418 -60.52 -20.85 16.71
N SER C 419 -61.40 -21.84 16.62
CA SER C 419 -60.98 -23.18 16.25
C SER C 419 -60.65 -23.29 14.76
N GLU C 420 -61.32 -22.51 13.91
CA GLU C 420 -61.11 -22.62 12.47
C GLU C 420 -59.70 -22.23 12.06
N ARG C 421 -59.02 -21.39 12.83
CA ARG C 421 -57.65 -20.99 12.55
C ARG C 421 -56.70 -21.39 13.68
N LYS C 422 -57.09 -22.37 14.49
CA LYS C 422 -56.27 -22.80 15.60
C LYS C 422 -55.06 -23.58 15.12
N TYR C 423 -55.24 -24.45 14.12
CA TYR C 423 -54.18 -25.27 13.55
C TYR C 423 -53.71 -24.80 12.18
N ASP C 424 -54.61 -24.24 11.37
CA ASP C 424 -54.28 -23.72 10.05
C ASP C 424 -53.59 -22.37 10.21
N LEU C 425 -52.26 -22.35 10.11
CA LEU C 425 -51.49 -21.16 10.39
C LEU C 425 -51.40 -20.19 9.22
N ASP C 426 -51.75 -20.61 8.00
CA ASP C 426 -51.81 -19.66 6.90
C ASP C 426 -52.97 -18.69 7.10
N ALA C 427 -54.13 -19.20 7.50
CA ALA C 427 -55.25 -18.31 7.83
C ALA C 427 -54.97 -17.51 9.08
N LEU C 428 -54.33 -18.11 10.07
CA LEU C 428 -53.98 -17.38 11.29
C LEU C 428 -52.96 -16.28 10.99
N ASN C 429 -51.95 -16.58 10.17
CA ASN C 429 -50.99 -15.54 9.79
C ASN C 429 -51.68 -14.35 9.16
N ASP C 430 -52.70 -14.60 8.34
CA ASP C 430 -53.47 -13.48 7.78
C ASP C 430 -54.17 -12.70 8.89
N TYR C 431 -54.82 -13.40 9.82
CA TYR C 431 -55.46 -12.73 10.94
C TYR C 431 -54.48 -11.83 11.68
N CYS C 432 -53.26 -12.32 11.93
CA CYS C 432 -52.26 -11.50 12.61
C CYS C 432 -51.92 -10.27 11.78
N ASN C 433 -51.75 -10.46 10.46
CA ASN C 433 -51.37 -9.34 9.60
C ASN C 433 -52.50 -8.32 9.46
N GLN C 434 -53.76 -8.77 9.51
CA GLN C 434 -54.88 -7.84 9.47
C GLN C 434 -54.93 -7.01 10.75
N GLU C 435 -55.00 -7.68 11.90
CA GLU C 435 -55.19 -7.01 13.18
C GLU C 435 -53.92 -6.38 13.72
N GLY C 436 -52.77 -6.62 13.09
CA GLY C 436 -51.54 -6.03 13.56
C GLY C 436 -51.07 -6.65 14.86
N ILE C 437 -51.07 -7.97 14.92
CA ILE C 437 -50.60 -8.67 16.11
C ILE C 437 -49.09 -8.52 16.22
N THR C 438 -48.62 -8.12 17.41
CA THR C 438 -47.23 -7.73 17.58
C THR C 438 -46.41 -8.74 18.39
N ILE C 439 -47.02 -9.43 19.36
CA ILE C 439 -46.28 -10.35 20.22
C ILE C 439 -47.21 -11.44 20.70
N SER C 440 -46.68 -12.66 20.83
CA SER C 440 -47.46 -13.79 21.33
C SER C 440 -46.50 -14.94 21.62
N TYR C 441 -46.98 -15.91 22.39
CA TYR C 441 -46.24 -17.12 22.71
C TYR C 441 -46.85 -18.30 21.94
N LEU C 442 -46.00 -19.04 21.24
CA LEU C 442 -46.43 -20.23 20.53
C LEU C 442 -45.64 -21.44 21.03
N PRO C 443 -46.30 -22.54 21.38
CA PRO C 443 -45.55 -23.76 21.74
C PRO C 443 -44.54 -24.14 20.68
N THR C 444 -43.51 -24.90 21.07
CA THR C 444 -42.45 -25.25 20.13
C THR C 444 -43.01 -25.89 18.87
N GLY C 445 -43.96 -26.81 19.04
CA GLY C 445 -44.58 -27.45 17.90
C GLY C 445 -45.18 -26.48 16.92
N ALA C 446 -46.10 -25.64 17.39
CA ALA C 446 -46.74 -24.66 16.53
C ALA C 446 -45.78 -23.57 16.08
N ALA C 447 -44.80 -23.24 16.92
CA ALA C 447 -43.85 -22.19 16.56
C ALA C 447 -42.99 -22.60 15.37
N GLU C 448 -42.58 -23.87 15.31
CA GLU C 448 -41.77 -24.33 14.18
C GLU C 448 -42.54 -24.23 12.87
N GLN C 449 -43.86 -24.39 12.92
CA GLN C 449 -44.68 -24.26 11.71
C GLN C 449 -44.82 -22.80 11.29
N PHE C 450 -45.05 -21.88 12.24
CA PHE C 450 -45.23 -20.49 11.86
C PHE C 450 -43.99 -19.88 11.21
N MET C 451 -42.84 -20.53 11.32
CA MET C 451 -41.63 -20.01 10.67
C MET C 451 -41.75 -20.05 9.15
N GLN C 452 -42.52 -20.99 8.61
CA GLN C 452 -42.69 -21.08 7.16
C GLN C 452 -43.58 -19.96 6.63
N MET C 453 -44.49 -19.45 7.46
CA MET C 453 -45.44 -18.44 7.00
C MET C 453 -44.78 -17.07 6.98
N ASP C 454 -45.12 -16.29 5.94
CA ASP C 454 -44.59 -14.94 5.78
C ASP C 454 -45.38 -14.00 6.69
N ASN C 455 -44.72 -13.47 7.71
CA ASN C 455 -45.35 -12.56 8.65
C ASN C 455 -44.63 -11.22 8.67
N GLN C 456 -45.41 -10.16 8.92
CA GLN C 456 -44.88 -8.80 9.02
C GLN C 456 -45.37 -8.05 10.25
N SER C 457 -46.40 -8.56 10.94
CA SER C 457 -46.96 -7.83 12.08
C SER C 457 -46.14 -8.05 13.34
N PHE C 458 -45.65 -9.28 13.53
CA PHE C 458 -45.04 -9.64 14.80
C PHE C 458 -43.78 -8.82 15.07
N ARG C 459 -43.60 -8.46 16.34
CA ARG C 459 -42.39 -7.83 16.82
C ARG C 459 -41.58 -8.74 17.73
N VAL C 460 -42.25 -9.64 18.45
CA VAL C 460 -41.60 -10.65 19.29
C VAL C 460 -42.47 -11.90 19.29
N VAL C 461 -41.83 -13.07 19.30
CA VAL C 461 -42.52 -14.33 19.50
C VAL C 461 -41.72 -15.17 20.50
N ILE C 462 -42.44 -15.84 21.40
CA ILE C 462 -41.86 -16.64 22.47
C ILE C 462 -42.24 -18.09 22.26
N THR C 463 -41.30 -19.00 22.52
CA THR C 463 -41.52 -20.43 22.36
C THR C 463 -41.01 -21.18 23.58
N GLY C 464 -41.54 -22.37 23.77
CA GLY C 464 -41.16 -23.21 24.90
C GLY C 464 -42.00 -24.47 24.92
N GLY C 465 -41.53 -25.44 25.70
CA GLY C 465 -42.19 -26.73 25.79
C GLY C 465 -41.25 -27.87 25.44
N ASP C 466 -41.33 -28.34 24.20
CA ASP C 466 -40.38 -29.33 23.73
C ASP C 466 -39.05 -28.65 23.41
N VAL C 467 -38.05 -29.46 23.06
CA VAL C 467 -36.73 -28.94 22.74
C VAL C 467 -36.76 -28.34 21.34
N LEU C 468 -36.49 -27.05 21.24
CA LEU C 468 -36.49 -26.39 19.93
C LEU C 468 -35.22 -26.73 19.16
N LYS C 469 -35.35 -26.75 17.83
CA LYS C 469 -34.22 -27.09 16.96
C LYS C 469 -34.23 -26.21 15.70
N LYS C 470 -35.41 -25.98 15.14
CA LYS C 470 -35.56 -25.20 13.92
C LYS C 470 -35.65 -23.71 14.28
N ILE C 471 -35.11 -22.87 13.40
CA ILE C 471 -34.99 -21.44 13.68
C ILE C 471 -35.41 -20.62 12.48
N GLU C 472 -35.05 -21.08 11.27
CA GLU C 472 -35.26 -20.29 10.06
C GLU C 472 -36.71 -19.86 9.96
N ARG C 473 -36.92 -18.55 9.79
CA ARG C 473 -38.25 -17.97 9.70
C ARG C 473 -38.23 -16.81 8.72
N ASN C 474 -39.39 -16.54 8.13
CA ASN C 474 -39.51 -15.49 7.12
C ASN C 474 -39.59 -14.10 7.74
N GLY C 475 -40.41 -13.93 8.78
CA GLY C 475 -40.65 -12.64 9.37
C GLY C 475 -39.41 -11.95 9.91
N THR C 476 -39.59 -10.72 10.40
CA THR C 476 -38.51 -9.90 10.94
C THR C 476 -38.66 -9.71 12.45
N TYR C 477 -39.21 -10.71 13.12
CA TYR C 477 -39.54 -10.60 14.54
C TYR C 477 -38.49 -11.30 15.39
N LYS C 478 -38.30 -10.77 16.60
CA LYS C 478 -37.37 -11.39 17.54
C LYS C 478 -37.92 -12.72 18.03
N LEU C 479 -37.05 -13.72 18.07
CA LEU C 479 -37.40 -15.05 18.57
C LEU C 479 -36.84 -15.22 19.97
N TYR C 480 -37.67 -15.74 20.87
CA TYR C 480 -37.27 -16.01 22.24
C TYR C 480 -37.61 -17.45 22.57
N ASN C 481 -36.60 -18.22 22.98
CA ASN C 481 -36.78 -19.59 23.44
C ASN C 481 -36.59 -19.62 24.95
N GLY C 482 -37.60 -20.15 25.65
CA GLY C 482 -37.56 -20.19 27.09
C GLY C 482 -37.91 -21.58 27.61
N TYR C 483 -37.77 -21.73 28.92
CA TYR C 483 -37.96 -23.01 29.58
C TYR C 483 -38.54 -22.80 30.96
N GLY C 484 -39.26 -23.81 31.44
CA GLY C 484 -39.76 -23.83 32.79
C GLY C 484 -40.88 -24.85 32.92
N PRO C 485 -40.94 -25.56 34.03
CA PRO C 485 -42.04 -26.51 34.24
C PRO C 485 -43.31 -25.79 34.66
N THR C 486 -44.43 -26.47 34.43
CA THR C 486 -45.70 -25.95 34.94
C THR C 486 -45.68 -25.84 36.46
N GLU C 487 -44.75 -26.53 37.12
CA GLU C 487 -44.69 -26.54 38.57
C GLU C 487 -44.21 -25.20 39.13
N CYS C 488 -43.44 -24.44 38.34
CA CYS C 488 -42.90 -23.16 38.78
C CYS C 488 -43.45 -21.99 37.98
N THR C 489 -44.69 -22.10 37.52
CA THR C 489 -45.41 -20.97 36.93
C THR C 489 -44.89 -20.59 35.56
N ILE C 490 -45.52 -21.15 34.53
CA ILE C 490 -45.23 -20.74 33.17
C ILE C 490 -43.77 -21.02 32.88
N MET C 491 -42.90 -20.08 33.22
CA MET C 491 -41.48 -20.22 32.90
C MET C 491 -40.63 -19.54 33.96
N VAL C 492 -39.35 -19.89 33.96
CA VAL C 492 -38.39 -19.37 34.93
C VAL C 492 -37.11 -18.89 34.25
N THR C 493 -36.94 -19.23 32.97
CA THR C 493 -35.77 -18.79 32.22
C THR C 493 -36.20 -18.39 30.81
N MET C 494 -35.39 -17.52 30.20
CA MET C 494 -35.72 -16.94 28.90
C MET C 494 -34.45 -16.63 28.13
N PHE C 495 -34.43 -16.99 26.85
CA PHE C 495 -33.28 -16.75 25.98
C PHE C 495 -33.72 -16.04 24.71
N GLU C 496 -32.93 -15.06 24.29
CA GLU C 496 -33.13 -14.36 23.02
C GLU C 496 -32.26 -15.03 21.96
N VAL C 497 -32.88 -15.71 21.02
CA VAL C 497 -32.18 -16.46 19.98
C VAL C 497 -31.58 -15.47 19.00
N ASP C 498 -30.25 -15.39 18.97
CA ASP C 498 -29.52 -14.46 18.10
C ASP C 498 -28.81 -15.15 16.95
N LYS C 499 -28.26 -16.33 17.18
CA LYS C 499 -27.56 -17.10 16.16
C LYS C 499 -28.03 -18.54 16.23
N PRO C 500 -27.82 -19.33 15.17
CA PRO C 500 -28.18 -20.74 15.21
C PRO C 500 -27.26 -21.55 16.11
N TYR C 501 -27.84 -22.54 16.79
CA TYR C 501 -27.08 -23.43 17.66
C TYR C 501 -27.54 -24.87 17.42
N ALA C 502 -26.60 -25.81 17.64
CA ALA C 502 -27.00 -27.22 17.68
C ALA C 502 -27.85 -27.51 18.90
N ASN C 503 -27.58 -26.83 20.00
CA ASN C 503 -28.41 -26.87 21.21
C ASN C 503 -28.68 -25.43 21.65
N ILE C 504 -29.86 -24.95 21.28
CA ILE C 504 -30.27 -23.58 21.61
C ILE C 504 -30.41 -23.45 23.13
N PRO C 505 -29.74 -22.50 23.76
CA PRO C 505 -29.84 -22.39 25.22
C PRO C 505 -31.20 -21.86 25.65
N ILE C 506 -31.54 -22.15 26.90
CA ILE C 506 -32.82 -21.74 27.48
C ILE C 506 -32.71 -20.44 28.27
N GLY C 507 -31.53 -19.84 28.36
CA GLY C 507 -31.40 -18.48 28.81
C GLY C 507 -31.06 -18.34 30.29
N LYS C 508 -31.32 -17.14 30.80
CA LYS C 508 -31.01 -16.74 32.16
C LYS C 508 -32.26 -16.71 33.00
N PRO C 509 -32.12 -16.70 34.32
CA PRO C 509 -33.30 -16.67 35.20
C PRO C 509 -34.06 -15.37 35.03
N ILE C 510 -35.34 -15.41 35.39
CA ILE C 510 -36.16 -14.20 35.34
C ILE C 510 -35.94 -13.44 36.63
N ASP C 511 -36.79 -12.45 36.90
CA ASP C 511 -36.67 -11.69 38.14
C ASP C 511 -36.95 -12.58 39.33
N ARG C 512 -36.17 -12.37 40.41
CA ARG C 512 -36.43 -13.00 41.69
C ARG C 512 -36.45 -14.52 41.60
N THR C 513 -35.67 -15.07 40.68
CA THR C 513 -35.55 -16.52 40.54
C THR C 513 -34.11 -16.89 40.26
N ARG C 514 -33.69 -18.02 40.79
CA ARG C 514 -32.35 -18.56 40.57
C ARG C 514 -32.46 -20.02 40.13
N ILE C 515 -31.47 -20.47 39.36
CA ILE C 515 -31.35 -21.87 38.98
C ILE C 515 -30.01 -22.40 39.47
N LEU C 516 -30.03 -23.56 40.11
CA LEU C 516 -28.84 -24.21 40.62
C LEU C 516 -28.66 -25.58 39.98
N ILE C 517 -27.44 -25.89 39.59
CA ILE C 517 -27.10 -27.16 38.95
C ILE C 517 -26.35 -28.02 39.97
N LEU C 518 -26.96 -29.13 40.35
CA LEU C 518 -26.49 -29.93 41.48
C LEU C 518 -26.15 -31.34 41.04
N ASP C 519 -25.37 -32.02 41.89
CA ASP C 519 -25.02 -33.41 41.69
C ASP C 519 -26.09 -34.31 42.33
N GLU C 520 -25.84 -35.63 42.33
CA GLU C 520 -26.74 -36.53 43.00
C GLU C 520 -26.75 -36.27 44.50
N ALA C 521 -25.62 -35.82 45.03
CA ALA C 521 -25.51 -35.45 46.44
C ALA C 521 -26.00 -34.03 46.70
N LEU C 522 -26.56 -33.37 45.70
CA LEU C 522 -27.12 -32.02 45.85
C LEU C 522 -26.05 -30.97 46.12
N ALA C 523 -24.85 -31.16 45.56
CA ALA C 523 -23.78 -30.17 45.67
C ALA C 523 -23.63 -29.42 44.34
N LEU C 524 -23.24 -28.14 44.41
CA LEU C 524 -23.13 -27.34 43.20
C LEU C 524 -22.14 -27.96 42.22
N GLN C 525 -22.38 -27.68 40.96
CA GLN C 525 -21.47 -28.03 39.90
C GLN C 525 -20.77 -26.77 39.37
N PRO C 526 -19.47 -26.85 39.10
CA PRO C 526 -18.79 -25.71 38.49
C PRO C 526 -19.40 -25.36 37.14
N ILE C 527 -19.14 -24.14 36.69
CA ILE C 527 -19.63 -23.71 35.40
C ILE C 527 -19.06 -24.62 34.32
N GLY C 528 -19.95 -25.15 33.46
CA GLY C 528 -19.56 -26.03 32.39
C GLY C 528 -19.76 -27.51 32.65
N VAL C 529 -20.05 -27.90 33.89
CA VAL C 529 -20.25 -29.31 34.25
C VAL C 529 -21.75 -29.57 34.32
N ALA C 530 -22.16 -30.72 33.78
CA ALA C 530 -23.57 -31.06 33.74
C ALA C 530 -24.10 -31.46 35.12
N GLY C 531 -25.41 -31.33 35.29
CA GLY C 531 -26.05 -31.69 36.53
C GLY C 531 -27.55 -31.45 36.43
N GLU C 532 -28.25 -31.84 37.49
CA GLU C 532 -29.69 -31.65 37.55
C GLU C 532 -30.03 -30.19 37.74
N LEU C 533 -31.06 -29.73 37.04
CA LEU C 533 -31.49 -28.35 37.09
C LEU C 533 -32.40 -28.23 38.31
N PHE C 534 -32.12 -27.27 39.17
CA PHE C 534 -32.99 -26.97 40.30
C PHE C 534 -33.56 -25.56 40.16
N ILE C 535 -34.82 -25.38 40.55
CA ILE C 535 -35.47 -24.06 40.50
C ILE C 535 -35.67 -23.57 41.92
N VAL C 536 -35.38 -22.28 42.14
CA VAL C 536 -35.51 -21.66 43.45
C VAL C 536 -36.12 -20.27 43.27
N GLY C 537 -36.94 -19.87 44.24
CA GLY C 537 -37.40 -18.49 44.30
C GLY C 537 -38.90 -18.28 44.24
N GLU C 538 -39.29 -17.08 43.83
CA GLU C 538 -40.70 -16.69 43.82
C GLU C 538 -41.53 -17.56 42.87
N GLY C 539 -40.89 -18.18 41.88
CA GLY C 539 -41.65 -18.94 40.89
C GLY C 539 -42.32 -20.16 41.47
N LEU C 540 -41.78 -20.72 42.54
CA LEU C 540 -42.28 -21.98 43.08
C LEU C 540 -43.72 -21.82 43.56
N GLY C 541 -44.60 -22.70 43.06
CA GLY C 541 -45.98 -22.73 43.48
C GLY C 541 -46.15 -23.44 44.81
N ARG C 542 -47.41 -23.70 45.15
CA ARG C 542 -47.72 -24.31 46.44
C ARG C 542 -47.49 -25.82 46.44
N GLY C 543 -47.69 -26.49 45.31
CA GLY C 543 -47.49 -27.92 45.22
C GLY C 543 -48.70 -28.61 44.63
N TYR C 544 -48.73 -29.93 44.78
CA TYR C 544 -49.79 -30.75 44.21
C TYR C 544 -50.94 -30.89 45.19
N LEU C 545 -52.16 -30.75 44.67
CA LEU C 545 -53.36 -30.75 45.50
C LEU C 545 -53.62 -32.14 46.06
N ASN C 546 -53.64 -32.25 47.39
CA ASN C 546 -53.98 -33.47 48.11
C ASN C 546 -52.96 -34.57 47.93
N ARG C 547 -51.75 -34.25 47.48
CA ARG C 547 -50.66 -35.22 47.38
C ARG C 547 -49.42 -34.67 48.08
N PRO C 548 -49.50 -34.47 49.40
CA PRO C 548 -48.36 -33.86 50.11
C PRO C 548 -47.08 -34.67 49.99
N GLU C 549 -47.18 -36.01 50.08
CA GLU C 549 -46.00 -36.86 49.97
C GLU C 549 -45.34 -36.68 48.62
N LEU C 550 -46.14 -36.58 47.56
CA LEU C 550 -45.60 -36.33 46.24
C LEU C 550 -44.98 -34.95 46.15
N THR C 551 -45.59 -33.97 46.80
CA THR C 551 -45.01 -32.62 46.86
C THR C 551 -43.63 -32.66 47.50
N ALA C 552 -43.49 -33.43 48.59
CA ALA C 552 -42.22 -33.48 49.32
C ALA C 552 -41.07 -33.95 48.43
N GLU C 553 -41.34 -34.83 47.47
CA GLU C 553 -40.27 -35.32 46.60
C GLU C 553 -39.74 -34.20 45.73
N LYS C 554 -40.62 -33.45 45.09
CA LYS C 554 -40.20 -32.44 44.15
C LYS C 554 -39.91 -31.09 44.80
N PHE C 555 -40.74 -30.65 45.75
CA PHE C 555 -40.45 -29.45 46.54
C PHE C 555 -39.68 -29.87 47.79
N ILE C 556 -38.36 -29.78 47.72
CA ILE C 556 -37.47 -30.27 48.76
C ILE C 556 -37.00 -29.11 49.62
N VAL C 557 -36.53 -29.44 50.82
CA VAL C 557 -35.73 -28.54 51.66
C VAL C 557 -34.29 -29.03 51.59
N HIS C 558 -33.39 -28.20 51.06
CA HIS C 558 -32.03 -28.65 50.81
C HIS C 558 -31.36 -29.04 52.13
N PRO C 559 -30.62 -30.14 52.15
CA PRO C 559 -29.97 -30.54 53.41
C PRO C 559 -29.01 -29.49 53.95
N GLN C 560 -28.11 -28.97 53.11
CA GLN C 560 -27.16 -27.96 53.56
C GLN C 560 -27.80 -26.58 53.62
N THR C 561 -28.34 -26.11 52.49
CA THR C 561 -28.80 -24.73 52.39
C THR C 561 -30.10 -24.51 53.16
N GLY C 562 -31.02 -25.46 53.07
CA GLY C 562 -32.32 -25.31 53.70
C GLY C 562 -33.32 -24.49 52.92
N GLU C 563 -32.99 -24.06 51.71
CA GLU C 563 -33.94 -23.32 50.89
C GLU C 563 -34.91 -24.28 50.21
N ARG C 564 -36.13 -23.80 50.00
CA ARG C 564 -37.13 -24.58 49.29
C ARG C 564 -36.82 -24.60 47.79
N MET C 565 -36.75 -25.81 47.22
CA MET C 565 -36.30 -26.02 45.85
C MET C 565 -37.12 -27.12 45.17
N TYR C 566 -37.18 -27.04 43.83
CA TYR C 566 -37.93 -28.00 43.03
C TYR C 566 -36.97 -28.87 42.19
N ARG C 567 -37.18 -30.19 42.23
CA ARG C 567 -36.43 -31.13 41.39
C ARG C 567 -37.06 -31.11 39.99
N THR C 568 -36.41 -30.50 38.99
CA THR C 568 -37.04 -30.58 37.66
C THR C 568 -37.01 -32.01 37.14
N GLY C 569 -35.95 -32.73 37.45
CA GLY C 569 -35.70 -33.99 36.81
C GLY C 569 -35.05 -33.88 35.45
N ASP C 570 -34.60 -32.69 35.07
CA ASP C 570 -33.96 -32.48 33.78
C ASP C 570 -32.47 -32.30 33.98
N ARG C 571 -31.70 -32.58 32.92
CA ARG C 571 -30.26 -32.41 32.93
C ARG C 571 -29.90 -31.16 32.12
N ALA C 572 -28.96 -30.38 32.63
CA ALA C 572 -28.58 -29.12 32.00
C ALA C 572 -27.23 -28.68 32.56
N ARG C 573 -26.71 -27.60 31.99
CA ARG C 573 -25.40 -27.06 32.41
C ARG C 573 -25.32 -25.60 32.04
N PHE C 574 -24.51 -24.85 32.80
CA PHE C 574 -24.28 -23.44 32.53
C PHE C 574 -23.25 -23.25 31.43
N LEU C 575 -23.54 -22.33 30.51
CA LEU C 575 -22.56 -21.90 29.52
C LEU C 575 -21.69 -20.79 30.11
N PRO C 576 -20.58 -20.46 29.45
CA PRO C 576 -19.72 -19.39 29.96
C PRO C 576 -20.42 -18.05 30.11
N ASP C 577 -21.51 -17.80 29.38
CA ASP C 577 -22.19 -16.52 29.41
C ASP C 577 -23.33 -16.48 30.40
N GLY C 578 -23.44 -17.47 31.28
CA GLY C 578 -24.51 -17.52 32.24
C GLY C 578 -25.79 -18.10 31.70
N ASN C 579 -25.88 -18.31 30.39
CA ASN C 579 -27.09 -18.88 29.80
C ASN C 579 -27.10 -20.39 30.02
N ILE C 580 -28.27 -20.91 30.32
CA ILE C 580 -28.44 -22.33 30.64
C ILE C 580 -28.70 -23.12 29.37
N GLU C 581 -28.29 -24.38 29.38
CA GLU C 581 -28.39 -25.27 28.23
C GLU C 581 -29.10 -26.54 28.65
N PHE C 582 -30.19 -26.89 27.96
CA PHE C 582 -30.98 -28.06 28.32
C PHE C 582 -30.35 -29.31 27.72
N LEU C 583 -30.27 -30.37 28.53
CA LEU C 583 -29.57 -31.59 28.14
C LEU C 583 -30.41 -32.85 28.38
N GLY C 584 -31.73 -32.74 28.24
CA GLY C 584 -32.59 -33.90 28.36
C GLY C 584 -32.92 -34.26 29.79
N ARG C 585 -33.77 -35.28 29.93
CA ARG C 585 -34.21 -35.76 31.23
C ARG C 585 -33.08 -36.53 31.92
N LEU C 586 -33.29 -36.80 33.22
CA LEU C 586 -32.31 -37.55 34.00
C LEU C 586 -32.36 -39.04 33.71
N ASP C 587 -33.55 -39.58 33.47
CA ASP C 587 -33.71 -41.00 33.18
C ASP C 587 -34.39 -41.21 31.83
N MET D 3 -14.81 53.28 -52.44
CA MET D 3 -14.02 54.26 -51.66
C MET D 3 -12.68 54.57 -52.32
N GLY D 4 -11.99 53.52 -52.78
CA GLY D 4 -10.69 53.70 -53.41
C GLY D 4 -10.22 52.43 -54.07
N ARG D 5 -9.35 52.61 -55.06
CA ARG D 5 -8.78 51.49 -55.81
C ARG D 5 -7.45 51.10 -55.17
N ILE D 6 -7.34 49.83 -54.75
CA ILE D 6 -6.17 49.32 -54.06
C ILE D 6 -5.48 48.28 -54.93
N LEU D 7 -4.16 48.37 -55.00
CA LEU D 7 -3.34 47.41 -55.73
C LEU D 7 -2.71 46.43 -54.76
N PHE D 8 -3.01 45.14 -54.93
CA PHE D 8 -2.51 44.08 -54.04
C PHE D 8 -1.38 43.34 -54.77
N LEU D 9 -0.17 43.47 -54.24
CA LEU D 9 1.03 42.88 -54.85
C LEU D 9 1.45 41.67 -54.02
N THR D 10 1.53 40.51 -54.67
CA THR D 10 1.95 39.29 -54.02
C THR D 10 2.36 38.29 -55.09
N THR D 11 3.26 37.38 -54.72
CA THR D 11 3.64 36.28 -55.59
C THR D 11 3.34 34.91 -55.00
N PHE D 12 3.41 34.77 -53.67
CA PHE D 12 3.15 33.51 -53.00
C PHE D 12 1.71 33.41 -52.53
N MET D 13 1.14 34.50 -52.04
CA MET D 13 -0.19 34.44 -51.47
C MET D 13 -1.23 34.27 -52.57
N SER D 14 -2.36 33.67 -52.20
CA SER D 14 -3.45 33.48 -53.14
C SER D 14 -4.09 34.83 -53.46
N LYS D 15 -5.11 34.78 -54.32
CA LYS D 15 -5.88 35.96 -54.65
C LYS D 15 -7.17 36.09 -53.84
N GLY D 16 -7.44 35.13 -52.95
CA GLY D 16 -8.62 35.20 -52.11
C GLY D 16 -8.26 35.24 -50.64
N ASN D 17 -7.17 35.91 -50.32
CA ASN D 17 -6.74 36.07 -48.93
C ASN D 17 -7.83 36.80 -48.13
N LYS D 18 -7.79 36.63 -46.81
CA LYS D 18 -8.71 37.34 -45.93
C LYS D 18 -8.55 38.85 -46.06
N VAL D 19 -7.34 39.33 -46.36
CA VAL D 19 -7.11 40.77 -46.50
C VAL D 19 -7.86 41.31 -47.71
N VAL D 20 -7.70 40.66 -48.87
CA VAL D 20 -8.32 41.16 -50.09
C VAL D 20 -9.83 41.23 -49.93
N ARG D 21 -10.42 40.17 -49.39
CA ARG D 21 -11.88 40.14 -49.26
C ARG D 21 -12.37 41.13 -48.22
N TYR D 22 -11.57 41.41 -47.19
CA TYR D 22 -11.94 42.47 -46.24
C TYR D 22 -11.96 43.83 -46.92
N LEU D 23 -10.96 44.11 -47.76
CA LEU D 23 -10.96 45.37 -48.50
C LEU D 23 -12.15 45.46 -49.45
N GLU D 24 -12.47 44.35 -50.13
CA GLU D 24 -13.66 44.33 -50.99
C GLU D 24 -14.92 44.57 -50.18
N SER D 25 -14.98 44.04 -48.94
CA SER D 25 -16.14 44.26 -48.11
C SER D 25 -16.34 45.75 -47.81
N LEU D 26 -15.24 46.51 -47.76
CA LEU D 26 -15.31 47.96 -47.60
C LEU D 26 -15.54 48.68 -48.92
N HIS D 27 -15.90 47.96 -49.97
CA HIS D 27 -16.28 48.53 -51.27
C HIS D 27 -15.09 49.16 -51.97
N HIS D 28 -13.92 48.54 -51.85
CA HIS D 28 -12.73 48.89 -52.60
C HIS D 28 -12.57 47.91 -53.75
N GLU D 29 -12.27 48.41 -54.95
CA GLU D 29 -11.88 47.53 -56.06
C GLU D 29 -10.42 47.15 -55.89
N VAL D 30 -10.20 45.88 -55.62
CA VAL D 30 -8.88 45.33 -55.33
C VAL D 30 -8.31 44.73 -56.61
N VAL D 31 -7.26 45.34 -57.13
CA VAL D 31 -6.53 44.77 -58.25
C VAL D 31 -5.41 43.90 -57.69
N ILE D 32 -5.37 42.65 -58.12
CA ILE D 32 -4.35 41.70 -57.68
C ILE D 32 -3.37 41.53 -58.82
N CYS D 33 -2.08 41.57 -58.50
CA CYS D 33 -1.03 41.47 -59.51
C CYS D 33 0.13 40.68 -58.93
N GLN D 34 0.66 39.74 -59.71
CA GLN D 34 1.72 38.85 -59.24
C GLN D 34 2.96 38.90 -60.12
N GLU D 35 3.18 40.02 -60.80
CA GLU D 35 4.33 40.20 -61.68
C GLU D 35 5.06 41.49 -61.34
N LYS D 36 6.27 41.62 -61.89
CA LYS D 36 7.03 42.86 -61.78
C LYS D 36 6.36 43.95 -62.61
N VAL D 37 6.30 45.15 -62.04
CA VAL D 37 5.59 46.27 -62.66
C VAL D 37 6.54 47.46 -62.81
N HIS D 38 6.27 48.26 -63.82
CA HIS D 38 6.95 49.52 -64.10
C HIS D 38 5.96 50.67 -64.07
N ALA D 39 6.49 51.88 -64.28
CA ALA D 39 5.67 53.07 -64.24
C ALA D 39 4.56 53.02 -65.30
N GLN D 40 4.88 52.53 -66.50
CA GLN D 40 3.93 52.55 -67.60
C GLN D 40 2.78 51.56 -67.43
N SER D 41 2.88 50.62 -66.50
CA SER D 41 1.88 49.56 -66.41
C SER D 41 0.48 50.13 -66.26
N ALA D 42 -0.47 49.58 -67.03
CA ALA D 42 -1.86 49.95 -66.89
C ALA D 42 -2.43 49.54 -65.53
N ASN D 43 -1.69 48.74 -64.76
CA ASN D 43 -2.11 48.33 -63.43
C ASN D 43 -1.95 49.43 -62.39
N LEU D 44 -1.32 50.54 -62.75
CA LEU D 44 -1.07 51.64 -61.84
C LEU D 44 -2.02 52.82 -62.03
N GLN D 45 -3.05 52.65 -62.86
CA GLN D 45 -3.97 53.73 -63.17
C GLN D 45 -4.99 53.93 -62.06
N GLU D 46 -5.07 55.14 -61.54
CA GLU D 46 -6.04 55.51 -60.49
C GLU D 46 -5.93 54.57 -59.29
N ILE D 47 -4.78 54.64 -58.63
CA ILE D 47 -4.52 53.86 -57.42
C ILE D 47 -4.51 54.82 -56.24
N ASP D 48 -5.16 54.43 -55.15
CA ASP D 48 -5.10 55.19 -53.91
C ASP D 48 -4.07 54.62 -52.93
N TRP D 49 -4.10 53.30 -52.72
CA TRP D 49 -3.18 52.64 -51.81
C TRP D 49 -2.59 51.41 -52.47
N ILE D 50 -1.31 51.16 -52.19
CA ILE D 50 -0.64 49.92 -52.57
C ILE D 50 -0.42 49.09 -51.32
N VAL D 51 -0.85 47.83 -51.35
CA VAL D 51 -0.72 46.91 -50.22
C VAL D 51 0.11 45.72 -50.71
N SER D 52 1.32 45.56 -50.19
CA SER D 52 2.19 44.47 -50.56
C SER D 52 2.22 43.40 -49.48
N TYR D 53 2.37 42.14 -49.91
CA TYR D 53 2.29 40.99 -49.01
C TYR D 53 3.00 39.82 -49.67
N ALA D 54 4.21 39.51 -49.21
CA ALA D 54 5.02 38.42 -49.78
C ALA D 54 5.27 38.66 -51.26
N TYR D 55 5.56 39.90 -51.62
CA TYR D 55 5.80 40.29 -53.00
C TYR D 55 7.28 40.10 -53.31
N GLY D 56 7.58 39.17 -54.22
CA GLY D 56 8.96 38.78 -54.45
C GLY D 56 9.69 39.63 -55.46
N TYR D 57 9.37 40.92 -55.52
CA TYR D 57 10.05 41.83 -56.43
C TYR D 57 10.15 43.20 -55.77
N ILE D 58 11.09 44.00 -56.28
CA ILE D 58 11.36 45.34 -55.77
C ILE D 58 10.64 46.35 -56.66
N LEU D 59 9.96 47.30 -56.06
CA LEU D 59 9.33 48.37 -56.82
C LEU D 59 10.40 49.36 -57.24
N ASP D 60 10.27 49.88 -58.45
CA ASP D 60 11.23 50.87 -58.91
C ASP D 60 11.10 52.14 -58.08
N LYS D 61 12.24 52.81 -57.89
CA LYS D 61 12.26 54.01 -57.07
C LYS D 61 11.35 55.10 -57.62
N GLU D 62 11.06 55.06 -58.92
CA GLU D 62 10.12 56.00 -59.50
C GLU D 62 8.73 55.81 -58.89
N ILE D 63 8.35 54.57 -58.61
CA ILE D 63 7.04 54.28 -58.03
C ILE D 63 7.05 54.54 -56.53
N VAL D 64 8.18 54.29 -55.86
CA VAL D 64 8.27 54.49 -54.42
C VAL D 64 8.11 55.96 -54.07
N SER D 65 8.56 56.85 -54.95
CA SER D 65 8.45 58.28 -54.68
C SER D 65 7.03 58.78 -54.94
N ARG D 66 6.40 58.34 -56.03
CA ARG D 66 5.05 58.79 -56.34
C ARG D 66 4.04 58.39 -55.26
N PHE D 67 4.18 57.19 -54.70
CA PHE D 67 3.25 56.70 -53.69
C PHE D 67 3.82 56.79 -52.27
N ARG D 68 4.68 57.77 -52.01
CA ARG D 68 5.17 57.99 -50.65
C ARG D 68 4.00 58.05 -49.68
N GLY D 69 4.17 57.43 -48.51
CA GLY D 69 3.10 57.42 -47.54
C GLY D 69 1.87 56.65 -47.95
N ARG D 70 1.90 55.97 -49.11
CA ARG D 70 0.76 55.19 -49.57
C ARG D 70 1.14 53.78 -50.00
N ILE D 71 2.33 53.30 -49.68
CA ILE D 71 2.74 51.92 -49.94
C ILE D 71 2.85 51.20 -48.61
N ILE D 72 1.95 50.25 -48.36
CA ILE D 72 1.94 49.47 -47.12
C ILE D 72 2.42 48.06 -47.44
N ASN D 73 3.23 47.49 -46.56
CA ASN D 73 3.78 46.15 -46.73
C ASN D 73 3.50 45.31 -45.50
N LEU D 74 3.06 44.08 -45.73
CA LEU D 74 2.81 43.13 -44.65
C LEU D 74 3.95 42.12 -44.63
N HIS D 75 4.82 42.24 -43.63
CA HIS D 75 6.00 41.39 -43.50
C HIS D 75 5.94 40.65 -42.17
N PRO D 76 5.76 39.27 -42.18
CA PRO D 76 5.58 38.53 -40.92
C PRO D 76 6.89 38.29 -40.17
N SER D 77 7.53 39.38 -39.77
CA SER D 77 8.71 39.31 -38.92
C SER D 77 8.71 40.53 -38.02
N LEU D 78 9.56 40.49 -36.99
CA LEU D 78 9.72 41.60 -36.06
C LEU D 78 10.90 42.45 -36.48
N LEU D 79 10.67 43.30 -37.47
CA LEU D 79 11.74 44.18 -37.95
C LEU D 79 12.40 44.90 -36.78
N PRO D 80 13.73 45.15 -36.88
CA PRO D 80 14.57 44.89 -38.05
C PRO D 80 14.99 43.42 -38.22
N TRP D 81 14.43 42.53 -37.40
CA TRP D 81 14.77 41.12 -37.45
C TRP D 81 14.11 40.43 -38.64
N ASN D 82 14.92 39.67 -39.38
CA ASN D 82 14.44 38.83 -40.48
C ASN D 82 13.79 39.66 -41.58
N LYS D 83 14.54 40.65 -42.07
CA LYS D 83 14.16 41.33 -43.29
C LYS D 83 14.40 40.42 -44.49
N GLY D 84 13.66 40.66 -45.57
CA GLY D 84 13.86 39.89 -46.78
C GLY D 84 13.00 38.64 -46.86
N ARG D 85 13.61 37.54 -47.29
CA ARG D 85 12.90 36.33 -47.63
C ARG D 85 12.96 35.30 -46.51
N ASP D 86 11.95 34.42 -46.49
CA ASP D 86 11.85 33.33 -45.52
C ASP D 86 11.99 33.83 -44.08
N PRO D 87 11.22 34.86 -43.70
CA PRO D 87 11.39 35.42 -42.35
C PRO D 87 11.14 34.41 -41.23
N VAL D 88 10.06 33.64 -41.33
CA VAL D 88 9.71 32.73 -40.24
C VAL D 88 10.80 31.69 -40.04
N PHE D 89 11.33 31.13 -41.14
CA PHE D 89 12.38 30.13 -41.01
C PHE D 89 13.60 30.70 -40.29
N TRP D 90 14.08 31.86 -40.75
CA TRP D 90 15.27 32.44 -40.15
C TRP D 90 15.01 32.97 -38.74
N SER D 91 13.76 33.35 -38.43
CA SER D 91 13.43 33.71 -37.06
C SER D 91 13.63 32.52 -36.12
N VAL D 92 13.30 31.32 -36.59
CA VAL D 92 13.46 30.12 -35.78
C VAL D 92 14.91 29.69 -35.75
N TRP D 93 15.55 29.63 -36.91
CA TRP D 93 16.92 29.12 -36.99
C TRP D 93 17.88 29.99 -36.18
N ASP D 94 17.94 31.28 -36.50
CA ASP D 94 18.80 32.18 -35.75
C ASP D 94 18.24 32.52 -34.37
N GLU D 95 17.04 32.02 -34.03
CA GLU D 95 16.46 32.21 -32.71
C GLU D 95 16.34 33.69 -32.36
N THR D 96 15.77 34.45 -33.29
CA THR D 96 15.55 35.87 -33.08
C THR D 96 14.16 36.10 -32.51
N PRO D 97 13.89 37.30 -31.99
CA PRO D 97 12.52 37.61 -31.57
C PRO D 97 11.55 37.42 -32.70
N LYS D 98 10.37 36.91 -32.38
CA LYS D 98 9.36 36.55 -33.36
C LYS D 98 8.23 37.57 -33.30
N GLY D 99 7.70 37.91 -34.47
CA GLY D 99 6.62 38.88 -34.52
C GLY D 99 6.19 39.13 -35.94
N VAL D 100 5.33 40.12 -36.10
CA VAL D 100 4.74 40.47 -37.39
C VAL D 100 4.64 41.98 -37.49
N THR D 101 4.86 42.52 -38.69
CA THR D 101 4.96 43.95 -38.87
C THR D 101 4.21 44.42 -40.10
N ILE D 102 3.46 45.50 -39.95
CA ILE D 102 2.91 46.27 -41.07
C ILE D 102 3.65 47.60 -41.09
N HIS D 103 4.30 47.91 -42.20
CA HIS D 103 5.22 49.05 -42.25
C HIS D 103 5.16 49.71 -43.62
N LEU D 104 5.82 50.86 -43.72
CA LEU D 104 5.98 51.57 -44.98
C LEU D 104 7.14 51.00 -45.79
N ILE D 105 7.17 51.36 -47.06
CA ILE D 105 8.22 50.93 -47.99
C ILE D 105 9.12 52.14 -48.22
N ASP D 106 10.42 51.97 -47.99
CA ASP D 106 11.39 53.01 -48.27
C ASP D 106 12.29 52.61 -49.45
N GLU D 107 13.48 53.22 -49.53
CA GLU D 107 14.40 53.01 -50.61
C GLU D 107 15.31 51.80 -50.42
N HIS D 108 15.07 50.98 -49.38
CA HIS D 108 15.84 49.76 -49.15
C HIS D 108 14.87 48.64 -48.81
N VAL D 109 15.43 47.48 -48.45
CA VAL D 109 14.66 46.26 -48.25
C VAL D 109 14.17 46.23 -46.80
N ASP D 110 12.90 46.54 -46.61
CA ASP D 110 12.23 46.35 -45.32
C ASP D 110 12.88 47.17 -44.21
N THR D 111 13.25 48.42 -44.54
CA THR D 111 13.85 49.32 -43.58
C THR D 111 12.95 50.51 -43.26
N GLY D 112 11.79 50.60 -43.91
CA GLY D 112 10.89 51.73 -43.70
C GLY D 112 10.30 51.75 -42.31
N ASP D 113 9.72 52.89 -41.98
CA ASP D 113 9.16 53.10 -40.65
C ASP D 113 7.97 52.18 -40.43
N ILE D 114 7.82 51.75 -39.17
CA ILE D 114 6.75 50.82 -38.81
C ILE D 114 5.46 51.59 -38.62
N LEU D 115 4.34 50.97 -39.00
CA LEU D 115 3.02 51.52 -38.70
C LEU D 115 2.43 50.88 -37.45
N VAL D 116 2.27 49.56 -37.47
CA VAL D 116 1.85 48.81 -36.29
C VAL D 116 2.60 47.48 -36.32
N GLN D 117 2.72 46.88 -35.12
CA GLN D 117 3.56 45.70 -34.95
C GLN D 117 3.07 44.91 -33.74
N GLU D 118 3.21 43.58 -33.81
CA GLU D 118 2.76 42.74 -32.72
C GLU D 118 3.64 41.50 -32.66
N GLU D 119 3.85 41.00 -31.45
CA GLU D 119 4.67 39.82 -31.22
C GLU D 119 3.82 38.57 -31.36
N ILE D 120 4.42 37.51 -31.88
CA ILE D 120 3.75 36.23 -32.02
C ILE D 120 4.57 35.15 -31.34
N ALA D 121 3.91 34.02 -31.05
CA ALA D 121 4.52 32.91 -30.34
C ALA D 121 4.32 31.62 -31.11
N PHE D 122 5.41 30.87 -31.30
CA PHE D 122 5.37 29.56 -31.92
C PHE D 122 5.54 28.47 -30.85
N ALA D 123 4.74 27.42 -30.95
CA ALA D 123 4.89 26.28 -30.05
C ALA D 123 6.03 25.39 -30.53
N ASP D 124 6.65 24.68 -29.58
CA ASP D 124 7.78 23.82 -29.90
C ASP D 124 7.39 22.63 -30.77
N GLU D 125 6.11 22.24 -30.78
CA GLU D 125 5.68 21.09 -31.56
C GLU D 125 5.18 21.47 -32.94
N ASP D 126 5.06 22.76 -33.22
CA ASP D 126 4.56 23.21 -34.51
C ASP D 126 5.61 23.01 -35.60
N THR D 127 5.15 22.61 -36.78
CA THR D 127 5.99 22.55 -37.97
C THR D 127 6.22 23.95 -38.52
N LEU D 128 7.28 24.08 -39.34
CA LEU D 128 7.58 25.38 -39.93
C LEU D 128 6.46 25.87 -40.83
N LEU D 129 5.68 24.96 -41.41
CA LEU D 129 4.49 25.39 -42.13
C LEU D 129 3.45 25.96 -41.18
N ASP D 130 3.27 25.33 -40.01
CA ASP D 130 2.38 25.86 -39.00
C ASP D 130 2.83 27.25 -38.56
N CYS D 131 4.14 27.43 -38.36
CA CYS D 131 4.67 28.75 -38.01
C CYS D 131 4.47 29.73 -39.16
N TYR D 132 4.73 29.30 -40.39
CA TYR D 132 4.46 30.14 -41.56
C TYR D 132 2.99 30.52 -41.62
N ASN D 133 2.09 29.57 -41.35
CA ASN D 133 0.67 29.84 -41.36
C ASN D 133 0.25 30.65 -40.13
N LYS D 134 0.85 30.35 -38.98
CA LYS D 134 0.52 31.09 -37.76
C LYS D 134 0.88 32.56 -37.91
N ALA D 135 2.00 32.85 -38.57
CA ALA D 135 2.40 34.24 -38.78
C ALA D 135 1.47 34.93 -39.78
N ASN D 136 1.23 34.30 -40.92
CA ASN D 136 0.35 34.90 -41.93
C ASN D 136 -1.04 35.11 -41.38
N GLN D 137 -1.55 34.15 -40.61
CA GLN D 137 -2.86 34.32 -39.98
C GLN D 137 -2.86 35.54 -39.06
N ALA D 138 -1.79 35.70 -38.27
CA ALA D 138 -1.73 36.81 -37.32
C ALA D 138 -1.64 38.16 -38.01
N ILE D 139 -0.81 38.27 -39.05
CA ILE D 139 -0.64 39.56 -39.72
C ILE D 139 -1.92 39.96 -40.43
N GLU D 140 -2.66 38.98 -40.97
CA GLU D 140 -3.92 39.28 -41.64
C GLU D 140 -4.95 39.81 -40.65
N GLU D 141 -5.13 39.12 -39.52
CA GLU D 141 -6.07 39.61 -38.51
C GLU D 141 -5.65 40.98 -37.97
N LEU D 142 -4.35 41.20 -37.80
CA LEU D 142 -3.89 42.50 -37.32
C LEU D 142 -4.20 43.59 -38.33
N PHE D 143 -3.94 43.32 -39.60
CA PHE D 143 -4.25 44.30 -40.65
C PHE D 143 -5.72 44.69 -40.64
N ILE D 144 -6.60 43.69 -40.49
CA ILE D 144 -8.03 43.96 -40.50
C ILE D 144 -8.41 44.91 -39.37
N ARG D 145 -7.82 44.72 -38.18
CA ARG D 145 -8.15 45.57 -37.05
C ARG D 145 -7.68 47.00 -37.26
N GLU D 146 -6.44 47.18 -37.70
CA GLU D 146 -5.81 48.48 -37.76
C GLU D 146 -5.96 49.18 -39.10
N TRP D 147 -6.59 48.54 -40.09
CA TRP D 147 -6.71 49.16 -41.41
C TRP D 147 -7.38 50.53 -41.32
N GLU D 148 -8.51 50.60 -40.62
CA GLU D 148 -9.19 51.88 -40.44
C GLU D 148 -8.24 52.93 -39.89
N ASN D 149 -7.44 52.56 -38.89
CA ASN D 149 -6.46 53.49 -38.32
C ASN D 149 -5.41 53.90 -39.34
N ILE D 150 -5.06 53.01 -40.28
CA ILE D 150 -4.01 53.32 -41.25
C ILE D 150 -4.54 54.21 -42.37
N VAL D 151 -5.77 53.96 -42.84
CA VAL D 151 -6.34 54.76 -43.93
C VAL D 151 -6.34 56.24 -43.57
N HIS D 152 -6.97 56.58 -42.45
CA HIS D 152 -7.12 57.96 -42.02
C HIS D 152 -5.80 58.58 -41.57
N GLY D 153 -4.70 57.85 -41.65
CA GLY D 153 -3.40 58.40 -41.37
C GLY D 153 -3.24 58.92 -39.96
N ARG D 154 -3.89 58.28 -39.00
CA ARG D 154 -3.82 58.71 -37.61
C ARG D 154 -2.77 57.95 -36.81
N ILE D 155 -2.10 56.97 -37.41
CA ILE D 155 -1.02 56.26 -36.74
C ILE D 155 0.28 57.00 -36.99
N ALA D 156 1.09 57.13 -35.93
CA ALA D 156 2.37 57.83 -36.01
C ALA D 156 3.46 56.84 -36.34
N PRO D 157 4.04 56.85 -37.55
CA PRO D 157 5.09 55.88 -37.88
C PRO D 157 6.35 56.14 -37.07
N TYR D 158 6.91 55.08 -36.50
CA TYR D 158 8.14 55.15 -35.73
C TYR D 158 9.22 54.36 -36.44
N ARG D 159 10.44 54.89 -36.43
CA ARG D 159 11.54 54.24 -37.12
C ARG D 159 11.94 52.95 -36.41
N GLN D 160 12.42 51.99 -37.20
CA GLN D 160 12.81 50.68 -36.70
C GLN D 160 13.99 50.77 -35.75
N THR D 161 14.05 49.82 -34.82
CA THR D 161 15.23 49.66 -33.99
C THR D 161 16.46 49.51 -34.88
N ALA D 162 17.60 49.98 -34.38
CA ALA D 162 18.84 49.81 -35.11
C ALA D 162 19.26 48.34 -35.10
N GLY D 163 19.96 47.92 -36.14
CA GLY D 163 20.40 46.54 -36.15
C GLY D 163 19.42 45.63 -36.85
N GLY D 164 19.36 44.39 -36.40
CA GLY D 164 18.54 43.37 -37.00
C GLY D 164 19.38 42.49 -37.90
N THR D 165 18.70 41.69 -38.70
CA THR D 165 19.36 40.83 -39.66
C THR D 165 18.64 40.92 -41.00
N LEU D 166 19.30 40.40 -42.03
CA LEU D 166 18.77 40.38 -43.38
C LEU D 166 19.17 39.06 -44.02
N HIS D 167 18.23 38.48 -44.76
CA HIS D 167 18.44 37.21 -45.43
C HIS D 167 17.92 37.30 -46.85
N PHE D 168 18.61 36.64 -47.78
CA PHE D 168 18.24 36.66 -49.18
C PHE D 168 17.58 35.34 -49.57
N LYS D 169 17.08 35.29 -50.79
CA LYS D 169 16.28 34.15 -51.23
C LYS D 169 17.07 32.84 -51.15
N ALA D 170 18.36 32.89 -51.49
CA ALA D 170 19.15 31.68 -51.63
C ALA D 170 19.71 31.16 -50.31
N ASP D 171 19.63 31.94 -49.24
CA ASP D 171 20.21 31.50 -47.97
C ASP D 171 19.57 30.23 -47.44
N ARG D 172 18.36 29.88 -47.90
CA ARG D 172 17.66 28.71 -47.41
C ARG D 172 17.83 27.48 -48.31
N ASP D 173 18.56 27.61 -49.41
CA ASP D 173 18.76 26.48 -50.31
C ASP D 173 19.35 25.28 -49.57
N PHE D 174 20.34 25.54 -48.70
CA PHE D 174 20.97 24.46 -47.94
C PHE D 174 20.01 23.78 -46.99
N TYR D 175 18.89 24.41 -46.65
CA TYR D 175 17.94 23.89 -45.67
C TYR D 175 16.61 23.53 -46.32
N LYS D 176 16.65 23.03 -47.56
CA LYS D 176 15.40 22.87 -48.32
C LYS D 176 14.59 21.66 -47.88
N ASN D 177 15.22 20.61 -47.34
CA ASN D 177 14.47 19.43 -46.93
C ASN D 177 13.87 19.53 -45.54
N LEU D 178 14.02 20.67 -44.86
CA LEU D 178 13.61 20.82 -43.48
C LEU D 178 12.30 21.59 -43.35
N ASN D 179 11.59 21.78 -44.47
CA ASN D 179 10.42 22.66 -44.48
C ASN D 179 9.32 22.15 -43.57
N MET D 180 9.14 20.84 -43.47
CA MET D 180 8.07 20.25 -42.68
C MET D 180 8.52 19.77 -41.31
N THR D 181 9.74 20.09 -40.90
CA THR D 181 10.23 19.65 -39.60
C THR D 181 9.65 20.50 -38.47
N THR D 182 9.69 19.93 -37.26
CA THR D 182 9.20 20.58 -36.05
C THR D 182 10.31 21.44 -35.45
N VAL D 183 9.90 22.42 -34.63
CA VAL D 183 10.87 23.29 -33.97
C VAL D 183 11.87 22.48 -33.18
N ARG D 184 11.39 21.50 -32.41
CA ARG D 184 12.29 20.66 -31.63
C ARG D 184 13.36 20.03 -32.52
N GLU D 185 12.94 19.57 -33.70
CA GLU D 185 13.87 18.93 -34.63
C GLU D 185 14.83 19.94 -35.25
N LEU D 186 14.34 21.14 -35.56
CA LEU D 186 15.18 22.15 -36.21
C LEU D 186 16.19 22.75 -35.25
N LEU D 187 15.74 23.19 -34.06
CA LEU D 187 16.70 23.77 -33.12
C LEU D 187 17.73 22.75 -32.66
N ALA D 188 17.33 21.48 -32.54
CA ALA D 188 18.28 20.43 -32.21
C ALA D 188 19.32 20.26 -33.30
N LEU D 189 18.88 20.21 -34.57
CA LEU D 189 19.82 20.05 -35.67
C LEU D 189 20.84 21.18 -35.71
N LYS D 190 20.41 22.40 -35.40
CA LYS D 190 21.34 23.53 -35.40
C LYS D 190 22.46 23.30 -34.40
N ARG D 191 22.10 22.99 -33.16
CA ARG D 191 23.09 22.77 -32.11
C ARG D 191 24.09 21.69 -32.52
N LEU D 192 23.64 20.72 -33.33
CA LEU D 192 24.49 19.60 -33.73
C LEU D 192 25.39 19.96 -34.90
N CYS D 193 24.90 20.78 -35.83
CA CYS D 193 25.58 21.02 -37.09
C CYS D 193 25.96 22.48 -37.32
N ALA D 194 25.63 23.37 -36.38
CA ALA D 194 25.92 24.79 -36.59
C ALA D 194 27.42 25.04 -36.54
N GLU D 195 27.84 26.11 -37.20
CA GLU D 195 29.25 26.49 -37.26
C GLU D 195 29.80 26.54 -35.84
N PRO D 196 31.12 26.47 -35.67
CA PRO D 196 31.68 26.57 -34.32
C PRO D 196 31.43 27.96 -33.77
N LYS D 197 31.14 28.05 -32.48
CA LYS D 197 30.93 29.35 -31.88
C LYS D 197 32.24 30.13 -31.91
N ARG D 198 32.11 31.46 -31.89
CA ARG D 198 33.25 32.33 -32.10
C ARG D 198 34.07 32.46 -30.82
N GLY D 199 35.36 32.79 -31.01
CA GLY D 199 36.32 32.86 -29.94
C GLY D 199 37.49 31.90 -30.11
N GLU D 200 37.25 30.78 -30.78
CA GLU D 200 38.28 29.75 -30.93
C GLU D 200 39.47 30.27 -31.74
N LYS D 201 40.64 29.71 -31.46
CA LYS D 201 41.89 30.06 -32.12
C LYS D 201 42.49 28.83 -32.79
N PRO D 202 43.30 29.03 -33.83
CA PRO D 202 43.92 27.89 -34.52
C PRO D 202 44.91 27.15 -33.63
N ILE D 203 45.07 25.85 -33.92
CA ILE D 203 46.04 25.03 -33.23
C ILE D 203 47.43 25.59 -33.46
N ASP D 204 48.23 25.69 -32.40
CA ASP D 204 49.51 26.37 -32.47
C ASP D 204 50.68 25.47 -32.08
N LYS D 205 50.51 24.15 -32.16
CA LYS D 205 51.56 23.24 -31.71
C LYS D 205 51.75 22.13 -32.72
N THR D 206 53.02 21.74 -32.91
CA THR D 206 53.37 20.52 -33.62
C THR D 206 53.48 19.38 -32.61
N PHE D 207 53.60 18.15 -33.12
CA PHE D 207 53.65 17.01 -32.22
C PHE D 207 54.92 17.04 -31.37
N HIS D 208 56.09 17.19 -32.02
CA HIS D 208 57.33 17.19 -31.25
C HIS D 208 57.41 18.36 -30.28
N GLN D 209 56.65 19.43 -30.51
CA GLN D 209 56.52 20.48 -29.52
C GLN D 209 55.87 19.95 -28.23
N LEU D 210 54.70 19.33 -28.36
CA LEU D 210 53.99 18.82 -27.20
C LEU D 210 54.73 17.65 -26.56
N PHE D 211 55.45 16.87 -27.36
CA PHE D 211 56.22 15.75 -26.83
C PHE D 211 57.40 16.25 -26.01
N GLU D 212 58.24 17.10 -26.60
CA GLU D 212 59.34 17.72 -25.87
C GLU D 212 58.85 18.52 -24.66
N GLN D 213 57.57 18.85 -24.60
CA GLN D 213 57.02 19.43 -23.38
C GLN D 213 56.77 18.35 -22.34
N GLN D 214 56.13 17.27 -22.75
CA GLN D 214 55.81 16.18 -21.83
C GLN D 214 57.06 15.53 -21.26
N VAL D 215 58.20 15.61 -21.96
CA VAL D 215 59.43 15.01 -21.44
C VAL D 215 59.88 15.72 -20.17
N GLU D 216 59.90 17.05 -20.19
CA GLU D 216 60.41 17.84 -19.09
C GLU D 216 59.50 17.80 -17.87
N MET D 217 58.28 17.28 -18.00
CA MET D 217 57.35 17.12 -16.88
C MET D 217 57.41 15.75 -16.24
N THR D 218 57.65 14.70 -17.03
CA THR D 218 57.81 13.33 -16.55
C THR D 218 59.05 12.73 -17.19
N PRO D 219 60.24 13.27 -16.88
CA PRO D 219 61.45 12.81 -17.56
C PRO D 219 61.88 11.40 -17.19
N ASP D 220 61.65 10.97 -15.96
CA ASP D 220 62.12 9.67 -15.49
C ASP D 220 61.05 8.59 -15.56
N HIS D 221 59.86 8.90 -16.06
CA HIS D 221 58.83 7.89 -16.22
C HIS D 221 59.10 7.04 -17.46
N VAL D 222 58.69 5.78 -17.40
CA VAL D 222 58.92 4.86 -18.50
C VAL D 222 58.10 5.31 -19.70
N ALA D 223 58.70 5.33 -20.88
CA ALA D 223 58.02 5.77 -22.10
C ALA D 223 57.49 4.58 -22.92
N VAL D 224 58.38 3.70 -23.36
CA VAL D 224 58.00 2.57 -24.20
C VAL D 224 58.81 1.36 -23.77
N VAL D 225 58.18 0.19 -23.82
CA VAL D 225 58.78 -1.07 -23.38
C VAL D 225 58.68 -2.08 -24.52
N ASP D 226 59.77 -2.82 -24.74
CA ASP D 226 59.78 -3.89 -25.74
C ASP D 226 60.27 -5.15 -25.04
N ARG D 227 59.31 -6.05 -24.76
CA ARG D 227 59.61 -7.32 -24.13
C ARG D 227 60.23 -7.05 -22.75
N GLY D 228 61.54 -7.21 -22.62
CA GLY D 228 62.21 -6.96 -21.35
C GLY D 228 62.93 -5.63 -21.26
N GLN D 229 63.28 -5.04 -22.40
CA GLN D 229 63.97 -3.76 -22.42
C GLN D 229 62.96 -2.61 -22.40
N SER D 230 63.43 -1.44 -21.94
CA SER D 230 62.56 -0.29 -21.84
C SER D 230 63.39 0.99 -21.86
N LEU D 231 62.77 2.06 -22.36
CA LEU D 231 63.35 3.40 -22.34
C LEU D 231 62.40 4.36 -21.65
N THR D 232 62.98 5.29 -20.90
CA THR D 232 62.22 6.37 -20.29
C THR D 232 62.07 7.53 -21.28
N TYR D 233 61.19 8.48 -20.94
CA TYR D 233 60.96 9.64 -21.79
C TYR D 233 62.24 10.41 -22.06
N LYS D 234 63.11 10.54 -21.05
CA LYS D 234 64.34 11.31 -21.25
C LYS D 234 65.33 10.55 -22.11
N GLN D 235 65.28 9.21 -22.08
CA GLN D 235 66.16 8.41 -22.93
C GLN D 235 65.66 8.38 -24.36
N LEU D 236 64.34 8.21 -24.56
CA LEU D 236 63.79 8.15 -25.91
C LEU D 236 64.05 9.44 -26.69
N ASN D 237 63.77 10.60 -26.09
CA ASN D 237 63.94 11.86 -26.80
C ASN D 237 65.39 12.07 -27.18
N GLU D 238 66.31 11.79 -26.25
CA GLU D 238 67.72 12.00 -26.50
C GLU D 238 68.21 11.11 -27.64
N ARG D 239 67.76 9.85 -27.68
CA ARG D 239 68.13 8.98 -28.78
C ARG D 239 67.50 9.45 -30.08
N ALA D 240 66.22 9.83 -30.03
CA ALA D 240 65.57 10.42 -31.20
C ALA D 240 66.27 11.69 -31.63
N ASN D 241 66.70 12.51 -30.66
CA ASN D 241 67.45 13.73 -30.99
C ASN D 241 68.73 13.38 -31.72
N GLN D 242 69.47 12.40 -31.21
CA GLN D 242 70.73 12.02 -31.84
C GLN D 242 70.50 11.58 -33.29
N LEU D 243 69.42 10.85 -33.54
CA LEU D 243 69.11 10.44 -34.91
C LEU D 243 68.59 11.60 -35.74
N ALA D 244 67.79 12.48 -35.12
CA ALA D 244 67.22 13.61 -35.86
C ALA D 244 68.31 14.54 -36.40
N HIS D 245 69.32 14.85 -35.59
CA HIS D 245 70.41 15.72 -36.07
C HIS D 245 71.02 15.17 -37.34
N HIS D 246 71.30 13.87 -37.36
CA HIS D 246 71.89 13.25 -38.54
C HIS D 246 70.96 13.36 -39.73
N LEU D 247 69.66 13.29 -39.49
CA LEU D 247 68.68 13.43 -40.57
C LEU D 247 68.72 14.82 -41.16
N ARG D 248 68.61 15.85 -40.31
CA ARG D 248 68.64 17.23 -40.80
C ARG D 248 69.95 17.56 -41.49
N GLY D 249 71.04 16.88 -41.12
CA GLY D 249 72.31 17.15 -41.76
C GLY D 249 72.33 16.72 -43.22
N LYS D 250 71.67 15.62 -43.54
CA LYS D 250 71.64 15.14 -44.91
C LYS D 250 70.54 15.80 -45.75
N GLY D 251 69.77 16.73 -45.19
CA GLY D 251 68.87 17.55 -45.96
C GLY D 251 67.37 17.39 -45.73
N VAL D 252 66.94 16.79 -44.62
CA VAL D 252 65.51 16.66 -44.34
C VAL D 252 64.93 18.03 -44.06
N LYS D 253 63.78 18.32 -44.66
CA LYS D 253 63.13 19.61 -44.50
C LYS D 253 61.62 19.45 -44.38
N PRO D 254 60.91 20.47 -43.89
CA PRO D 254 59.44 20.41 -43.81
C PRO D 254 58.80 19.98 -45.12
N ASP D 255 57.66 19.30 -45.01
CA ASP D 255 56.89 18.84 -46.16
C ASP D 255 57.65 17.78 -46.97
N ASP D 256 58.72 17.24 -46.40
CA ASP D 256 59.49 16.15 -47.00
C ASP D 256 59.14 14.82 -46.36
N GLN D 257 59.18 13.76 -47.17
CA GLN D 257 58.92 12.40 -46.70
C GLN D 257 60.22 11.66 -46.38
N VAL D 258 60.18 10.86 -45.31
CA VAL D 258 61.30 9.99 -44.92
C VAL D 258 60.72 8.60 -44.65
N ALA D 259 61.24 7.59 -45.35
CA ALA D 259 60.72 6.25 -45.24
C ALA D 259 61.24 5.52 -44.00
N ILE D 260 60.36 4.78 -43.35
CA ILE D 260 60.71 3.90 -42.23
C ILE D 260 60.13 2.54 -42.56
N MET D 261 61.01 1.54 -42.69
CA MET D 261 60.58 0.17 -42.92
C MET D 261 61.22 -0.68 -41.83
N LEU D 262 60.48 -0.88 -40.75
CA LEU D 262 60.96 -1.65 -39.61
C LEU D 262 59.80 -2.43 -39.02
N ASP D 263 60.14 -3.50 -38.33
CA ASP D 263 59.16 -4.21 -37.52
C ASP D 263 59.01 -3.49 -36.19
N LYS D 264 57.93 -3.81 -35.50
CA LYS D 264 57.68 -3.22 -34.19
C LYS D 264 58.86 -3.51 -33.27
N SER D 265 59.44 -2.44 -32.73
CA SER D 265 60.65 -2.52 -31.92
C SER D 265 60.88 -1.14 -31.32
N LEU D 266 61.89 -1.05 -30.45
CA LEU D 266 62.29 0.25 -29.93
C LEU D 266 62.78 1.16 -31.04
N ASP D 267 63.48 0.59 -32.02
CA ASP D 267 64.00 1.39 -33.13
C ASP D 267 62.89 2.11 -33.88
N MET D 268 61.67 1.57 -33.86
CA MET D 268 60.56 2.18 -34.58
C MET D 268 60.12 3.49 -33.91
N ILE D 269 59.94 3.46 -32.59
CA ILE D 269 59.47 4.65 -31.88
C ILE D 269 60.51 5.77 -31.97
N VAL D 270 61.79 5.45 -31.76
CA VAL D 270 62.83 6.46 -31.87
C VAL D 270 62.88 7.04 -33.28
N SER D 271 62.74 6.19 -34.29
CA SER D 271 62.85 6.65 -35.67
C SER D 271 61.71 7.58 -36.04
N ILE D 272 60.48 7.22 -35.65
CA ILE D 272 59.33 8.06 -35.95
C ILE D 272 59.53 9.44 -35.33
N LEU D 273 59.81 9.48 -34.03
CA LEU D 273 59.98 10.76 -33.34
C LEU D 273 61.16 11.55 -33.91
N ALA D 274 62.23 10.86 -34.30
CA ALA D 274 63.42 11.56 -34.78
C ALA D 274 63.15 12.35 -36.05
N VAL D 275 62.48 11.73 -37.02
CA VAL D 275 62.20 12.41 -38.29
C VAL D 275 61.29 13.61 -38.04
N MET D 276 60.24 13.42 -37.24
CA MET D 276 59.40 14.54 -36.84
C MET D 276 60.28 15.67 -36.34
N LYS D 277 61.12 15.37 -35.34
CA LYS D 277 61.99 16.40 -34.78
C LYS D 277 62.93 16.95 -35.84
N ALA D 278 63.26 16.15 -36.86
CA ALA D 278 64.10 16.63 -37.95
C ALA D 278 63.36 17.61 -38.85
N GLY D 279 62.06 17.40 -39.08
CA GLY D 279 61.28 18.34 -39.87
C GLY D 279 60.31 17.71 -40.85
N GLY D 280 60.59 16.48 -41.29
CA GLY D 280 59.82 15.85 -42.35
C GLY D 280 58.64 15.04 -41.83
N ALA D 281 58.04 14.28 -42.74
CA ALA D 281 56.95 13.38 -42.43
C ALA D 281 57.37 11.94 -42.72
N TYR D 282 56.95 11.01 -41.87
CA TYR D 282 57.39 9.62 -41.99
C TYR D 282 56.31 8.82 -42.70
N VAL D 283 56.73 7.97 -43.64
CA VAL D 283 55.82 7.09 -44.37
C VAL D 283 56.10 5.66 -43.94
N PRO D 284 55.28 5.07 -43.07
CA PRO D 284 55.55 3.72 -42.60
C PRO D 284 55.30 2.69 -43.68
N ILE D 285 56.20 1.72 -43.77
CA ILE D 285 56.11 0.63 -44.73
C ILE D 285 56.29 -0.66 -43.97
N ASP D 286 55.22 -1.44 -43.84
CA ASP D 286 55.28 -2.72 -43.15
C ASP D 286 56.15 -3.69 -43.95
N PRO D 287 57.18 -4.28 -43.34
CA PRO D 287 58.02 -5.24 -44.09
C PRO D 287 57.29 -6.51 -44.47
N ASP D 288 56.19 -6.85 -43.80
CA ASP D 288 55.41 -8.04 -44.11
C ASP D 288 54.48 -7.84 -45.32
N TYR D 289 54.59 -6.70 -46.02
CA TYR D 289 53.83 -6.47 -47.24
C TYR D 289 54.51 -7.19 -48.41
N PRO D 290 53.73 -7.58 -49.43
CA PRO D 290 54.35 -8.12 -50.64
C PRO D 290 55.36 -7.16 -51.23
N GLY D 291 56.41 -7.72 -51.83
CA GLY D 291 57.48 -6.92 -52.40
C GLY D 291 57.05 -5.92 -53.45
N GLU D 292 55.89 -6.13 -54.09
CA GLU D 292 55.42 -5.17 -55.08
C GLU D 292 54.87 -3.90 -54.44
N ARG D 293 54.03 -4.04 -53.40
CA ARG D 293 53.47 -2.85 -52.76
C ARG D 293 54.55 -1.97 -52.13
N ILE D 294 55.57 -2.58 -51.53
CA ILE D 294 56.63 -1.79 -50.90
C ILE D 294 57.39 -1.00 -51.95
N ALA D 295 57.60 -1.60 -53.14
CA ALA D 295 58.24 -0.88 -54.23
C ALA D 295 57.36 0.27 -54.71
N TYR D 296 56.05 0.05 -54.75
CA TYR D 296 55.13 1.09 -55.18
C TYR D 296 55.06 2.21 -54.15
N MET D 297 55.01 1.85 -52.87
CA MET D 297 54.95 2.87 -51.81
C MET D 297 56.20 3.76 -51.82
N LEU D 298 57.38 3.16 -52.01
CA LEU D 298 58.60 3.96 -52.09
C LEU D 298 58.62 4.85 -53.33
N ALA D 299 58.04 4.39 -54.44
CA ALA D 299 58.05 5.17 -55.67
C ALA D 299 57.12 6.38 -55.56
N ASP D 300 55.85 6.14 -55.23
CA ASP D 300 54.91 7.24 -55.08
C ASP D 300 55.44 8.27 -54.08
N SER D 301 55.82 7.80 -52.89
CA SER D 301 56.41 8.69 -51.91
C SER D 301 57.67 9.35 -52.47
N SER D 302 57.87 10.61 -52.13
CA SER D 302 59.07 11.35 -52.52
C SER D 302 60.22 11.13 -51.53
N ALA D 303 60.13 10.10 -50.69
CA ALA D 303 61.13 9.87 -49.67
C ALA D 303 62.48 9.59 -50.29
N ALA D 304 63.46 10.45 -50.01
CA ALA D 304 64.82 10.23 -50.47
C ALA D 304 65.67 9.43 -49.50
N ILE D 305 65.23 9.29 -48.24
CA ILE D 305 65.98 8.59 -47.20
C ILE D 305 65.09 7.49 -46.64
N LEU D 306 65.69 6.36 -46.28
CA LEU D 306 64.98 5.21 -45.75
C LEU D 306 65.60 4.76 -44.45
N LEU D 307 64.81 4.73 -43.37
CA LEU D 307 65.23 4.18 -42.09
C LEU D 307 64.87 2.70 -42.05
N THR D 308 65.86 1.84 -41.79
CA THR D 308 65.59 0.41 -41.78
C THR D 308 66.78 -0.34 -41.17
N ASN D 309 66.56 -1.64 -40.94
CA ASN D 309 67.56 -2.55 -40.42
C ASN D 309 68.46 -3.09 -41.54
N ALA D 310 69.47 -3.85 -41.14
CA ALA D 310 70.19 -4.71 -42.09
C ALA D 310 69.37 -5.93 -42.48
N LEU D 311 68.42 -6.33 -41.63
CA LEU D 311 67.56 -7.47 -41.97
C LEU D 311 66.69 -7.16 -43.18
N HIS D 312 65.97 -6.06 -43.12
CA HIS D 312 65.04 -5.66 -44.18
C HIS D 312 65.70 -4.74 -45.20
N GLU D 313 67.02 -4.54 -45.12
CA GLU D 313 67.71 -3.61 -46.01
C GLU D 313 67.50 -3.96 -47.48
N GLU D 314 67.57 -5.24 -47.82
CA GLU D 314 67.56 -5.66 -49.23
C GLU D 314 66.17 -5.57 -49.85
N LYS D 315 65.13 -5.56 -49.03
CA LYS D 315 63.75 -5.52 -49.50
C LYS D 315 63.40 -4.24 -50.26
N ALA D 316 64.27 -3.23 -50.24
CA ALA D 316 64.02 -1.97 -50.93
C ALA D 316 64.63 -1.91 -52.32
N ASN D 317 65.63 -2.74 -52.61
CA ASN D 317 66.30 -2.75 -53.92
C ASN D 317 66.94 -1.40 -54.21
N GLY D 318 67.74 -0.91 -53.28
CA GLY D 318 68.53 0.30 -53.50
C GLY D 318 67.70 1.50 -53.90
N ALA D 319 66.45 1.58 -53.46
CA ALA D 319 65.57 2.66 -53.89
C ALA D 319 66.08 4.02 -53.39
N CYS D 320 66.64 4.07 -52.19
CA CYS D 320 66.98 5.34 -51.56
C CYS D 320 68.27 5.20 -50.78
N ASP D 321 68.81 6.34 -50.35
CA ASP D 321 69.93 6.35 -49.43
C ASP D 321 69.49 5.73 -48.11
N ILE D 322 70.11 4.63 -47.74
CA ILE D 322 69.70 3.89 -46.56
C ILE D 322 70.47 4.40 -45.34
N ILE D 323 69.75 4.48 -44.23
CA ILE D 323 70.31 4.82 -42.93
C ILE D 323 70.13 3.61 -42.05
N ASP D 324 71.24 2.99 -41.64
CA ASP D 324 71.16 1.81 -40.79
C ASP D 324 70.92 2.26 -39.36
N VAL D 325 69.77 1.86 -38.80
CA VAL D 325 69.43 2.22 -37.44
C VAL D 325 70.36 1.59 -36.42
N HIS D 326 71.22 0.66 -36.83
CA HIS D 326 72.13 -0.01 -35.92
C HIS D 326 73.58 0.46 -36.04
N ASP D 327 73.88 1.36 -36.97
CA ASP D 327 75.24 1.89 -37.11
C ASP D 327 75.41 3.12 -36.23
N PRO D 328 76.32 3.11 -35.24
CA PRO D 328 76.48 4.30 -34.37
C PRO D 328 76.79 5.57 -35.13
N ASP D 329 77.24 5.49 -36.38
CA ASP D 329 77.50 6.70 -37.16
C ASP D 329 76.23 7.43 -37.55
N SER D 330 75.09 6.73 -37.61
CA SER D 330 73.82 7.36 -37.94
C SER D 330 73.28 8.21 -36.79
N TYR D 331 73.92 8.19 -35.63
CA TYR D 331 73.48 8.98 -34.48
C TYR D 331 74.56 9.99 -34.14
N SER D 332 74.17 11.25 -33.98
CA SER D 332 75.12 12.32 -33.68
C SER D 332 75.48 12.33 -32.20
N GLU D 333 76.44 13.19 -31.86
CA GLU D 333 76.84 13.40 -30.48
C GLU D 333 75.84 14.28 -29.73
N ASN D 334 75.19 15.21 -30.42
CA ASN D 334 74.30 16.17 -29.77
C ASN D 334 73.04 15.47 -29.27
N THR D 335 72.74 15.67 -27.99
CA THR D 335 71.60 15.03 -27.35
C THR D 335 70.48 16.01 -27.00
N ASN D 336 70.64 17.29 -27.30
CA ASN D 336 69.65 18.31 -26.96
C ASN D 336 68.52 18.36 -27.98
N ASN D 337 67.36 18.85 -27.54
CA ASN D 337 66.25 19.08 -28.46
C ASN D 337 66.67 20.11 -29.49
N LEU D 338 66.39 19.82 -30.76
CA LEU D 338 66.79 20.68 -31.85
C LEU D 338 65.90 21.92 -31.98
N PRO D 339 66.43 22.97 -32.61
CA PRO D 339 65.61 24.16 -32.91
C PRO D 339 64.39 23.79 -33.74
N HIS D 340 63.23 24.25 -33.28
CA HIS D 340 61.99 23.99 -34.00
C HIS D 340 61.96 24.72 -35.32
N VAL D 341 61.50 24.05 -36.38
CA VAL D 341 61.46 24.67 -37.70
C VAL D 341 60.18 24.30 -38.44
N ASN D 342 59.26 23.62 -37.79
CA ASN D 342 58.02 23.20 -38.43
C ASN D 342 56.86 24.09 -37.99
N ARG D 343 55.87 24.20 -38.85
CA ARG D 343 54.61 24.85 -38.55
C ARG D 343 53.51 23.79 -38.48
N PRO D 344 52.39 24.09 -37.82
CA PRO D 344 51.34 23.08 -37.67
C PRO D 344 50.75 22.56 -38.98
N ASP D 345 50.90 23.27 -40.09
CA ASP D 345 50.31 22.83 -41.35
C ASP D 345 51.29 22.09 -42.26
N ASP D 346 52.47 21.71 -41.75
CA ASP D 346 53.38 20.86 -42.49
C ASP D 346 53.02 19.39 -42.31
N LEU D 347 53.46 18.57 -43.27
CA LEU D 347 53.18 17.15 -43.21
C LEU D 347 53.88 16.51 -42.02
N VAL D 348 53.19 15.59 -41.35
CA VAL D 348 53.76 14.82 -40.25
C VAL D 348 53.94 13.35 -40.62
N TYR D 349 53.03 12.78 -41.40
CA TYR D 349 53.22 11.41 -41.88
C TYR D 349 52.27 11.19 -43.05
N VAL D 350 52.56 10.15 -43.83
CA VAL D 350 51.72 9.76 -44.96
C VAL D 350 51.53 8.26 -44.90
N MET D 351 50.27 7.83 -44.76
CA MET D 351 49.92 6.42 -44.78
C MET D 351 49.04 6.14 -45.98
N TYR D 352 49.05 4.89 -46.43
CA TYR D 352 48.38 4.49 -47.66
C TYR D 352 47.16 3.64 -47.35
N THR D 353 46.28 3.54 -48.36
CA THR D 353 45.04 2.78 -48.24
C THR D 353 44.75 2.05 -49.54
N SER D 354 44.39 0.77 -49.44
CA SER D 354 44.01 -0.03 -50.59
C SER D 354 43.00 -1.08 -50.12
N GLY D 355 42.54 -1.90 -51.06
CA GLY D 355 41.60 -2.96 -50.75
C GLY D 355 40.74 -3.34 -51.94
N ALA D 360 46.65 1.77 -54.45
CA ALA D 360 46.75 2.37 -53.13
C ALA D 360 46.98 3.88 -53.25
N LYS D 361 46.31 4.64 -52.38
CA LYS D 361 46.36 6.10 -52.40
C LYS D 361 47.07 6.60 -51.15
N GLY D 362 47.99 7.55 -51.34
CA GLY D 362 48.76 8.09 -50.24
C GLY D 362 48.07 9.21 -49.50
N VAL D 363 47.60 8.93 -48.28
CA VAL D 363 46.90 9.93 -47.47
C VAL D 363 47.93 10.84 -46.82
N MET D 364 47.78 12.15 -47.05
CA MET D 364 48.65 13.15 -46.45
C MET D 364 47.98 13.71 -45.21
N ILE D 365 48.70 13.68 -44.08
CA ILE D 365 48.22 14.19 -42.81
C ILE D 365 49.20 15.24 -42.31
N GLU D 366 48.66 16.31 -41.73
CA GLU D 366 49.46 17.41 -41.21
C GLU D 366 49.53 17.35 -39.69
N HIS D 367 50.49 18.09 -39.13
CA HIS D 367 50.69 18.07 -37.68
C HIS D 367 49.42 18.48 -36.94
N HIS D 368 48.83 19.62 -37.31
CA HIS D 368 47.65 20.11 -36.60
C HIS D 368 46.53 19.07 -36.59
N ASN D 369 46.45 18.26 -37.64
CA ASN D 369 45.50 17.16 -37.65
C ASN D 369 45.75 16.20 -36.50
N LEU D 370 47.00 15.75 -36.35
CA LEU D 370 47.34 14.79 -35.30
C LEU D 370 47.20 15.41 -33.91
N VAL D 371 47.67 16.64 -33.74
CA VAL D 371 47.63 17.29 -32.43
C VAL D 371 46.19 17.34 -31.92
N ASN D 372 45.24 17.72 -32.78
CA ASN D 372 43.86 17.85 -32.33
C ASN D 372 43.34 16.55 -31.75
N PHE D 373 43.64 15.42 -32.40
CA PHE D 373 43.14 14.14 -31.93
C PHE D 373 43.70 13.78 -30.56
N CYS D 374 45.01 13.98 -30.38
CA CYS D 374 45.64 13.65 -29.09
C CYS D 374 45.07 14.50 -27.96
N GLU D 375 44.97 15.82 -28.17
CA GLU D 375 44.52 16.71 -27.11
C GLU D 375 43.10 16.39 -26.66
N TRP D 376 42.30 15.79 -27.54
CA TRP D 376 40.96 15.34 -27.17
C TRP D 376 41.00 14.00 -26.45
N TYR D 377 41.90 13.11 -26.85
CA TYR D 377 41.92 11.77 -26.28
C TYR D 377 42.27 11.78 -24.80
N ARG D 378 43.25 12.59 -24.41
CA ARG D 378 43.72 12.56 -23.02
C ARG D 378 42.60 12.87 -22.04
N PRO D 379 41.85 13.97 -22.17
CA PRO D 379 40.84 14.27 -21.15
C PRO D 379 39.60 13.39 -21.26
N TYR D 380 39.23 12.97 -22.47
CA TYR D 380 38.04 12.14 -22.62
C TYR D 380 38.21 10.81 -21.89
N PHE D 381 39.33 10.14 -22.11
CA PHE D 381 39.57 8.81 -21.53
C PHE D 381 40.33 8.87 -20.21
N GLY D 382 40.65 10.07 -19.72
CA GLY D 382 41.33 10.22 -18.45
C GLY D 382 42.67 9.48 -18.40
N VAL D 383 43.49 9.69 -19.42
CA VAL D 383 44.79 9.05 -19.50
C VAL D 383 45.76 9.79 -18.59
N THR D 384 46.56 9.03 -17.86
CA THR D 384 47.52 9.57 -16.89
C THR D 384 48.82 8.79 -17.03
N PRO D 385 49.95 9.36 -16.54
CA PRO D 385 51.21 8.61 -16.61
C PRO D 385 51.12 7.24 -15.95
N ALA D 386 50.17 7.07 -15.04
CA ALA D 386 49.98 5.76 -14.42
C ALA D 386 49.56 4.68 -15.41
N ASP D 387 49.03 5.08 -16.57
CA ASP D 387 48.50 4.11 -17.51
C ASP D 387 49.63 3.48 -18.33
N LYS D 388 49.29 2.34 -18.96
CA LYS D 388 50.17 1.65 -19.90
C LYS D 388 49.31 1.14 -21.04
N ALA D 389 49.77 1.33 -22.26
CA ALA D 389 48.98 1.04 -23.45
C ALA D 389 49.76 0.14 -24.39
N LEU D 390 49.03 -0.64 -25.18
CA LEU D 390 49.66 -1.49 -26.18
C LEU D 390 49.79 -0.78 -27.51
N VAL D 391 50.89 -1.07 -28.20
CA VAL D 391 51.11 -0.65 -29.57
C VAL D 391 50.78 -1.81 -30.50
N TYR D 392 49.49 -2.04 -30.73
CA TYR D 392 49.02 -3.26 -31.37
C TYR D 392 49.01 -3.13 -32.90
N SER D 393 48.33 -2.12 -33.43
CA SER D 393 48.12 -2.02 -34.86
C SER D 393 49.44 -1.95 -35.62
N SER D 394 49.44 -2.48 -36.84
CA SER D 394 50.57 -2.30 -37.73
C SER D 394 50.85 -0.82 -37.91
N PHE D 395 52.14 -0.47 -37.91
CA PHE D 395 52.49 0.95 -37.95
C PHE D 395 52.33 1.55 -39.34
N SER D 396 51.82 0.77 -40.31
CA SER D 396 51.40 1.31 -41.59
C SER D 396 49.92 1.73 -41.60
N PHE D 397 49.17 1.36 -40.57
CA PHE D 397 47.77 1.76 -40.42
C PHE D 397 47.64 2.89 -39.40
N ASP D 398 46.48 3.55 -39.44
CA ASP D 398 46.23 4.68 -38.56
C ASP D 398 46.01 4.26 -37.11
N GLY D 399 45.73 2.97 -36.86
CA GLY D 399 45.55 2.52 -35.50
C GLY D 399 46.80 2.66 -34.65
N SER D 400 47.98 2.54 -35.26
CA SER D 400 49.22 2.67 -34.51
C SER D 400 49.45 4.10 -34.04
N ALA D 401 49.05 5.08 -34.86
CA ALA D 401 49.15 6.47 -34.43
C ALA D 401 48.37 6.70 -33.14
N LEU D 402 47.22 6.05 -32.99
CA LEU D 402 46.48 6.12 -31.74
C LEU D 402 47.28 5.54 -30.59
N ASP D 403 47.83 4.35 -30.78
CA ASP D 403 48.56 3.67 -29.71
C ASP D 403 49.78 4.46 -29.29
N ILE D 404 50.57 4.94 -30.24
CA ILE D 404 51.87 5.54 -29.93
C ILE D 404 51.72 6.99 -29.51
N PHE D 405 51.17 7.81 -30.39
CA PHE D 405 51.29 9.27 -30.23
C PHE D 405 50.43 9.78 -29.09
N THR D 406 49.22 9.28 -28.98
CA THR D 406 48.32 9.79 -27.97
C THR D 406 48.88 9.58 -26.57
N HIS D 407 49.26 8.35 -26.26
CA HIS D 407 49.68 8.01 -24.90
C HIS D 407 51.03 8.61 -24.55
N LEU D 408 51.88 8.88 -25.55
CA LEU D 408 53.16 9.53 -25.25
C LEU D 408 52.97 10.95 -24.76
N LEU D 409 51.96 11.65 -25.28
CA LEU D 409 51.66 13.00 -24.81
C LEU D 409 50.90 13.01 -23.50
N ALA D 410 50.42 11.85 -23.05
CA ALA D 410 49.82 11.71 -21.73
C ALA D 410 50.83 11.28 -20.68
N GLY D 411 52.05 10.94 -21.08
CA GLY D 411 53.07 10.48 -20.16
C GLY D 411 53.01 9.02 -19.81
N ALA D 412 52.13 8.25 -20.45
CA ALA D 412 52.01 6.83 -20.14
C ALA D 412 53.17 6.05 -20.74
N ALA D 413 53.20 4.75 -20.46
CA ALA D 413 54.25 3.86 -20.95
C ALA D 413 53.66 2.88 -21.96
N LEU D 414 54.30 2.77 -23.11
CA LEU D 414 53.83 1.83 -24.14
C LEU D 414 54.55 0.50 -23.99
N HIS D 415 53.83 -0.57 -24.32
CA HIS D 415 54.34 -1.93 -24.27
C HIS D 415 54.18 -2.55 -25.65
N ILE D 416 55.29 -2.77 -26.34
CA ILE D 416 55.25 -3.37 -27.67
C ILE D 416 54.72 -4.80 -27.56
N VAL D 417 53.92 -5.19 -28.54
CA VAL D 417 53.39 -6.54 -28.66
C VAL D 417 54.25 -7.28 -29.70
N PRO D 418 54.92 -8.36 -29.34
CA PRO D 418 55.72 -9.08 -30.34
C PRO D 418 54.84 -9.89 -31.28
N SER D 419 55.46 -10.59 -32.23
CA SER D 419 54.70 -11.33 -33.22
C SER D 419 54.03 -12.57 -32.63
N GLU D 420 54.67 -13.20 -31.65
CA GLU D 420 54.16 -14.45 -31.11
C GLU D 420 52.83 -14.30 -30.38
N ARG D 421 52.46 -13.07 -30.01
CA ARG D 421 51.19 -12.83 -29.31
C ARG D 421 50.31 -11.82 -30.04
N LYS D 422 50.61 -11.52 -31.31
CA LYS D 422 49.78 -10.57 -32.06
C LYS D 422 48.42 -11.17 -32.38
N TYR D 423 48.38 -12.46 -32.74
CA TYR D 423 47.13 -13.12 -33.08
C TYR D 423 46.62 -14.05 -31.97
N ASP D 424 47.52 -14.64 -31.19
CA ASP D 424 47.12 -15.47 -30.05
C ASP D 424 46.72 -14.54 -28.92
N LEU D 425 45.42 -14.28 -28.78
CA LEU D 425 44.95 -13.29 -27.83
C LEU D 425 44.79 -13.84 -26.42
N ASP D 426 44.76 -15.17 -26.25
CA ASP D 426 44.77 -15.73 -24.90
C ASP D 426 46.12 -15.52 -24.24
N ALA D 427 47.21 -15.69 -25.00
CA ALA D 427 48.53 -15.39 -24.46
C ALA D 427 48.70 -13.90 -24.23
N LEU D 428 48.17 -13.07 -25.14
CA LEU D 428 48.22 -11.62 -24.94
C LEU D 428 47.41 -11.22 -23.72
N ASN D 429 46.26 -11.85 -23.53
CA ASN D 429 45.45 -11.58 -22.34
C ASN D 429 46.28 -11.77 -21.08
N ASP D 430 47.11 -12.82 -21.04
CA ASP D 430 47.98 -13.05 -19.89
C ASP D 430 49.01 -11.93 -19.76
N TYR D 431 49.68 -11.58 -20.86
CA TYR D 431 50.62 -10.47 -20.85
C TYR D 431 49.96 -9.21 -20.30
N CYS D 432 48.73 -8.95 -20.73
CA CYS D 432 48.02 -7.77 -20.28
C CYS D 432 47.78 -7.78 -18.77
N ASN D 433 47.42 -8.94 -18.22
CA ASN D 433 47.12 -9.03 -16.79
C ASN D 433 48.37 -8.87 -15.92
N GLN D 434 49.53 -9.30 -16.41
CA GLN D 434 50.74 -9.18 -15.59
C GLN D 434 51.25 -7.75 -15.54
N GLU D 435 51.52 -7.15 -16.70
CA GLU D 435 52.06 -5.80 -16.74
C GLU D 435 51.04 -4.74 -16.40
N GLY D 436 49.77 -5.09 -16.29
CA GLY D 436 48.74 -4.15 -15.92
C GLY D 436 48.42 -3.13 -16.99
N ILE D 437 48.23 -3.58 -18.23
CA ILE D 437 47.85 -2.67 -19.30
C ILE D 437 46.43 -2.21 -19.10
N THR D 438 46.20 -0.90 -19.20
CA THR D 438 44.95 -0.27 -18.81
C THR D 438 44.09 0.20 -19.98
N ILE D 439 44.69 0.58 -21.10
CA ILE D 439 43.92 1.11 -22.23
C ILE D 439 44.66 0.74 -23.51
N SER D 440 43.90 0.45 -24.56
CA SER D 440 44.49 0.16 -25.86
C SER D 440 43.39 0.12 -26.90
N TYR D 441 43.80 0.23 -28.17
CA TYR D 441 42.88 0.14 -29.30
C TYR D 441 43.07 -1.20 -29.99
N LEU D 442 41.97 -1.93 -30.17
CA LEU D 442 41.99 -3.20 -30.85
C LEU D 442 41.03 -3.18 -32.03
N PRO D 443 41.45 -3.62 -33.22
CA PRO D 443 40.52 -3.73 -34.35
C PRO D 443 39.25 -4.48 -34.00
N THR D 444 38.21 -4.28 -34.80
CA THR D 444 36.92 -4.89 -34.51
C THR D 444 37.04 -6.39 -34.28
N GLY D 445 37.80 -7.06 -35.15
CA GLY D 445 38.00 -8.49 -35.03
C GLY D 445 38.57 -8.95 -33.71
N ALA D 446 39.75 -8.44 -33.35
CA ALA D 446 40.40 -8.87 -32.11
C ALA D 446 39.64 -8.40 -30.88
N ALA D 447 39.00 -7.24 -30.95
CA ALA D 447 38.23 -6.76 -29.81
C ALA D 447 37.06 -7.68 -29.53
N GLU D 448 36.44 -8.22 -30.59
CA GLU D 448 35.32 -9.13 -30.42
C GLU D 448 35.75 -10.42 -29.74
N GLN D 449 36.98 -10.90 -30.01
CA GLN D 449 37.47 -12.10 -29.35
C GLN D 449 37.93 -11.82 -27.93
N PHE D 450 38.60 -10.69 -27.70
CA PHE D 450 39.13 -10.41 -26.38
C PHE D 450 38.03 -10.40 -25.33
N MET D 451 36.77 -10.28 -25.75
CA MET D 451 35.65 -10.37 -24.82
C MET D 451 35.52 -11.78 -24.25
N GLN D 452 36.03 -12.79 -24.96
CA GLN D 452 36.01 -14.16 -24.45
C GLN D 452 37.17 -14.41 -23.48
N MET D 453 38.27 -13.69 -23.63
CA MET D 453 39.40 -13.84 -22.73
C MET D 453 39.10 -13.20 -21.39
N ASP D 454 39.52 -13.87 -20.31
CA ASP D 454 39.32 -13.36 -18.96
C ASP D 454 40.39 -12.32 -18.65
N ASN D 455 39.98 -11.06 -18.52
CA ASN D 455 40.90 -9.97 -18.24
C ASN D 455 40.44 -9.19 -17.01
N GLN D 456 41.42 -8.65 -16.29
CA GLN D 456 41.17 -7.82 -15.12
C GLN D 456 41.97 -6.53 -15.12
N SER D 457 42.98 -6.39 -15.97
CA SER D 457 43.83 -5.19 -15.94
C SER D 457 43.19 -4.04 -16.72
N PHE D 458 42.55 -4.33 -17.85
CA PHE D 458 42.03 -3.24 -18.68
C PHE D 458 40.98 -2.42 -17.93
N ARG D 459 41.02 -1.12 -18.16
CA ARG D 459 40.01 -0.20 -17.68
C ARG D 459 39.14 0.37 -18.79
N VAL D 460 39.69 0.49 -20.00
CA VAL D 460 38.96 0.94 -21.17
C VAL D 460 39.54 0.25 -22.39
N VAL D 461 38.68 -0.11 -23.34
CA VAL D 461 39.12 -0.61 -24.64
C VAL D 461 38.35 0.08 -25.75
N ILE D 462 39.06 0.45 -26.81
CA ILE D 462 38.51 1.14 -27.96
C ILE D 462 38.64 0.24 -29.19
N THR D 463 37.59 0.23 -30.00
CA THR D 463 37.54 -0.56 -31.23
C THR D 463 36.99 0.29 -32.36
N GLY D 464 37.26 -0.15 -33.58
CA GLY D 464 36.78 0.55 -34.76
C GLY D 464 37.29 -0.13 -36.02
N GLY D 465 36.64 0.23 -37.13
CA GLY D 465 36.97 -0.36 -38.41
C GLY D 465 35.77 -0.99 -39.11
N ASP D 466 35.65 -2.31 -39.00
CA ASP D 466 34.52 -3.03 -39.57
C ASP D 466 33.27 -2.86 -38.69
N VAL D 467 32.16 -3.45 -39.15
CA VAL D 467 30.89 -3.32 -38.46
C VAL D 467 30.94 -4.13 -37.18
N LEU D 468 30.55 -3.52 -36.06
CA LEU D 468 30.66 -4.14 -34.76
C LEU D 468 29.34 -4.77 -34.34
N LYS D 469 29.43 -5.83 -33.52
CA LYS D 469 28.26 -6.66 -33.21
C LYS D 469 28.28 -7.22 -31.80
N LYS D 470 29.44 -7.67 -31.32
CA LYS D 470 29.52 -8.34 -30.02
C LYS D 470 29.64 -7.34 -28.88
N ILE D 471 29.14 -7.75 -27.71
CA ILE D 471 29.04 -6.89 -26.55
C ILE D 471 29.50 -7.64 -25.30
N GLU D 472 29.01 -8.87 -25.13
CA GLU D 472 29.24 -9.61 -23.90
C GLU D 472 30.74 -9.80 -23.68
N ARG D 473 31.21 -9.42 -22.49
CA ARG D 473 32.63 -9.50 -22.18
C ARG D 473 32.82 -9.94 -20.74
N ASN D 474 33.98 -10.55 -20.47
CA ASN D 474 34.28 -11.03 -19.13
C ASN D 474 34.78 -9.90 -18.23
N GLY D 475 35.70 -9.09 -18.73
CA GLY D 475 36.31 -8.03 -17.95
C GLY D 475 35.32 -6.99 -17.43
N THR D 476 35.85 -6.05 -16.65
CA THR D 476 35.06 -4.96 -16.05
C THR D 476 35.42 -3.61 -16.63
N TYR D 477 35.81 -3.58 -17.90
CA TYR D 477 36.33 -2.39 -18.55
C TYR D 477 35.31 -1.74 -19.47
N LYS D 478 35.51 -0.44 -19.71
CA LYS D 478 34.67 0.30 -20.63
C LYS D 478 34.87 -0.20 -22.05
N LEU D 479 33.78 -0.30 -22.80
CA LEU D 479 33.83 -0.58 -24.23
C LEU D 479 33.46 0.68 -25.00
N TYR D 480 34.26 0.99 -26.01
CA TYR D 480 34.06 2.17 -26.83
C TYR D 480 34.12 1.75 -28.29
N ASN D 481 33.06 2.04 -29.03
CA ASN D 481 33.03 1.79 -30.47
C ASN D 481 33.13 3.13 -31.16
N GLY D 482 34.13 3.28 -32.02
CA GLY D 482 34.36 4.53 -32.71
C GLY D 482 34.50 4.32 -34.21
N TYR D 483 34.52 5.43 -34.92
CA TYR D 483 34.53 5.38 -36.37
C TYR D 483 35.30 6.58 -36.91
N GLY D 484 35.86 6.42 -38.10
CA GLY D 484 36.48 7.50 -38.82
C GLY D 484 37.38 6.94 -39.90
N PRO D 485 37.41 7.61 -41.05
CA PRO D 485 38.30 7.16 -42.12
C PRO D 485 39.73 7.61 -41.87
N THR D 486 40.67 6.89 -42.48
CA THR D 486 42.05 7.34 -42.45
C THR D 486 42.19 8.68 -43.16
N GLU D 487 41.21 9.05 -43.97
CA GLU D 487 41.26 10.32 -44.68
C GLU D 487 41.06 11.50 -43.73
N CYS D 488 40.38 11.30 -42.61
CA CYS D 488 40.16 12.36 -41.63
C CYS D 488 40.79 12.02 -40.28
N THR D 489 41.90 11.27 -40.31
CA THR D 489 42.78 11.09 -39.16
C THR D 489 42.21 10.17 -38.07
N ILE D 490 42.55 8.89 -38.17
CA ILE D 490 42.28 7.93 -37.10
C ILE D 490 40.78 7.80 -36.88
N MET D 491 40.21 8.75 -36.13
CA MET D 491 38.79 8.69 -35.82
C MET D 491 38.24 10.10 -35.72
N VAL D 492 36.91 10.21 -35.83
CA VAL D 492 36.26 11.52 -35.81
C VAL D 492 35.05 11.49 -34.89
N THR D 493 34.62 10.28 -34.48
CA THR D 493 33.49 10.13 -33.58
C THR D 493 33.80 9.03 -32.57
N MET D 494 33.14 9.11 -31.41
CA MET D 494 33.44 8.19 -30.33
C MET D 494 32.17 7.98 -29.50
N PHE D 495 31.85 6.72 -29.20
CA PHE D 495 30.67 6.36 -28.42
C PHE D 495 31.07 5.45 -27.26
N GLU D 496 30.45 5.68 -26.11
CA GLU D 496 30.65 4.82 -24.94
C GLU D 496 29.52 3.77 -24.93
N VAL D 497 29.88 2.52 -25.21
CA VAL D 497 28.90 1.44 -25.30
C VAL D 497 28.44 1.08 -23.89
N ASP D 498 27.18 1.37 -23.56
CA ASP D 498 26.63 1.12 -22.23
C ASP D 498 25.65 -0.03 -22.18
N LYS D 499 24.81 -0.19 -23.19
CA LYS D 499 23.84 -1.26 -23.28
C LYS D 499 23.88 -1.90 -24.66
N PRO D 500 23.27 -3.08 -24.81
CA PRO D 500 23.25 -3.70 -26.15
C PRO D 500 22.33 -2.97 -27.10
N TYR D 501 22.76 -2.93 -28.37
CA TYR D 501 21.96 -2.32 -29.43
C TYR D 501 22.03 -3.21 -30.66
N ALA D 502 20.96 -3.18 -31.46
CA ALA D 502 21.00 -3.85 -32.76
C ALA D 502 21.98 -3.17 -33.70
N ASN D 503 22.13 -1.85 -33.59
CA ASN D 503 23.13 -1.11 -34.34
C ASN D 503 23.84 -0.20 -33.35
N ILE D 504 24.99 -0.63 -32.85
CA ILE D 504 25.71 0.18 -31.85
C ILE D 504 26.13 1.49 -32.51
N PRO D 505 25.80 2.64 -31.94
CA PRO D 505 26.16 3.91 -32.59
C PRO D 505 27.64 4.18 -32.52
N ILE D 506 28.09 5.02 -33.45
CA ILE D 506 29.50 5.41 -33.54
C ILE D 506 29.79 6.71 -32.79
N GLY D 507 28.79 7.31 -32.17
CA GLY D 507 29.01 8.36 -31.20
C GLY D 507 28.91 9.77 -31.75
N LYS D 508 29.45 10.70 -30.97
CA LYS D 508 29.41 12.11 -31.22
C LYS D 508 30.76 12.62 -31.71
N PRO D 509 30.81 13.79 -32.34
CA PRO D 509 32.09 14.29 -32.87
C PRO D 509 33.07 14.59 -31.75
N ILE D 510 34.35 14.59 -32.13
CA ILE D 510 35.42 14.92 -31.19
C ILE D 510 35.59 16.43 -31.19
N ASP D 511 36.67 16.91 -30.58
CA ASP D 511 36.94 18.34 -30.58
C ASP D 511 37.23 18.82 -32.00
N ARG D 512 36.75 20.01 -32.33
CA ARG D 512 37.10 20.68 -33.57
C ARG D 512 36.68 19.91 -34.81
N THR D 513 35.58 19.15 -34.74
CA THR D 513 35.08 18.45 -35.91
C THR D 513 33.55 18.44 -35.90
N ARG D 514 32.96 18.53 -37.09
CA ARG D 514 31.53 18.35 -37.24
C ARG D 514 31.26 17.32 -38.33
N ILE D 515 30.14 16.62 -38.18
CA ILE D 515 29.65 15.72 -39.21
C ILE D 515 28.27 16.18 -39.64
N LEU D 516 28.07 16.24 -40.95
CA LEU D 516 26.82 16.72 -41.54
C LEU D 516 26.20 15.59 -42.36
N ILE D 517 24.92 15.34 -42.13
CA ILE D 517 24.17 14.36 -42.92
C ILE D 517 23.50 15.11 -44.06
N LEU D 518 23.94 14.84 -45.28
CA LEU D 518 23.45 15.54 -46.46
C LEU D 518 22.84 14.56 -47.44
N ASP D 519 22.00 15.09 -48.32
CA ASP D 519 21.42 14.32 -49.41
C ASP D 519 22.35 14.39 -50.63
N GLU D 520 21.91 13.83 -51.75
CA GLU D 520 22.73 13.87 -52.95
C GLU D 520 22.95 15.29 -53.46
N ALA D 521 22.01 16.19 -53.20
CA ALA D 521 22.15 17.58 -53.60
C ALA D 521 23.00 18.38 -52.60
N LEU D 522 23.55 17.72 -51.58
CA LEU D 522 24.40 18.35 -50.57
C LEU D 522 23.63 19.33 -49.70
N ALA D 523 22.34 19.05 -49.46
CA ALA D 523 21.51 19.85 -48.57
C ALA D 523 21.32 19.12 -47.25
N LEU D 524 21.13 19.89 -46.18
CA LEU D 524 21.00 19.31 -44.85
C LEU D 524 19.86 18.30 -44.80
N GLN D 525 20.04 17.28 -43.96
CA GLN D 525 19.01 16.28 -43.69
C GLN D 525 18.43 16.46 -42.29
N PRO D 526 17.11 16.32 -42.12
CA PRO D 526 16.53 16.39 -40.77
C PRO D 526 17.06 15.26 -39.88
N ILE D 527 16.91 15.46 -38.57
CA ILE D 527 17.31 14.45 -37.61
C ILE D 527 16.49 13.20 -37.82
N GLY D 528 17.16 12.05 -37.91
CA GLY D 528 16.51 10.77 -38.12
C GLY D 528 16.50 10.31 -39.56
N VAL D 529 16.89 11.17 -40.49
CA VAL D 529 16.87 10.86 -41.93
C VAL D 529 18.27 10.44 -42.35
N ALA D 530 18.35 9.37 -43.15
CA ALA D 530 19.63 8.88 -43.61
C ALA D 530 20.20 9.80 -44.68
N GLY D 531 21.52 9.74 -44.83
CA GLY D 531 22.20 10.53 -45.84
C GLY D 531 23.68 10.23 -45.81
N GLU D 532 24.39 10.81 -46.77
CA GLU D 532 25.82 10.61 -46.86
C GLU D 532 26.54 11.38 -45.75
N LEU D 533 27.53 10.73 -45.15
CA LEU D 533 28.27 11.29 -44.03
C LEU D 533 29.45 12.11 -44.54
N PHE D 534 29.44 13.40 -44.24
CA PHE D 534 30.53 14.30 -44.60
C PHE D 534 31.30 14.70 -43.34
N ILE D 535 32.62 14.81 -43.47
CA ILE D 535 33.47 15.21 -42.35
C ILE D 535 34.03 16.59 -42.62
N VAL D 536 34.01 17.45 -41.60
CA VAL D 536 34.53 18.81 -41.71
C VAL D 536 35.25 19.17 -40.41
N GLY D 537 36.32 19.95 -40.55
CA GLY D 537 36.98 20.54 -39.41
C GLY D 537 38.44 20.19 -39.30
N GLU D 538 38.98 20.26 -38.09
CA GLU D 538 40.41 20.06 -37.89
C GLU D 538 40.87 18.68 -38.29
N GLY D 539 39.95 17.71 -38.35
CA GLY D 539 40.34 16.35 -38.67
C GLY D 539 40.81 16.19 -40.11
N LEU D 540 40.32 17.03 -41.02
CA LEU D 540 40.63 16.86 -42.43
C LEU D 540 42.12 17.07 -42.70
N GLY D 541 42.74 16.09 -43.36
CA GLY D 541 44.13 16.19 -43.76
C GLY D 541 44.30 17.02 -45.02
N ARG D 542 45.51 16.95 -45.58
CA ARG D 542 45.83 17.76 -46.75
C ARG D 542 45.28 17.16 -48.03
N GLY D 543 45.17 15.83 -48.11
CA GLY D 543 44.63 15.17 -49.28
C GLY D 543 45.53 14.04 -49.76
N TYR D 544 45.26 13.59 -50.98
CA TYR D 544 45.98 12.48 -51.60
C TYR D 544 47.23 12.97 -52.31
N LEU D 545 48.34 12.27 -52.10
CA LEU D 545 49.62 12.69 -52.65
C LEU D 545 49.65 12.50 -54.17
N ASN D 546 49.85 13.61 -54.89
CA ASN D 546 50.04 13.64 -56.33
C ASN D 546 48.80 13.23 -57.13
N ARG D 547 47.61 13.27 -56.50
CA ARG D 547 46.35 12.99 -57.20
C ARG D 547 45.39 14.15 -56.95
N PRO D 548 45.67 15.33 -57.50
CA PRO D 548 44.81 16.50 -57.24
C PRO D 548 43.37 16.26 -57.68
N GLU D 549 43.15 15.60 -58.81
CA GLU D 549 41.78 15.33 -59.24
C GLU D 549 41.03 14.51 -58.20
N LEU D 550 41.68 13.48 -57.66
CA LEU D 550 41.07 12.70 -56.60
C LEU D 550 40.94 13.53 -55.33
N THR D 551 41.95 14.36 -55.03
CA THR D 551 41.86 15.26 -53.89
C THR D 551 40.67 16.21 -54.05
N ALA D 552 40.55 16.83 -55.22
CA ALA D 552 39.44 17.75 -55.46
C ALA D 552 38.10 17.02 -55.41
N GLU D 553 38.07 15.75 -55.84
CA GLU D 553 36.82 14.99 -55.84
C GLU D 553 36.38 14.66 -54.42
N LYS D 554 37.34 14.35 -53.54
CA LYS D 554 37.03 13.91 -52.19
C LYS D 554 37.05 15.05 -51.17
N PHE D 555 37.95 16.02 -51.34
CA PHE D 555 37.99 17.21 -50.50
C PHE D 555 37.34 18.35 -51.27
N ILE D 556 36.03 18.52 -51.05
CA ILE D 556 35.23 19.44 -51.83
C ILE D 556 35.00 20.71 -51.05
N VAL D 557 34.64 21.77 -51.77
CA VAL D 557 34.13 23.00 -51.19
C VAL D 557 32.62 23.00 -51.36
N HIS D 558 31.90 23.03 -50.24
CA HIS D 558 30.46 22.89 -50.30
C HIS D 558 29.87 24.03 -51.13
N PRO D 559 28.94 23.76 -52.04
CA PRO D 559 28.41 24.86 -52.87
C PRO D 559 27.75 25.97 -52.07
N GLN D 560 26.88 25.64 -51.12
CA GLN D 560 26.20 26.66 -50.33
C GLN D 560 27.09 27.22 -49.21
N THR D 561 27.57 26.36 -48.32
CA THR D 561 28.28 26.84 -47.14
C THR D 561 29.69 27.32 -47.47
N GLY D 562 30.39 26.61 -48.36
CA GLY D 562 31.75 26.95 -48.70
C GLY D 562 32.82 26.41 -47.77
N GLU D 563 32.46 25.54 -46.83
CA GLU D 563 33.45 24.92 -45.95
C GLU D 563 34.11 23.74 -46.63
N ARG D 564 35.36 23.48 -46.24
CA ARG D 564 36.10 22.35 -46.77
C ARG D 564 35.58 21.06 -46.14
N MET D 565 35.21 20.09 -46.97
CA MET D 565 34.55 18.88 -46.49
C MET D 565 35.11 17.67 -47.22
N TYR D 566 35.06 16.52 -46.54
CA TYR D 566 35.51 15.26 -47.10
C TYR D 566 34.31 14.37 -47.40
N ARG D 567 34.22 13.89 -48.64
CA ARG D 567 33.14 12.98 -49.05
C ARG D 567 33.53 11.57 -48.63
N THR D 568 32.94 11.09 -47.53
CA THR D 568 33.27 9.76 -47.03
C THR D 568 32.72 8.68 -47.94
N GLY D 569 31.53 8.87 -48.50
CA GLY D 569 30.86 7.81 -49.22
C GLY D 569 30.10 6.84 -48.34
N ASP D 570 29.89 7.17 -47.07
CA ASP D 570 29.22 6.33 -46.11
C ASP D 570 27.79 6.82 -45.87
N ARG D 571 26.94 5.89 -45.43
CA ARG D 571 25.53 6.15 -45.18
C ARG D 571 25.28 6.16 -43.68
N ALA D 572 24.58 7.18 -43.19
CA ALA D 572 24.39 7.33 -41.75
C ALA D 572 23.20 8.24 -41.47
N ARG D 573 22.87 8.37 -40.19
CA ARG D 573 21.79 9.23 -39.74
C ARG D 573 22.05 9.58 -38.28
N PHE D 574 21.54 10.75 -37.87
CA PHE D 574 21.61 11.15 -36.47
C PHE D 574 20.50 10.47 -35.66
N LEU D 575 20.88 9.98 -34.48
CA LEU D 575 19.92 9.39 -33.56
C LEU D 575 19.28 10.49 -32.73
N PRO D 576 18.18 10.19 -32.04
CA PRO D 576 17.57 11.24 -31.21
C PRO D 576 18.53 11.79 -30.18
N ASP D 577 19.53 11.03 -29.75
CA ASP D 577 20.43 11.44 -28.68
C ASP D 577 21.68 12.15 -29.21
N GLY D 578 21.68 12.54 -30.49
CA GLY D 578 22.84 13.18 -31.07
C GLY D 578 23.89 12.21 -31.56
N ASN D 579 23.75 10.93 -31.24
CA ASN D 579 24.70 9.91 -31.65
C ASN D 579 24.45 9.51 -33.10
N ILE D 580 25.53 9.30 -33.83
CA ILE D 580 25.42 8.93 -35.23
C ILE D 580 25.32 7.41 -35.32
N GLU D 581 24.60 6.95 -36.33
CA GLU D 581 24.36 5.52 -36.53
C GLU D 581 24.74 5.16 -37.96
N PHE D 582 25.62 4.17 -38.09
CA PHE D 582 26.16 3.77 -39.39
C PHE D 582 25.21 2.80 -40.09
N LEU D 583 24.98 3.04 -41.40
CA LEU D 583 24.04 2.24 -42.19
C LEU D 583 24.68 1.75 -43.48
N GLY D 584 25.97 1.48 -43.48
CA GLY D 584 26.63 0.90 -44.64
C GLY D 584 26.99 1.94 -45.69
N ARG D 585 27.66 1.44 -46.73
CA ARG D 585 28.09 2.27 -47.85
C ARG D 585 26.91 2.63 -48.75
N LEU D 586 27.17 3.58 -49.66
CA LEU D 586 26.13 4.01 -50.59
C LEU D 586 25.95 3.00 -51.72
N ASP D 587 27.05 2.39 -52.15
CA ASP D 587 27.02 1.41 -53.25
C ASP D 587 27.60 0.07 -52.78
C FMT E . 10.98 0.23 0.76
O1 FMT E . 9.93 0.62 1.32
O2 FMT E . 11.29 0.64 -0.38
H FMT E . 11.66 -0.48 1.25
HO2 FMT E . 10.64 1.13 -0.91
C FMT F . 13.61 6.83 -4.30
O1 FMT F . 13.84 6.22 -5.35
O2 FMT F . 12.45 7.19 -3.99
H FMT F . 14.42 7.07 -3.60
HO2 FMT F . 11.70 6.95 -4.58
C FMT G . 15.32 8.51 7.35
O1 FMT G . 15.06 8.95 8.50
O2 FMT G . 16.50 8.48 6.91
H FMT G . 14.53 8.14 6.70
HO2 FMT G . 17.24 8.80 7.47
C FMT H . -22.26 10.31 -32.52
O1 FMT H . -21.83 9.14 -32.47
O2 FMT H . -23.48 10.59 -32.41
H FMT H . -21.58 11.14 -32.68
HO2 FMT H . -24.13 9.87 -32.26
C FMT I . -11.02 15.20 3.26
O1 FMT I . -10.41 16.25 3.04
O2 FMT I . -12.26 15.21 3.50
H FMT I . -10.51 14.24 3.25
HO2 FMT I . -12.75 16.06 3.51
#